data_7BFI
#
_entry.id   7BFI
#
_cell.length_a   78.704
_cell.length_b   77.406
_cell.length_c   122.343
_cell.angle_alpha   90.000
_cell.angle_beta   96.602
_cell.angle_gamma   90.000
#
_symmetry.space_group_name_H-M   'P 1 21 1'
#
loop_
_entity.id
_entity.type
_entity.pdbx_description
1 polymer 'Collagen-binding protein'
2 polymer '15R8 collagen model peptide'
3 water water
#
loop_
_entity_poly.entity_id
_entity_poly.type
_entity_poly.pdbx_seq_one_letter_code
_entity_poly.pdbx_strand_id
1 'polypeptide(L)'
;MKLSPKAATLAERSAGLAFSLYQAMAKDQAVENILLSPVVVASSLGLVSLGGKATTASQAKAVLSAEQLRDEEVHAGLGE
LLRSLSNSTARNVTWKLGSRLYGPSSVSFAEDFVRSSKQHYNCEHSKINFRDKRSALQSINEWAAQTTDGKLPEVTKDVE
RTDGALLVNAMFFKPHWDEKFHHKMVDNRGFMVTRSYTVGVTMMHRTGLYNYYDDEKEKLQIVEMPLAHKLSSLIILMPN
NVEPLERLEKLLTKEQLKIWMGKMQKKAVAISLPKGVVEVTHDLQKHLAGLGLTEAIDKNKADLSRMSGKKDLYLASVFH
ATAFEWDTEGNPFDQDIYGREELRSPKLFYADHPFIFLVRDTQSGSLLFIGRLVRPKGDKMRDELLEHHHHHH
;
A,C,D,B
2 'polypeptide(L)' (ACE)PPGPPGPRGPPGPPG(NH2) F,H,I,J,E,G
#
loop_
_chem_comp.id
_chem_comp.type
_chem_comp.name
_chem_comp.formula
ACE non-polymer 'ACETYL GROUP' 'C2 H4 O'
NH2 non-polymer 'AMINO GROUP' 'H2 N'
#
# COMPACT_ATOMS: atom_id res chain seq x y z
N LYS A 2 30.78 -3.77 -45.10
CA LYS A 2 29.86 -2.96 -44.32
C LYS A 2 29.46 -1.70 -45.08
N LEU A 3 29.89 -0.55 -44.58
CA LEU A 3 29.59 0.74 -45.18
C LEU A 3 30.67 1.15 -46.17
N SER A 4 30.34 2.13 -47.02
CA SER A 4 31.26 2.59 -48.04
C SER A 4 32.40 3.40 -47.42
N PRO A 5 33.52 3.55 -48.16
CA PRO A 5 34.64 4.35 -47.66
C PRO A 5 34.25 5.74 -47.19
N LYS A 6 33.34 6.42 -47.88
CA LYS A 6 32.98 7.77 -47.46
C LYS A 6 32.14 7.77 -46.19
N ALA A 7 31.34 6.72 -45.99
CA ALA A 7 30.55 6.64 -44.77
C ALA A 7 31.40 6.24 -43.57
N ALA A 8 32.48 5.48 -43.79
CA ALA A 8 33.31 5.07 -42.67
C ALA A 8 34.15 6.23 -42.14
N THR A 9 34.70 7.05 -43.04
CA THR A 9 35.49 8.19 -42.57
C THR A 9 34.61 9.23 -41.89
N LEU A 10 33.37 9.41 -42.36
CA LEU A 10 32.46 10.31 -41.67
C LEU A 10 31.98 9.72 -40.35
N ALA A 11 31.99 8.38 -40.23
CA ALA A 11 31.64 7.77 -38.96
C ALA A 11 32.69 8.08 -37.90
N GLU A 12 33.96 8.04 -38.28
CA GLU A 12 35.03 8.34 -37.32
C GLU A 12 35.04 9.82 -36.96
N ARG A 13 34.61 10.69 -37.88
CA ARG A 13 34.61 12.11 -37.61
C ARG A 13 33.40 12.52 -36.78
N SER A 14 32.25 11.87 -37.00
CA SER A 14 31.09 12.11 -36.16
C SER A 14 31.33 11.64 -34.73
N ALA A 15 32.10 10.57 -34.55
CA ALA A 15 32.41 10.11 -33.20
C ALA A 15 33.32 11.10 -32.48
N GLY A 16 34.33 11.62 -33.18
CA GLY A 16 35.16 12.64 -32.57
C GLY A 16 34.39 13.92 -32.29
N LEU A 17 33.48 14.28 -33.20
CA LEU A 17 32.60 15.41 -32.96
C LEU A 17 31.66 15.15 -31.78
N ALA A 18 31.25 13.90 -31.58
CA ALA A 18 30.32 13.56 -30.49
C ALA A 18 30.97 13.70 -29.12
N PHE A 19 32.10 13.01 -28.92
CA PHE A 19 32.85 13.19 -27.67
C PHE A 19 33.09 14.65 -27.42
N SER A 20 33.46 15.35 -28.48
CA SER A 20 33.81 16.75 -28.43
C SER A 20 32.63 17.62 -28.04
N LEU A 21 31.44 17.31 -28.59
CA LEU A 21 30.24 18.06 -28.21
C LEU A 21 29.83 17.71 -26.80
N TYR A 22 30.00 16.44 -26.41
CA TYR A 22 29.69 16.03 -25.05
C TYR A 22 30.50 16.82 -24.04
N GLN A 23 31.81 16.97 -24.28
CA GLN A 23 32.65 17.65 -23.31
C GLN A 23 32.25 19.11 -23.17
N ALA A 24 31.89 19.75 -24.28
CA ALA A 24 31.46 21.15 -24.24
C ALA A 24 30.18 21.29 -23.42
N MET A 25 29.23 20.37 -23.61
CA MET A 25 28.01 20.42 -22.82
C MET A 25 28.26 20.04 -21.37
N ALA A 26 29.20 19.11 -21.11
CA ALA A 26 29.51 18.73 -19.74
C ALA A 26 30.16 19.89 -18.98
N LYS A 27 30.90 20.74 -19.67
CA LYS A 27 31.47 21.91 -19.04
C LYS A 27 30.43 23.00 -18.81
N ASP A 28 29.30 22.92 -19.50
CA ASP A 28 28.18 23.84 -19.27
C ASP A 28 27.55 23.49 -17.93
N GLN A 29 27.66 24.41 -16.97
CA GLN A 29 27.11 24.18 -15.64
C GLN A 29 25.58 24.10 -15.63
N ALA A 30 24.93 24.51 -16.71
CA ALA A 30 23.48 24.45 -16.81
C ALA A 30 22.97 23.11 -17.36
N VAL A 31 23.83 22.28 -17.94
CA VAL A 31 23.42 21.01 -18.52
C VAL A 31 23.52 19.92 -17.47
N GLU A 32 22.42 19.18 -17.29
CA GLU A 32 22.42 18.02 -16.41
C GLU A 32 22.56 16.74 -17.21
N ASN A 33 21.44 16.14 -17.60
CA ASN A 33 21.49 14.94 -18.42
C ASN A 33 21.98 15.28 -19.84
N ILE A 34 22.83 14.40 -20.39
CA ILE A 34 23.34 14.53 -21.74
C ILE A 34 22.96 13.28 -22.52
N LEU A 35 22.56 13.45 -23.77
CA LEU A 35 22.21 12.33 -24.64
C LEU A 35 22.35 12.78 -26.09
N LEU A 36 23.38 12.27 -26.78
CA LEU A 36 23.70 12.70 -28.13
C LEU A 36 23.86 11.50 -29.05
N SER A 37 23.28 11.61 -30.25
CA SER A 37 23.50 10.64 -31.31
C SER A 37 24.48 11.23 -32.31
N PRO A 38 25.69 10.66 -32.45
CA PRO A 38 26.70 11.30 -33.30
C PRO A 38 26.25 11.46 -34.75
N VAL A 39 25.52 10.50 -35.30
CA VAL A 39 25.12 10.60 -36.70
C VAL A 39 24.01 11.62 -36.88
N VAL A 40 23.12 11.76 -35.89
CA VAL A 40 22.07 12.77 -35.97
C VAL A 40 22.66 14.16 -35.86
N VAL A 41 23.65 14.34 -34.97
CA VAL A 41 24.32 15.63 -34.87
C VAL A 41 25.04 15.97 -36.16
N ALA A 42 25.74 15.00 -36.75
CA ALA A 42 26.42 15.24 -38.01
C ALA A 42 25.42 15.55 -39.13
N SER A 43 24.28 14.87 -39.13
CA SER A 43 23.26 15.15 -40.13
C SER A 43 22.71 16.56 -39.98
N SER A 44 22.57 17.03 -38.74
CA SER A 44 22.13 18.41 -38.52
C SER A 44 23.11 19.40 -39.15
N LEU A 45 24.40 19.17 -38.96
CA LEU A 45 25.40 20.01 -39.63
C LEU A 45 25.39 19.79 -41.13
N GLY A 46 25.15 18.55 -41.58
CA GLY A 46 25.08 18.30 -43.00
C GLY A 46 23.93 19.03 -43.66
N LEU A 47 22.79 19.13 -42.97
CA LEU A 47 21.66 19.87 -43.50
C LEU A 47 21.97 21.35 -43.65
N VAL A 48 22.73 21.91 -42.71
CA VAL A 48 23.11 23.31 -42.80
C VAL A 48 24.01 23.55 -43.99
N SER A 49 24.95 22.64 -44.24
CA SER A 49 25.80 22.75 -45.43
C SER A 49 24.99 22.57 -46.70
N LEU A 50 23.96 21.72 -46.67
CA LEU A 50 23.16 21.48 -47.85
C LEU A 50 22.29 22.69 -48.20
N GLY A 51 21.79 23.39 -47.18
CA GLY A 51 20.95 24.54 -47.40
C GLY A 51 21.63 25.88 -47.18
N GLY A 52 22.95 25.90 -46.94
CA GLY A 52 23.64 27.15 -46.72
C GLY A 52 24.63 27.52 -47.81
N LYS A 53 25.05 28.78 -47.82
CA LYS A 53 26.03 29.28 -48.78
C LYS A 53 27.14 29.99 -48.03
N ALA A 54 28.28 30.13 -48.71
CA ALA A 54 29.40 30.98 -48.25
C ALA A 54 29.86 30.47 -46.87
N THR A 55 30.03 31.35 -45.87
CA THR A 55 30.58 30.93 -44.59
C THR A 55 29.58 30.11 -43.79
N THR A 56 28.29 30.32 -44.02
CA THR A 56 27.28 29.53 -43.32
C THR A 56 27.44 28.04 -43.60
N ALA A 57 27.72 27.69 -44.86
CA ALA A 57 27.91 26.28 -45.22
C ALA A 57 29.30 25.78 -44.86
N SER A 58 30.33 26.62 -45.04
CA SER A 58 31.68 26.17 -44.75
C SER A 58 31.89 25.97 -43.25
N GLN A 59 31.23 26.78 -42.43
CA GLN A 59 31.27 26.55 -40.99
C GLN A 59 30.56 25.25 -40.61
N ALA A 60 29.53 24.86 -41.36
CA ALA A 60 28.87 23.58 -41.09
C ALA A 60 29.82 22.42 -41.39
N LYS A 61 30.51 22.48 -42.52
CA LYS A 61 31.54 21.50 -42.77
C LYS A 61 32.73 21.74 -41.87
N ALA A 62 32.79 22.90 -41.20
CA ALA A 62 33.89 23.18 -40.28
C ALA A 62 33.78 22.30 -39.04
N VAL A 63 32.60 22.29 -38.38
CA VAL A 63 32.42 21.49 -37.17
C VAL A 63 32.55 20.00 -37.49
N LEU A 64 32.18 19.60 -38.70
CA LEU A 64 32.29 18.22 -39.15
C LEU A 64 33.71 17.78 -39.48
N SER A 65 34.66 18.72 -39.54
CA SER A 65 36.04 18.43 -39.94
C SER A 65 36.08 17.79 -41.33
N ALA A 66 35.20 18.26 -42.21
CA ALA A 66 35.08 17.73 -43.56
C ALA A 66 35.14 18.84 -44.59
N GLU A 67 36.03 19.81 -44.45
CA GLU A 67 36.14 20.84 -45.49
C GLU A 67 36.77 20.28 -46.74
N GLN A 68 37.78 19.44 -46.57
CA GLN A 68 38.50 18.84 -47.68
C GLN A 68 37.64 17.88 -48.46
N LEU A 69 36.42 17.61 -48.02
CA LEU A 69 35.47 16.80 -48.77
C LEU A 69 34.51 17.67 -49.57
N ARG A 70 34.04 17.13 -50.68
CA ARG A 70 33.10 17.85 -51.52
C ARG A 70 31.71 17.78 -50.89
N ASP A 71 30.84 18.70 -51.32
CA ASP A 71 29.48 18.70 -50.79
C ASP A 71 28.74 17.41 -51.12
N GLU A 72 29.01 16.82 -52.28
CA GLU A 72 28.28 15.61 -52.68
C GLU A 72 28.71 14.40 -51.87
N GLU A 73 30.02 14.22 -51.68
CA GLU A 73 30.48 13.06 -50.91
C GLU A 73 30.23 13.23 -49.43
N VAL A 74 29.99 14.46 -48.95
CA VAL A 74 29.60 14.65 -47.56
C VAL A 74 28.15 14.23 -47.36
N HIS A 75 27.26 14.71 -48.23
CA HIS A 75 25.85 14.35 -48.13
C HIS A 75 25.65 12.86 -48.41
N ALA A 76 26.32 12.34 -49.44
CA ALA A 76 26.22 10.91 -49.73
C ALA A 76 26.82 10.08 -48.62
N GLY A 77 27.89 10.57 -47.99
CA GLY A 77 28.50 9.82 -46.90
C GLY A 77 27.66 9.85 -45.63
N LEU A 78 27.26 11.04 -45.20
CA LEU A 78 26.40 11.15 -44.04
C LEU A 78 25.05 10.48 -44.28
N GLY A 79 24.52 10.61 -45.50
CA GLY A 79 23.27 9.94 -45.82
C GLY A 79 23.34 8.44 -45.68
N GLU A 80 24.39 7.84 -46.24
CA GLU A 80 24.59 6.40 -46.07
C GLU A 80 24.82 6.05 -44.61
N LEU A 81 25.69 6.82 -43.94
CA LEU A 81 25.97 6.56 -42.53
C LEU A 81 24.71 6.69 -41.68
N LEU A 82 23.87 7.67 -41.99
CA LEU A 82 22.62 7.85 -41.26
C LEU A 82 21.68 6.67 -41.47
N ARG A 83 21.48 6.26 -42.73
CA ARG A 83 20.56 5.17 -43.01
C ARG A 83 21.13 3.82 -42.59
N SER A 84 22.46 3.65 -42.70
CA SER A 84 23.07 2.38 -42.29
C SER A 84 22.93 2.16 -40.79
N LEU A 85 23.43 3.10 -39.98
CA LEU A 85 23.38 2.92 -38.53
C LEU A 85 21.95 2.98 -37.99
N SER A 86 21.03 3.65 -38.70
CA SER A 86 19.65 3.71 -38.23
C SER A 86 18.97 2.36 -38.31
N ASN A 87 19.34 1.54 -39.29
CA ASN A 87 18.69 0.25 -39.47
C ASN A 87 19.58 -0.93 -39.11
N SER A 88 20.89 -0.75 -39.03
CA SER A 88 21.76 -1.74 -38.41
C SER A 88 21.52 -1.83 -36.91
N THR A 89 20.77 -0.87 -36.36
CA THR A 89 20.39 -0.87 -34.94
C THR A 89 18.87 -0.86 -34.78
N ALA A 90 18.15 -1.30 -35.81
CA ALA A 90 16.71 -1.52 -35.74
C ALA A 90 16.48 -2.98 -35.35
N ARG A 91 16.83 -3.88 -36.27
CA ARG A 91 16.79 -5.34 -36.08
C ARG A 91 17.06 -5.84 -34.66
N ASN A 92 17.91 -5.14 -33.91
CA ASN A 92 18.23 -5.54 -32.54
C ASN A 92 17.39 -4.80 -31.50
N VAL A 93 17.55 -3.49 -31.40
CA VAL A 93 16.93 -2.66 -30.39
C VAL A 93 15.86 -1.78 -31.01
N THR A 94 14.92 -1.32 -30.17
CA THR A 94 13.92 -0.38 -30.64
C THR A 94 14.57 0.98 -30.85
N TRP A 95 14.36 1.56 -32.03
CA TRP A 95 15.06 2.77 -32.44
C TRP A 95 14.19 3.53 -33.44
N LYS A 96 13.72 4.71 -33.04
CA LYS A 96 12.86 5.54 -33.88
C LYS A 96 13.45 6.93 -34.02
N LEU A 97 13.62 7.36 -35.26
CA LEU A 97 14.25 8.65 -35.55
C LEU A 97 13.37 9.42 -36.52
N GLY A 98 13.17 10.70 -36.22
CA GLY A 98 12.49 11.60 -37.13
C GLY A 98 13.20 12.93 -37.17
N SER A 99 13.32 13.52 -38.36
CA SER A 99 13.95 14.83 -38.53
C SER A 99 13.02 15.70 -39.34
N ARG A 100 12.61 16.81 -38.76
CA ARG A 100 11.68 17.73 -39.41
C ARG A 100 12.20 19.15 -39.28
N LEU A 101 12.17 19.89 -40.39
CA LEU A 101 12.61 21.27 -40.44
C LEU A 101 11.39 22.17 -40.50
N TYR A 102 11.23 23.01 -39.48
CA TYR A 102 10.10 23.91 -39.37
C TYR A 102 10.50 25.31 -39.82
N GLY A 103 9.82 25.84 -40.83
CA GLY A 103 10.06 27.18 -41.29
C GLY A 103 8.88 28.09 -41.01
N PRO A 104 9.14 29.39 -40.93
CA PRO A 104 8.04 30.36 -40.78
C PRO A 104 7.09 30.31 -41.96
N SER A 105 5.87 30.82 -41.73
CA SER A 105 4.84 30.76 -42.76
C SER A 105 5.18 31.58 -43.99
N SER A 106 5.93 32.67 -43.81
CA SER A 106 6.36 33.49 -44.94
C SER A 106 7.43 32.83 -45.78
N VAL A 107 8.02 31.73 -45.31
CA VAL A 107 9.12 31.06 -45.99
C VAL A 107 8.59 29.96 -46.91
N SER A 108 9.18 29.86 -48.09
CA SER A 108 8.88 28.80 -49.04
C SER A 108 10.16 28.01 -49.30
N PHE A 109 10.15 26.72 -48.93
CA PHE A 109 11.34 25.89 -49.09
C PHE A 109 11.65 25.65 -50.56
N ALA A 110 12.91 25.85 -50.94
CA ALA A 110 13.33 25.64 -52.32
C ALA A 110 13.19 24.17 -52.71
N GLU A 111 12.85 23.95 -53.98
CA GLU A 111 12.54 22.59 -54.43
C GLU A 111 13.76 21.69 -54.44
N ASP A 112 14.93 22.23 -54.81
CA ASP A 112 16.13 21.40 -54.87
C ASP A 112 16.57 20.99 -53.47
N PHE A 113 16.42 21.89 -52.48
CA PHE A 113 16.80 21.54 -51.12
C PHE A 113 15.88 20.49 -50.53
N VAL A 114 14.59 20.55 -50.85
CA VAL A 114 13.64 19.57 -50.32
C VAL A 114 13.98 18.18 -50.82
N ARG A 115 14.37 18.07 -52.10
CA ARG A 115 14.63 16.76 -52.67
C ARG A 115 15.92 16.15 -52.11
N SER A 116 17.00 16.94 -52.07
CA SER A 116 18.28 16.41 -51.62
C SER A 116 18.29 16.18 -50.11
N SER A 117 17.62 17.05 -49.33
CA SER A 117 17.60 16.85 -47.88
C SER A 117 16.72 15.68 -47.48
N LYS A 118 15.70 15.36 -48.29
CA LYS A 118 14.89 14.17 -48.02
C LYS A 118 15.59 12.90 -48.49
N GLN A 119 16.35 12.98 -49.59
CA GLN A 119 17.06 11.80 -50.08
C GLN A 119 18.26 11.46 -49.21
N HIS A 120 19.01 12.46 -48.77
CA HIS A 120 20.22 12.21 -48.01
C HIS A 120 19.96 12.03 -46.53
N TYR A 121 19.17 12.92 -45.93
CA TYR A 121 18.99 12.93 -44.49
C TYR A 121 17.58 12.56 -44.04
N ASN A 122 16.71 12.16 -44.97
CA ASN A 122 15.33 11.81 -44.66
C ASN A 122 14.62 12.96 -43.94
N CYS A 123 14.99 14.18 -44.30
CA CYS A 123 14.48 15.37 -43.63
C CYS A 123 13.06 15.67 -44.09
N GLU A 124 12.16 15.87 -43.14
CA GLU A 124 10.82 16.32 -43.43
C GLU A 124 10.79 17.85 -43.36
N HIS A 125 9.84 18.44 -44.08
CA HIS A 125 9.72 19.89 -44.13
C HIS A 125 8.28 20.27 -43.83
N SER A 126 8.11 21.19 -42.90
CA SER A 126 6.80 21.65 -42.49
C SER A 126 6.89 23.14 -42.21
N LYS A 127 5.74 23.81 -42.28
CA LYS A 127 5.66 25.22 -41.99
C LYS A 127 4.92 25.42 -40.69
N ILE A 128 5.35 26.42 -39.92
CA ILE A 128 4.80 26.65 -38.60
C ILE A 128 4.68 28.15 -38.40
N ASN A 129 3.74 28.53 -37.55
CA ASN A 129 3.54 29.92 -37.18
C ASN A 129 3.33 29.98 -35.68
N PHE A 130 4.12 30.83 -35.01
CA PHE A 130 3.99 30.99 -33.58
C PHE A 130 2.95 32.04 -33.22
N ARG A 131 2.03 32.32 -34.15
CA ARG A 131 0.87 33.16 -33.86
C ARG A 131 0.16 32.67 -32.61
N ASP A 132 -0.25 31.41 -32.62
CA ASP A 132 -0.73 30.72 -31.44
C ASP A 132 0.47 29.91 -30.96
N LYS A 133 1.21 30.47 -30.00
CA LYS A 133 2.45 29.82 -29.57
C LYS A 133 2.20 28.45 -28.97
N ARG A 134 1.06 28.26 -28.31
CA ARG A 134 0.76 26.94 -27.75
C ARG A 134 0.40 25.96 -28.85
N SER A 135 -0.35 26.42 -29.85
CA SER A 135 -0.71 25.56 -30.97
C SER A 135 0.51 25.18 -31.79
N ALA A 136 1.48 26.09 -31.90
CA ALA A 136 2.72 25.76 -32.60
C ALA A 136 3.52 24.72 -31.83
N LEU A 137 3.64 24.90 -30.52
CA LEU A 137 4.34 23.92 -29.69
C LEU A 137 3.65 22.57 -29.72
N GLN A 138 2.31 22.57 -29.77
CA GLN A 138 1.56 21.32 -29.80
C GLN A 138 1.82 20.57 -31.10
N SER A 139 1.96 21.29 -32.22
CA SER A 139 2.26 20.63 -33.49
C SER A 139 3.58 19.90 -33.44
N ILE A 140 4.59 20.50 -32.81
CA ILE A 140 5.89 19.85 -32.68
C ILE A 140 5.78 18.63 -31.75
N ASN A 141 5.07 18.79 -30.64
CA ASN A 141 4.98 17.70 -29.67
C ASN A 141 4.13 16.55 -30.21
N GLU A 142 3.11 16.87 -31.01
CA GLU A 142 2.32 15.81 -31.63
C GLU A 142 3.15 15.08 -32.68
N TRP A 143 3.99 15.80 -33.43
CA TRP A 143 4.86 15.14 -34.40
C TRP A 143 5.89 14.27 -33.72
N ALA A 144 6.46 14.75 -32.61
CA ALA A 144 7.45 13.95 -31.89
C ALA A 144 6.82 12.72 -31.26
N ALA A 145 5.61 12.87 -30.70
CA ALA A 145 4.92 11.72 -30.11
C ALA A 145 4.56 10.70 -31.18
N GLN A 146 4.14 11.16 -32.36
CA GLN A 146 3.83 10.22 -33.44
C GLN A 146 5.10 9.51 -33.92
N THR A 147 6.20 10.24 -34.01
CA THR A 147 7.45 9.63 -34.44
C THR A 147 7.95 8.59 -33.45
N THR A 148 7.71 8.80 -32.16
CA THR A 148 8.23 7.93 -31.11
C THR A 148 7.15 7.10 -30.41
N ASP A 149 5.93 7.11 -30.94
CA ASP A 149 4.81 6.35 -30.35
C ASP A 149 4.60 6.72 -28.88
N GLY A 150 4.56 8.01 -28.60
CA GLY A 150 4.29 8.50 -27.27
C GLY A 150 5.46 8.43 -26.30
N LYS A 151 6.54 7.74 -26.66
CA LYS A 151 7.67 7.63 -25.75
C LYS A 151 8.33 8.97 -25.52
N LEU A 152 8.22 9.89 -26.48
CA LEU A 152 8.72 11.25 -26.36
C LEU A 152 7.53 12.17 -26.66
N PRO A 153 6.65 12.39 -25.68
CA PRO A 153 5.42 13.14 -25.93
C PRO A 153 5.62 14.64 -26.01
N GLU A 154 6.85 15.13 -25.78
CA GLU A 154 7.10 16.56 -25.71
C GLU A 154 8.55 16.81 -26.07
N VAL A 155 8.78 17.79 -26.94
CA VAL A 155 10.14 18.20 -27.29
C VAL A 155 10.58 19.28 -26.31
N THR A 156 9.97 20.46 -26.42
CA THR A 156 10.32 21.59 -25.60
C THR A 156 9.06 22.22 -25.04
N LYS A 157 9.22 22.96 -23.95
CA LYS A 157 8.13 23.69 -23.34
C LYS A 157 8.02 25.13 -23.86
N ASP A 158 9.01 25.60 -24.59
CA ASP A 158 9.01 26.97 -25.09
C ASP A 158 10.03 27.10 -26.21
N VAL A 159 9.79 28.04 -27.11
CA VAL A 159 10.69 28.35 -28.21
C VAL A 159 11.02 29.82 -28.09
N GLU A 160 12.27 30.13 -27.71
CA GLU A 160 12.65 31.51 -27.45
C GLU A 160 12.82 32.31 -28.74
N ARG A 161 13.42 31.70 -29.76
CA ARG A 161 13.65 32.36 -31.03
C ARG A 161 12.60 31.89 -32.03
N THR A 162 11.76 32.81 -32.49
CA THR A 162 10.55 32.48 -33.23
C THR A 162 10.64 32.80 -34.71
N ASP A 163 11.44 33.79 -35.09
CA ASP A 163 11.50 34.29 -36.46
C ASP A 163 12.50 33.53 -37.33
N GLY A 164 12.88 32.32 -36.95
CA GLY A 164 13.85 31.56 -37.72
C GLY A 164 13.41 30.15 -38.05
N ALA A 165 14.36 29.31 -38.45
CA ALA A 165 14.09 27.91 -38.78
C ALA A 165 14.41 27.04 -37.57
N LEU A 166 13.58 26.02 -37.35
CA LEU A 166 13.75 25.07 -36.26
C LEU A 166 13.99 23.68 -36.83
N LEU A 167 15.13 23.10 -36.52
CA LEU A 167 15.43 21.70 -36.86
C LEU A 167 15.16 20.85 -35.64
N VAL A 168 14.22 19.90 -35.77
CA VAL A 168 13.80 19.06 -34.66
C VAL A 168 14.12 17.61 -35.00
N ASN A 169 14.92 16.97 -34.15
CA ASN A 169 15.19 15.55 -34.23
C ASN A 169 14.51 14.89 -33.03
N ALA A 170 13.62 13.94 -33.28
CA ALA A 170 12.93 13.21 -32.24
C ALA A 170 13.38 11.75 -32.27
N MET A 171 13.75 11.22 -31.12
CA MET A 171 14.35 9.90 -31.04
C MET A 171 13.76 9.12 -29.88
N PHE A 172 13.66 7.81 -30.07
CA PHE A 172 13.36 6.86 -29.00
C PHE A 172 14.31 5.69 -29.14
N PHE A 173 15.07 5.40 -28.09
CA PHE A 173 16.01 4.30 -28.09
C PHE A 173 15.78 3.44 -26.86
N LYS A 174 15.61 2.14 -27.07
CA LYS A 174 15.38 1.18 -25.99
C LYS A 174 16.32 0.00 -26.16
N PRO A 175 17.38 -0.09 -25.36
CA PRO A 175 18.32 -1.21 -25.51
C PRO A 175 17.64 -2.54 -25.19
N HIS A 176 17.85 -3.51 -26.06
CA HIS A 176 17.36 -4.88 -25.88
C HIS A 176 18.58 -5.73 -25.51
N TRP A 177 18.65 -6.13 -24.24
CA TRP A 177 19.84 -6.81 -23.74
C TRP A 177 19.99 -8.19 -24.37
N ASP A 178 21.24 -8.58 -24.62
CA ASP A 178 21.49 -9.94 -25.07
C ASP A 178 21.12 -10.96 -24.01
N GLU A 179 21.07 -10.55 -22.74
CA GLU A 179 20.59 -11.38 -21.64
C GLU A 179 19.66 -10.54 -20.78
N LYS A 180 18.36 -10.85 -20.81
CA LYS A 180 17.36 -10.01 -20.19
C LYS A 180 17.47 -10.02 -18.66
N PHE A 181 17.00 -8.95 -18.05
CA PHE A 181 16.73 -8.93 -16.62
C PHE A 181 15.40 -9.60 -16.36
N HIS A 182 15.28 -10.29 -15.21
CA HIS A 182 14.02 -10.87 -14.81
C HIS A 182 13.10 -9.77 -14.27
N HIS A 183 11.86 -9.73 -14.78
CA HIS A 183 10.94 -8.65 -14.44
C HIS A 183 10.56 -8.64 -12.97
N LYS A 184 10.83 -9.70 -12.22
CA LYS A 184 10.57 -9.69 -10.78
C LYS A 184 11.75 -9.18 -9.96
N MET A 185 12.93 -9.08 -10.56
CA MET A 185 14.10 -8.53 -9.88
C MET A 185 14.06 -6.99 -9.99
N VAL A 186 12.95 -6.43 -9.52
CA VAL A 186 12.64 -5.01 -9.66
C VAL A 186 12.07 -4.51 -8.34
N ASP A 187 12.63 -3.42 -7.82
CA ASP A 187 12.14 -2.84 -6.58
C ASP A 187 12.38 -1.33 -6.60
N ASN A 188 11.99 -0.66 -5.52
CA ASN A 188 12.09 0.79 -5.40
C ASN A 188 13.30 1.14 -4.54
N ARG A 189 14.19 1.97 -5.08
CA ARG A 189 15.39 2.38 -4.38
C ARG A 189 15.58 3.87 -4.57
N GLY A 190 16.69 4.39 -4.02
CA GLY A 190 17.01 5.80 -4.12
C GLY A 190 18.18 6.03 -5.08
N PHE A 191 18.01 7.00 -5.97
CA PHE A 191 19.08 7.47 -6.85
C PHE A 191 19.66 8.75 -6.27
N MET A 192 20.94 8.73 -5.93
CA MET A 192 21.60 9.90 -5.37
C MET A 192 22.12 10.75 -6.51
N VAL A 193 21.36 11.80 -6.86
CA VAL A 193 21.82 12.77 -7.84
C VAL A 193 23.10 13.45 -7.34
N THR A 194 23.10 13.87 -6.07
CA THR A 194 24.29 14.30 -5.34
C THR A 194 24.33 13.60 -4.00
N ARG A 195 25.32 13.96 -3.19
CA ARG A 195 25.40 13.45 -1.82
C ARG A 195 24.30 13.97 -0.92
N SER A 196 23.64 15.07 -1.32
CA SER A 196 22.63 15.70 -0.49
C SER A 196 21.23 15.66 -1.11
N TYR A 197 21.06 14.99 -2.24
CA TYR A 197 19.82 15.04 -2.99
C TYR A 197 19.57 13.66 -3.58
N THR A 198 18.50 13.01 -3.13
CA THR A 198 18.17 11.65 -3.55
C THR A 198 16.78 11.63 -4.16
N VAL A 199 16.66 10.99 -5.32
CA VAL A 199 15.40 10.88 -6.04
C VAL A 199 14.94 9.43 -5.98
N GLY A 200 13.66 9.23 -5.69
CA GLY A 200 13.12 7.89 -5.67
C GLY A 200 12.92 7.35 -7.07
N VAL A 201 13.52 6.18 -7.36
CA VAL A 201 13.44 5.57 -8.68
C VAL A 201 13.16 4.09 -8.53
N THR A 202 12.87 3.46 -9.65
CA THR A 202 12.73 2.01 -9.75
C THR A 202 14.03 1.46 -10.33
N MET A 203 14.49 0.35 -9.76
CA MET A 203 15.74 -0.24 -10.22
C MET A 203 15.53 -1.69 -10.60
N MET A 204 16.30 -2.13 -11.59
CA MET A 204 16.32 -3.51 -12.04
C MET A 204 17.69 -4.11 -11.75
N HIS A 205 17.70 -5.40 -11.43
CA HIS A 205 18.89 -6.06 -10.93
C HIS A 205 19.12 -7.36 -11.67
N ARG A 206 20.37 -7.61 -12.05
CA ARG A 206 20.76 -8.85 -12.68
C ARG A 206 22.23 -9.10 -12.38
N THR A 207 22.59 -10.37 -12.21
CA THR A 207 23.96 -10.76 -12.01
C THR A 207 24.35 -11.74 -13.12
N GLY A 208 25.49 -11.49 -13.76
CA GLY A 208 25.91 -12.33 -14.86
C GLY A 208 27.35 -12.07 -15.23
N LEU A 209 27.78 -12.68 -16.33
CA LEU A 209 29.13 -12.52 -16.84
C LEU A 209 29.16 -11.34 -17.81
N TYR A 210 29.95 -10.33 -17.49
CA TYR A 210 30.10 -9.13 -18.30
C TYR A 210 31.57 -8.76 -18.40
N ASN A 211 31.94 -8.15 -19.53
CA ASN A 211 33.26 -7.55 -19.64
C ASN A 211 33.35 -6.39 -18.65
N TYR A 212 34.37 -6.44 -17.80
CA TYR A 212 34.45 -5.56 -16.65
C TYR A 212 35.89 -5.15 -16.40
N TYR A 213 36.08 -3.91 -15.96
CA TYR A 213 37.39 -3.45 -15.52
C TYR A 213 37.23 -2.56 -14.30
N ASP A 214 38.05 -2.81 -13.30
CA ASP A 214 38.04 -2.08 -12.04
C ASP A 214 39.36 -1.32 -11.93
N ASP A 215 39.29 0.01 -12.04
CA ASP A 215 40.47 0.86 -12.01
C ASP A 215 40.68 1.34 -10.58
N GLU A 216 41.52 0.61 -9.83
CA GLU A 216 41.80 1.00 -8.46
C GLU A 216 42.54 2.32 -8.40
N LYS A 217 43.32 2.65 -9.43
CA LYS A 217 44.06 3.91 -9.45
C LYS A 217 43.12 5.09 -9.59
N GLU A 218 42.20 5.02 -10.56
CA GLU A 218 41.27 6.10 -10.83
C GLU A 218 39.96 5.96 -10.08
N LYS A 219 39.77 4.87 -9.32
CA LYS A 219 38.60 4.67 -8.48
C LYS A 219 37.31 4.79 -9.29
N LEU A 220 37.23 3.98 -10.34
CA LEU A 220 36.07 3.96 -11.23
C LEU A 220 35.80 2.53 -11.68
N GLN A 221 34.55 2.29 -12.06
CA GLN A 221 34.12 1.02 -12.62
C GLN A 221 33.66 1.24 -14.05
N ILE A 222 33.93 0.28 -14.92
CA ILE A 222 33.45 0.33 -16.30
C ILE A 222 33.02 -1.07 -16.70
N VAL A 223 31.83 -1.17 -17.30
CA VAL A 223 31.23 -2.45 -17.65
C VAL A 223 30.63 -2.34 -19.04
N GLU A 224 30.67 -3.45 -19.78
CA GLU A 224 30.11 -3.53 -21.11
C GLU A 224 28.92 -4.47 -21.10
N MET A 225 27.74 -3.94 -21.40
CA MET A 225 26.54 -4.74 -21.47
C MET A 225 26.19 -5.01 -22.92
N PRO A 226 26.39 -6.22 -23.44
CA PRO A 226 26.06 -6.49 -24.84
C PRO A 226 24.57 -6.36 -25.10
N LEU A 227 24.23 -5.77 -26.24
CA LEU A 227 22.85 -5.69 -26.67
C LEU A 227 22.49 -6.94 -27.48
N ALA A 228 21.23 -7.02 -27.89
CA ALA A 228 20.70 -8.25 -28.48
C ALA A 228 21.56 -8.77 -29.63
N HIS A 229 21.95 -10.04 -29.54
CA HIS A 229 22.70 -10.75 -30.56
C HIS A 229 24.08 -10.15 -30.79
N LYS A 230 24.56 -9.36 -29.84
CA LYS A 230 25.91 -8.81 -29.85
C LYS A 230 26.19 -7.95 -31.07
N LEU A 231 25.14 -7.38 -31.67
CA LEU A 231 25.32 -6.44 -32.77
C LEU A 231 25.74 -5.06 -32.28
N SER A 232 25.49 -4.77 -31.02
CA SER A 232 25.93 -3.54 -30.39
C SER A 232 26.10 -3.81 -28.91
N SER A 233 26.78 -2.89 -28.21
CA SER A 233 26.97 -3.03 -26.78
C SER A 233 26.80 -1.66 -26.13
N LEU A 234 26.35 -1.69 -24.88
CA LEU A 234 26.22 -0.49 -24.06
C LEU A 234 27.28 -0.52 -22.97
N ILE A 235 28.13 0.51 -22.95
CA ILE A 235 29.25 0.59 -22.03
C ILE A 235 28.95 1.68 -21.01
N ILE A 236 29.18 1.38 -19.73
CA ILE A 236 28.88 2.30 -18.64
C ILE A 236 30.15 2.59 -17.85
N LEU A 237 30.44 3.87 -17.66
CA LEU A 237 31.56 4.33 -16.85
C LEU A 237 31.00 5.03 -15.63
N MET A 238 31.48 4.64 -14.45
CA MET A 238 30.91 5.15 -13.21
C MET A 238 31.96 5.23 -12.12
N PRO A 239 32.00 6.32 -11.35
CA PRO A 239 32.89 6.37 -10.19
C PRO A 239 32.47 5.35 -9.14
N ASN A 240 33.43 4.95 -8.31
CA ASN A 240 33.14 3.95 -7.28
C ASN A 240 32.09 4.45 -6.30
N ASN A 241 32.25 5.68 -5.82
CA ASN A 241 31.33 6.28 -4.86
C ASN A 241 30.66 7.51 -5.46
N VAL A 242 29.70 8.05 -4.71
CA VAL A 242 28.91 9.19 -5.16
C VAL A 242 29.83 10.40 -5.30
N GLU A 243 29.91 10.95 -6.52
CA GLU A 243 30.72 12.14 -6.79
C GLU A 243 30.29 12.71 -8.12
N PRO A 244 30.55 14.00 -8.37
CA PRO A 244 30.27 14.57 -9.69
C PRO A 244 31.10 13.90 -10.77
N LEU A 245 30.52 13.81 -11.97
CA LEU A 245 31.17 13.12 -13.08
C LEU A 245 32.29 13.92 -13.71
N GLU A 246 32.59 15.13 -13.22
CA GLU A 246 33.60 15.98 -13.86
C GLU A 246 34.96 15.30 -13.88
N ARG A 247 35.35 14.69 -12.76
CA ARG A 247 36.66 14.04 -12.69
C ARG A 247 36.75 12.90 -13.70
N LEU A 248 35.71 12.08 -13.80
CA LEU A 248 35.70 10.98 -14.77
C LEU A 248 35.71 11.50 -16.20
N GLU A 249 35.02 12.62 -16.46
CA GLU A 249 35.02 13.17 -17.81
C GLU A 249 36.40 13.65 -18.23
N LYS A 250 37.22 14.10 -17.28
CA LYS A 250 38.58 14.51 -17.60
C LYS A 250 39.40 13.33 -18.10
N LEU A 251 39.08 12.12 -17.65
CA LEU A 251 39.71 10.93 -18.18
C LEU A 251 39.05 10.46 -19.47
N LEU A 252 37.86 10.99 -19.79
CA LEU A 252 37.06 10.51 -20.91
C LEU A 252 37.64 11.06 -22.21
N THR A 253 38.55 10.30 -22.80
CA THR A 253 39.07 10.60 -24.12
C THR A 253 38.91 9.36 -24.99
N LYS A 254 39.12 9.53 -26.29
CA LYS A 254 39.07 8.39 -27.20
C LYS A 254 40.23 7.43 -26.97
N GLU A 255 41.39 7.95 -26.57
CA GLU A 255 42.56 7.10 -26.35
C GLU A 255 42.49 6.38 -25.00
N GLN A 256 42.00 7.05 -23.97
CA GLN A 256 41.85 6.41 -22.66
C GLN A 256 40.82 5.29 -22.72
N LEU A 257 39.74 5.49 -23.50
CA LEU A 257 38.74 4.45 -23.65
C LEU A 257 39.32 3.19 -24.28
N LYS A 258 40.27 3.36 -25.21
CA LYS A 258 40.92 2.19 -25.81
C LYS A 258 41.69 1.39 -24.77
N ILE A 259 42.29 2.08 -23.80
CA ILE A 259 43.01 1.39 -22.73
C ILE A 259 42.03 0.62 -21.84
N TRP A 260 40.90 1.24 -21.50
CA TRP A 260 39.91 0.56 -20.66
C TRP A 260 39.29 -0.62 -21.38
N MET A 261 38.97 -0.47 -22.67
CA MET A 261 38.40 -1.57 -23.42
C MET A 261 39.37 -2.73 -23.53
N GLY A 262 40.68 -2.44 -23.60
CA GLY A 262 41.68 -3.49 -23.66
C GLY A 262 41.95 -4.19 -22.35
N LYS A 263 41.57 -3.58 -21.23
CA LYS A 263 41.80 -4.15 -19.91
C LYS A 263 40.59 -4.91 -19.38
N MET A 264 39.47 -4.95 -20.11
CA MET A 264 38.28 -5.62 -19.60
C MET A 264 38.41 -7.12 -19.71
N GLN A 265 37.87 -7.82 -18.72
CA GLN A 265 37.82 -9.27 -18.67
C GLN A 265 36.42 -9.68 -18.24
N LYS A 266 35.94 -10.80 -18.78
CA LYS A 266 34.62 -11.30 -18.42
C LYS A 266 34.63 -11.74 -16.96
N LYS A 267 33.91 -11.00 -16.13
CA LYS A 267 33.81 -11.27 -14.71
C LYS A 267 32.35 -11.38 -14.30
N ALA A 268 32.12 -11.99 -13.14
CA ALA A 268 30.80 -11.99 -12.55
C ALA A 268 30.50 -10.59 -12.04
N VAL A 269 29.42 -9.99 -12.54
CA VAL A 269 29.06 -8.63 -12.19
C VAL A 269 27.59 -8.59 -11.81
N ALA A 270 27.29 -7.96 -10.68
CA ALA A 270 25.91 -7.72 -10.26
C ALA A 270 25.57 -6.30 -10.68
N ILE A 271 24.82 -6.17 -11.77
CA ILE A 271 24.49 -4.87 -12.33
C ILE A 271 23.12 -4.45 -11.83
N SER A 272 23.05 -3.27 -11.25
CA SER A 272 21.80 -2.65 -10.82
C SER A 272 21.67 -1.31 -11.52
N LEU A 273 20.64 -1.16 -12.33
CA LEU A 273 20.41 0.02 -13.14
C LEU A 273 19.06 0.65 -12.82
N PRO A 274 18.95 1.97 -12.94
CA PRO A 274 17.63 2.59 -12.88
C PRO A 274 16.75 2.08 -14.01
N LYS A 275 15.47 1.93 -13.73
CA LYS A 275 14.50 1.45 -14.71
C LYS A 275 13.51 2.58 -15.01
N GLY A 276 13.30 2.85 -16.28
CA GLY A 276 12.38 3.88 -16.68
C GLY A 276 12.87 4.58 -17.93
N VAL A 277 12.08 5.56 -18.35
CA VAL A 277 12.36 6.33 -19.57
C VAL A 277 13.02 7.64 -19.15
N VAL A 278 14.20 7.91 -19.68
CA VAL A 278 14.87 9.20 -19.49
C VAL A 278 14.61 10.03 -20.73
N GLU A 279 14.03 11.22 -20.54
CA GLU A 279 13.68 12.11 -21.64
C GLU A 279 14.64 13.28 -21.60
N VAL A 280 15.42 13.44 -22.67
CA VAL A 280 16.41 14.50 -22.76
C VAL A 280 16.18 15.26 -24.05
N THR A 281 16.06 16.58 -23.94
CA THR A 281 15.92 17.46 -25.09
C THR A 281 17.01 18.51 -25.01
N HIS A 282 17.90 18.51 -26.00
CA HIS A 282 18.95 19.50 -26.09
C HIS A 282 18.63 20.46 -27.24
N ASP A 283 18.90 21.73 -27.02
CA ASP A 283 18.96 22.70 -28.10
C ASP A 283 20.45 22.89 -28.35
N LEU A 284 20.97 22.19 -29.35
CA LEU A 284 22.40 22.21 -29.64
C LEU A 284 22.87 23.53 -30.24
N GLN A 285 21.96 24.51 -30.37
CA GLN A 285 22.30 25.76 -31.04
C GLN A 285 23.48 26.46 -30.38
N LYS A 286 23.39 26.70 -29.06
CA LYS A 286 24.47 27.39 -28.38
C LYS A 286 25.76 26.57 -28.41
N HIS A 287 25.65 25.26 -28.26
CA HIS A 287 26.83 24.42 -28.18
C HIS A 287 27.47 24.18 -29.55
N LEU A 288 26.64 24.07 -30.60
CA LEU A 288 27.20 23.99 -31.95
C LEU A 288 27.84 25.31 -32.36
N ALA A 289 27.30 26.43 -31.87
CA ALA A 289 27.92 27.72 -32.14
C ALA A 289 29.30 27.81 -31.51
N GLY A 290 29.44 27.29 -30.29
CA GLY A 290 30.74 27.25 -29.64
C GLY A 290 31.76 26.41 -30.37
N LEU A 291 31.30 25.48 -31.21
CA LEU A 291 32.22 24.64 -31.98
C LEU A 291 32.57 25.22 -33.34
N GLY A 292 31.89 26.27 -33.77
CA GLY A 292 32.24 26.91 -35.03
C GLY A 292 31.07 27.30 -35.92
N LEU A 293 29.87 26.85 -35.57
CA LEU A 293 28.68 27.17 -36.37
C LEU A 293 28.09 28.49 -35.90
N THR A 294 28.81 29.56 -36.22
CA THR A 294 28.48 30.88 -35.69
C THR A 294 27.48 31.63 -36.58
N GLU A 295 27.69 31.63 -37.90
CA GLU A 295 26.87 32.46 -38.77
C GLU A 295 25.49 31.88 -39.04
N ALA A 296 25.37 30.54 -39.04
CA ALA A 296 24.08 29.94 -39.38
C ALA A 296 23.00 30.31 -38.38
N ILE A 297 23.38 30.56 -37.13
CA ILE A 297 22.42 30.88 -36.07
C ILE A 297 22.27 32.38 -35.87
N ASP A 298 22.90 33.19 -36.71
CA ASP A 298 22.88 34.64 -36.56
C ASP A 298 21.80 35.21 -37.47
N LYS A 299 20.87 35.97 -36.87
CA LYS A 299 19.81 36.60 -37.66
C LYS A 299 20.39 37.57 -38.68
N ASN A 300 21.52 38.19 -38.37
CA ASN A 300 22.08 39.23 -39.22
C ASN A 300 23.12 38.72 -40.21
N LYS A 301 23.57 37.47 -40.08
CA LYS A 301 24.63 37.00 -40.96
C LYS A 301 24.44 35.57 -41.46
N ALA A 302 23.26 34.99 -41.34
CA ALA A 302 23.02 33.65 -41.84
C ALA A 302 22.71 33.67 -43.33
N ASP A 303 23.34 32.76 -44.07
CA ASP A 303 23.08 32.57 -45.49
C ASP A 303 22.54 31.16 -45.67
N LEU A 304 21.25 31.01 -45.45
CA LEU A 304 20.53 29.75 -45.71
C LEU A 304 19.64 29.87 -46.94
N SER A 305 20.12 30.58 -47.97
CA SER A 305 19.29 30.84 -49.15
C SER A 305 19.03 29.58 -49.97
N ARG A 306 19.89 28.57 -49.87
CA ARG A 306 19.62 27.33 -50.59
C ARG A 306 18.46 26.54 -50.01
N MET A 307 17.99 26.87 -48.80
CA MET A 307 16.82 26.19 -48.26
C MET A 307 15.53 26.81 -48.78
N SER A 308 15.51 28.12 -48.98
CA SER A 308 14.28 28.85 -49.26
C SER A 308 14.35 29.81 -50.43
N GLY A 309 15.53 30.02 -51.03
CA GLY A 309 15.67 30.94 -52.14
C GLY A 309 15.98 32.37 -51.73
N LYS A 310 15.71 32.73 -50.49
CA LYS A 310 15.96 34.06 -49.97
C LYS A 310 16.78 33.96 -48.70
N LYS A 311 17.43 35.06 -48.33
CA LYS A 311 18.14 35.14 -47.06
C LYS A 311 17.18 35.55 -45.94
N ASP A 312 16.04 34.88 -45.88
CA ASP A 312 15.01 35.12 -44.88
C ASP A 312 15.04 34.13 -43.73
N LEU A 313 16.02 33.22 -43.70
CA LEU A 313 16.08 32.16 -42.70
C LEU A 313 17.40 32.18 -41.96
N TYR A 314 17.33 31.88 -40.67
CA TYR A 314 18.51 31.61 -39.86
C TYR A 314 18.18 30.43 -38.96
N LEU A 315 19.22 29.72 -38.54
CA LEU A 315 19.06 28.54 -37.70
C LEU A 315 18.75 28.98 -36.27
N ALA A 316 17.46 28.91 -35.90
CA ALA A 316 17.05 29.37 -34.58
C ALA A 316 17.35 28.34 -33.50
N SER A 317 16.99 27.08 -33.74
CA SER A 317 17.24 26.01 -32.77
C SER A 317 17.52 24.71 -33.49
N VAL A 318 18.34 23.88 -32.85
CA VAL A 318 18.60 22.52 -33.31
C VAL A 318 18.23 21.62 -32.14
N PHE A 319 16.98 21.17 -32.11
CA PHE A 319 16.50 20.31 -31.03
C PHE A 319 16.97 18.89 -31.25
N HIS A 320 17.66 18.34 -30.25
CA HIS A 320 18.10 16.95 -30.23
C HIS A 320 17.37 16.34 -29.04
N ALA A 321 16.22 15.73 -29.31
CA ALA A 321 15.33 15.22 -28.28
C ALA A 321 15.31 13.70 -28.34
N THR A 322 15.57 13.06 -27.21
CA THR A 322 15.70 11.61 -27.15
C THR A 322 14.98 11.09 -25.91
N ALA A 323 14.19 10.04 -26.10
CA ALA A 323 13.64 9.24 -25.01
C ALA A 323 14.41 7.93 -24.96
N PHE A 324 15.13 7.72 -23.86
CA PHE A 324 16.00 6.56 -23.67
C PHE A 324 15.41 5.73 -22.55
N GLU A 325 14.90 4.55 -22.88
CA GLU A 325 14.20 3.70 -21.92
C GLU A 325 15.14 2.61 -21.41
N TRP A 326 15.34 2.57 -20.10
CA TRP A 326 16.04 1.46 -19.45
C TRP A 326 14.99 0.46 -18.99
N ASP A 327 15.04 -0.75 -19.54
CA ASP A 327 14.04 -1.76 -19.27
C ASP A 327 14.72 -3.10 -19.08
N THR A 328 13.95 -4.07 -18.58
CA THR A 328 14.45 -5.41 -18.30
C THR A 328 14.42 -6.33 -19.52
N GLU A 329 13.71 -5.95 -20.58
CA GLU A 329 13.46 -6.88 -21.68
C GLU A 329 14.73 -7.15 -22.47
N GLY A 330 14.83 -8.38 -22.97
CA GLY A 330 16.00 -8.80 -23.72
C GLY A 330 15.86 -10.24 -24.15
N ASN A 331 16.94 -10.77 -24.70
CA ASN A 331 16.93 -12.17 -25.12
C ASN A 331 16.96 -13.09 -23.90
N PRO A 332 16.31 -14.25 -23.99
CA PRO A 332 16.43 -15.23 -22.91
C PRO A 332 17.81 -15.87 -22.92
N PHE A 333 18.30 -16.21 -21.73
CA PHE A 333 19.63 -16.78 -21.57
C PHE A 333 19.53 -18.11 -20.82
N ASP A 334 20.68 -18.61 -20.37
CA ASP A 334 20.73 -19.83 -19.59
C ASP A 334 20.09 -19.60 -18.22
N GLU A 342 28.68 -21.72 -11.29
CA GLU A 342 27.64 -20.85 -10.76
C GLU A 342 27.91 -20.50 -9.30
N LEU A 343 29.18 -20.28 -8.97
CA LEU A 343 29.57 -19.97 -7.60
C LEU A 343 30.45 -18.73 -7.49
N ARG A 344 30.52 -17.91 -8.54
CA ARG A 344 31.42 -16.78 -8.47
C ARG A 344 30.87 -15.69 -7.55
N SER A 345 31.76 -14.80 -7.13
CA SER A 345 31.47 -13.74 -6.16
C SER A 345 31.30 -12.44 -6.92
N PRO A 346 30.08 -11.98 -7.17
CA PRO A 346 29.87 -10.94 -8.18
C PRO A 346 30.46 -9.60 -7.79
N LYS A 347 31.08 -8.94 -8.76
CA LYS A 347 31.41 -7.53 -8.62
C LYS A 347 30.12 -6.73 -8.55
N LEU A 348 30.11 -5.68 -7.75
CA LEU A 348 28.94 -4.84 -7.59
C LEU A 348 29.06 -3.62 -8.50
N PHE A 349 28.15 -3.52 -9.48
CA PHE A 349 28.01 -2.33 -10.33
C PHE A 349 26.66 -1.70 -10.01
N TYR A 350 26.64 -0.88 -8.96
CA TYR A 350 25.40 -0.35 -8.39
C TYR A 350 25.22 1.07 -8.90
N ALA A 351 24.41 1.23 -9.95
CA ALA A 351 24.29 2.52 -10.64
C ALA A 351 23.12 3.32 -10.05
N ASP A 352 23.35 3.78 -8.81
CA ASP A 352 22.40 4.65 -8.12
C ASP A 352 22.92 6.08 -8.01
N HIS A 353 23.89 6.44 -8.83
CA HIS A 353 24.47 7.78 -8.85
C HIS A 353 24.93 8.08 -10.28
N PRO A 354 25.15 9.34 -10.61
CA PRO A 354 25.40 9.72 -12.01
C PRO A 354 26.50 8.89 -12.67
N PHE A 355 26.30 8.57 -13.94
CA PHE A 355 27.25 7.77 -14.70
C PHE A 355 27.24 8.20 -16.17
N ILE A 356 28.23 7.70 -16.90
CA ILE A 356 28.42 7.96 -18.32
C ILE A 356 28.14 6.66 -19.07
N PHE A 357 27.47 6.76 -20.21
CA PHE A 357 27.17 5.56 -20.99
C PHE A 357 27.43 5.82 -22.48
N LEU A 358 27.81 4.76 -23.17
CA LEU A 358 28.09 4.78 -24.59
C LEU A 358 27.38 3.58 -25.22
N VAL A 359 26.78 3.81 -26.39
CA VAL A 359 26.23 2.73 -27.20
C VAL A 359 27.12 2.59 -28.42
N ARG A 360 27.63 1.39 -28.64
CA ARG A 360 28.65 1.15 -29.65
C ARG A 360 28.19 0.06 -30.60
N ASP A 361 28.21 0.37 -31.90
CA ASP A 361 27.93 -0.63 -32.92
C ASP A 361 29.15 -1.55 -33.02
N THR A 362 29.01 -2.79 -32.57
CA THR A 362 30.16 -3.69 -32.50
C THR A 362 30.74 -4.00 -33.87
N GLN A 363 29.97 -3.83 -34.94
CA GLN A 363 30.48 -4.13 -36.28
C GLN A 363 31.42 -3.04 -36.78
N SER A 364 30.88 -1.85 -37.06
CA SER A 364 31.66 -0.75 -37.60
C SER A 364 32.45 0.01 -36.55
N GLY A 365 32.25 -0.27 -35.27
CA GLY A 365 32.87 0.51 -34.22
C GLY A 365 32.30 1.90 -34.07
N SER A 366 31.25 2.24 -34.83
CA SER A 366 30.66 3.56 -34.80
C SER A 366 29.99 3.83 -33.45
N LEU A 367 30.06 5.08 -33.03
CA LEU A 367 29.41 5.51 -31.80
C LEU A 367 27.95 5.81 -32.12
N LEU A 368 27.05 5.01 -31.55
CA LEU A 368 25.61 5.22 -31.76
C LEU A 368 25.07 6.27 -30.81
N PHE A 369 25.58 6.31 -29.58
CA PHE A 369 25.11 7.24 -28.57
C PHE A 369 26.23 7.55 -27.60
N ILE A 370 26.19 8.75 -27.03
CA ILE A 370 27.03 9.14 -25.90
C ILE A 370 26.20 10.03 -25.00
N GLY A 371 26.32 9.82 -23.69
CA GLY A 371 25.52 10.61 -22.77
C GLY A 371 25.88 10.33 -21.33
N ARG A 372 25.09 10.92 -20.44
CA ARG A 372 25.26 10.75 -19.00
C ARG A 372 23.90 10.90 -18.34
N LEU A 373 23.67 10.12 -17.29
CA LEU A 373 22.44 10.19 -16.51
C LEU A 373 22.75 10.83 -15.16
N VAL A 374 22.24 12.04 -14.94
CA VAL A 374 22.44 12.76 -13.69
C VAL A 374 21.16 12.79 -12.85
N ARG A 375 20.00 12.94 -13.50
CA ARG A 375 18.70 13.05 -12.85
C ARG A 375 17.66 12.20 -13.56
N PRO A 376 17.26 11.08 -12.97
CA PRO A 376 16.14 10.30 -13.51
C PRO A 376 14.82 10.96 -13.13
N LYS A 377 13.73 10.40 -13.64
CA LYS A 377 12.40 10.86 -13.27
C LYS A 377 12.02 10.29 -11.91
N GLY A 378 11.42 11.13 -11.07
CA GLY A 378 11.02 10.73 -9.74
C GLY A 378 10.84 11.90 -8.81
N ASP A 379 9.94 11.76 -7.84
CA ASP A 379 9.47 12.90 -7.04
C ASP A 379 10.36 13.21 -5.84
N LYS A 380 11.36 12.38 -5.55
CA LYS A 380 12.22 12.59 -4.39
C LYS A 380 11.46 12.63 -3.07
C ACE B 1 17.73 -17.97 -2.07
O ACE B 1 17.00 -17.36 -1.28
CH3 ACE B 1 17.19 -18.77 -3.21
N PRO B 2 19.05 -17.97 -1.94
CA PRO B 2 19.76 -17.23 -0.89
C PRO B 2 19.67 -15.71 -1.04
N PRO B 3 19.85 -14.96 0.05
CA PRO B 3 19.85 -13.50 -0.04
C PRO B 3 21.00 -12.98 -0.89
N GLY B 4 20.78 -11.81 -1.50
CA GLY B 4 21.75 -11.21 -2.35
C GLY B 4 22.93 -10.64 -1.59
N PRO B 5 23.85 -10.01 -2.32
CA PRO B 5 25.05 -9.42 -1.71
C PRO B 5 24.70 -8.17 -0.92
N PRO B 6 25.59 -7.71 -0.04
CA PRO B 6 25.37 -6.41 0.59
C PRO B 6 25.48 -5.28 -0.42
N GLY B 7 24.81 -4.18 -0.11
CA GLY B 7 24.87 -2.99 -0.93
C GLY B 7 26.22 -2.32 -0.84
N PRO B 8 26.44 -1.30 -1.67
CA PRO B 8 27.69 -0.55 -1.61
C PRO B 8 27.76 0.30 -0.35
N ARG B 9 28.98 0.76 -0.05
CA ARG B 9 29.17 1.64 1.09
C ARG B 9 28.37 2.92 0.90
N GLY B 10 27.90 3.48 2.01
CA GLY B 10 27.12 4.69 1.97
C GLY B 10 27.95 5.87 1.49
N PRO B 11 27.28 6.99 1.22
CA PRO B 11 27.98 8.19 0.78
C PRO B 11 28.68 8.84 1.95
N PRO B 12 29.61 9.76 1.70
CA PRO B 12 30.25 10.47 2.81
C PRO B 12 29.24 11.38 3.51
N GLY B 13 29.57 11.73 4.75
CA GLY B 13 28.75 12.60 5.55
C GLY B 13 28.81 14.04 5.08
N PRO B 14 27.98 14.90 5.66
CA PRO B 14 28.02 16.33 5.32
C PRO B 14 29.26 16.99 5.90
N PRO B 15 29.70 18.13 5.32
CA PRO B 15 30.90 18.83 5.79
C PRO B 15 30.74 19.37 7.22
N LEU C 3 -11.07 -9.62 -48.56
CA LEU C 3 -11.14 -8.29 -49.16
C LEU C 3 -10.09 -8.10 -50.24
N SER C 4 -10.29 -7.09 -51.08
CA SER C 4 -9.37 -6.82 -52.18
C SER C 4 -8.07 -6.20 -51.67
N PRO C 5 -7.00 -6.28 -52.46
CA PRO C 5 -5.74 -5.64 -52.05
C PRO C 5 -5.88 -4.18 -51.69
N LYS C 6 -6.70 -3.42 -52.42
CA LYS C 6 -6.85 -2.00 -52.12
C LYS C 6 -7.66 -1.78 -50.84
N ALA C 7 -8.60 -2.68 -50.53
CA ALA C 7 -9.35 -2.57 -49.30
C ALA C 7 -8.52 -3.00 -48.09
N ALA C 8 -7.57 -3.92 -48.30
CA ALA C 8 -6.76 -4.39 -47.18
C ALA C 8 -5.75 -3.34 -46.74
N THR C 9 -5.12 -2.64 -47.71
CA THR C 9 -4.17 -1.60 -47.34
C THR C 9 -4.86 -0.41 -46.71
N LEU C 10 -6.09 -0.10 -47.15
CA LEU C 10 -6.84 0.97 -46.49
C LEU C 10 -7.33 0.54 -45.11
N ALA C 11 -7.49 -0.77 -44.90
CA ALA C 11 -7.86 -1.25 -43.57
C ALA C 11 -6.75 -1.01 -42.56
N GLU C 12 -5.50 -1.20 -42.98
CA GLU C 12 -4.38 -0.98 -42.07
C GLU C 12 -4.19 0.50 -41.78
N ARG C 13 -4.49 1.38 -42.75
CA ARG C 13 -4.31 2.80 -42.53
C ARG C 13 -5.48 3.42 -41.77
N SER C 14 -6.70 2.91 -41.99
CA SER C 14 -7.81 3.36 -41.15
C SER C 14 -7.61 2.91 -39.71
N ALA C 15 -6.99 1.73 -39.51
CA ALA C 15 -6.67 1.28 -38.15
C ALA C 15 -5.55 2.10 -37.54
N GLY C 16 -4.51 2.42 -38.32
CA GLY C 16 -3.45 3.28 -37.81
C GLY C 16 -3.94 4.67 -37.50
N LEU C 17 -4.86 5.19 -38.32
CA LEU C 17 -5.47 6.48 -38.04
C LEU C 17 -6.29 6.43 -36.74
N ALA C 18 -6.88 5.28 -36.44
CA ALA C 18 -7.66 5.13 -35.22
C ALA C 18 -6.78 5.26 -33.99
N PHE C 19 -5.66 4.54 -33.95
CA PHE C 19 -4.73 4.66 -32.83
C PHE C 19 -4.24 6.10 -32.67
N SER C 20 -3.89 6.76 -33.78
CA SER C 20 -3.43 8.14 -33.68
C SER C 20 -4.53 9.05 -33.16
N LEU C 21 -5.76 8.83 -33.63
CA LEU C 21 -6.88 9.63 -33.16
C LEU C 21 -7.22 9.30 -31.70
N TYR C 22 -7.15 8.02 -31.34
CA TYR C 22 -7.40 7.64 -29.95
C TYR C 22 -6.40 8.29 -29.01
N GLN C 23 -5.10 8.24 -29.35
CA GLN C 23 -4.09 8.81 -28.48
C GLN C 23 -4.26 10.31 -28.34
N ALA C 24 -4.63 10.98 -29.44
CA ALA C 24 -4.86 12.43 -29.37
C ALA C 24 -6.04 12.76 -28.48
N MET C 25 -7.13 12.00 -28.59
CA MET C 25 -8.30 12.25 -27.75
C MET C 25 -8.04 11.87 -26.30
N ALA C 26 -7.25 10.82 -26.07
CA ALA C 26 -6.98 10.38 -24.70
C ALA C 26 -6.18 11.42 -23.92
N LYS C 27 -5.30 12.17 -24.58
CA LYS C 27 -4.59 13.24 -23.92
C LYS C 27 -5.45 14.49 -23.70
N ASP C 28 -6.56 14.61 -24.43
CA ASP C 28 -7.49 15.69 -24.20
C ASP C 28 -8.21 15.43 -22.88
N GLN C 29 -7.96 16.26 -21.88
CA GLN C 29 -8.56 16.06 -20.56
C GLN C 29 -10.07 16.25 -20.56
N ALA C 30 -10.64 16.81 -21.63
CA ALA C 30 -12.08 16.99 -21.72
C ALA C 30 -12.80 15.75 -22.23
N VAL C 31 -12.07 14.81 -22.83
CA VAL C 31 -12.67 13.59 -23.36
C VAL C 31 -12.65 12.53 -22.28
N GLU C 32 -13.82 11.95 -22.00
CA GLU C 32 -13.89 10.84 -21.04
C GLU C 32 -13.98 9.52 -21.79
N ASN C 33 -15.19 9.06 -22.08
CA ASN C 33 -15.36 7.84 -22.86
C ASN C 33 -14.93 8.08 -24.31
N ILE C 34 -14.26 7.10 -24.89
CA ILE C 34 -13.84 7.13 -26.30
C ILE C 34 -14.45 5.93 -27.01
N LEU C 35 -14.89 6.15 -28.26
CA LEU C 35 -15.47 5.09 -29.06
C LEU C 35 -15.34 5.46 -30.53
N LEU C 36 -14.45 4.76 -31.25
CA LEU C 36 -14.13 5.08 -32.63
C LEU C 36 -14.23 3.82 -33.50
N SER C 37 -14.85 3.97 -34.67
CA SER C 37 -14.84 2.95 -35.70
C SER C 37 -13.83 3.35 -36.77
N PRO C 38 -12.74 2.62 -36.95
CA PRO C 38 -11.70 3.07 -37.90
C PRO C 38 -12.20 3.23 -39.33
N VAL C 39 -13.09 2.36 -39.80
CA VAL C 39 -13.54 2.48 -41.19
C VAL C 39 -14.47 3.67 -41.35
N VAL C 40 -15.27 3.98 -40.32
CA VAL C 40 -16.15 5.14 -40.40
C VAL C 40 -15.34 6.42 -40.37
N VAL C 41 -14.28 6.47 -39.56
CA VAL C 41 -13.40 7.64 -39.55
C VAL C 41 -12.74 7.80 -40.91
N ALA C 42 -12.26 6.70 -41.49
CA ALA C 42 -11.64 6.77 -42.82
C ALA C 42 -12.65 7.20 -43.87
N SER C 43 -13.90 6.73 -43.76
CA SER C 43 -14.93 7.12 -44.72
C SER C 43 -15.23 8.60 -44.64
N SER C 44 -15.20 9.18 -43.43
CA SER C 44 -15.42 10.61 -43.30
C SER C 44 -14.39 11.40 -44.09
N LEU C 45 -13.12 11.01 -43.98
CA LEU C 45 -12.08 11.65 -44.78
C LEU C 45 -12.27 11.39 -46.27
N GLY C 46 -12.76 10.19 -46.63
CA GLY C 46 -13.02 9.91 -48.02
C GLY C 46 -14.10 10.81 -48.60
N LEU C 47 -15.10 11.15 -47.79
CA LEU C 47 -16.14 12.06 -48.25
C LEU C 47 -15.57 13.45 -48.51
N VAL C 48 -14.64 13.90 -47.66
CA VAL C 48 -14.02 15.20 -47.86
C VAL C 48 -13.21 15.21 -49.16
N SER C 49 -12.49 14.13 -49.43
CA SER C 49 -11.76 14.02 -50.69
C SER C 49 -12.71 13.91 -51.88
N LEU C 50 -13.87 13.25 -51.70
CA LEU C 50 -14.79 13.07 -52.81
C LEU C 50 -15.48 14.37 -53.18
N GLY C 51 -15.79 15.21 -52.21
CA GLY C 51 -16.46 16.47 -52.44
C GLY C 51 -15.58 17.70 -52.36
N GLY C 52 -14.27 17.54 -52.22
CA GLY C 52 -13.40 18.69 -52.10
C GLY C 52 -12.49 18.92 -53.28
N LYS C 53 -11.90 20.11 -53.35
CA LYS C 53 -10.97 20.46 -54.42
C LYS C 53 -9.69 21.00 -53.80
N ALA C 54 -8.62 20.96 -54.61
CA ALA C 54 -7.34 21.61 -54.30
C ALA C 54 -6.81 21.03 -52.98
N THR C 55 -6.39 21.87 -52.03
CA THR C 55 -5.76 21.39 -50.82
C THR C 55 -6.75 20.74 -49.86
N THR C 56 -8.02 21.13 -49.92
CA THR C 56 -9.03 20.54 -49.05
C THR C 56 -9.13 19.03 -49.25
N ALA C 57 -9.10 18.58 -50.51
CA ALA C 57 -9.19 17.15 -50.79
C ALA C 57 -7.85 16.44 -50.56
N SER C 58 -6.75 17.10 -50.90
CA SER C 58 -5.44 16.47 -50.72
C SER C 58 -5.10 16.32 -49.25
N GLN C 59 -5.55 17.24 -48.40
CA GLN C 59 -5.36 17.07 -46.96
C GLN C 59 -6.12 15.87 -46.42
N ALA C 60 -7.26 15.55 -47.02
CA ALA C 60 -8.00 14.37 -46.59
C ALA C 60 -7.21 13.10 -46.85
N LYS C 61 -6.59 12.98 -48.02
CA LYS C 61 -5.72 11.84 -48.27
C LYS C 61 -4.41 11.93 -47.48
N ALA C 62 -4.07 13.11 -46.97
CA ALA C 62 -2.89 13.23 -46.13
C ALA C 62 -3.11 12.57 -44.77
N VAL C 63 -4.22 12.90 -44.10
CA VAL C 63 -4.54 12.26 -42.82
C VAL C 63 -4.79 10.77 -43.01
N LEU C 64 -5.35 10.39 -44.16
CA LEU C 64 -5.56 8.98 -44.49
C LEU C 64 -4.27 8.28 -44.91
N SER C 65 -3.20 9.04 -45.14
CA SER C 65 -1.92 8.49 -45.60
C SER C 65 -2.09 7.70 -46.89
N ALA C 66 -2.98 8.16 -47.76
CA ALA C 66 -3.26 7.47 -49.02
C ALA C 66 -3.11 8.42 -50.21
N GLU C 67 -2.08 9.27 -50.18
CA GLU C 67 -1.81 10.11 -51.35
C GLU C 67 -1.23 9.27 -52.47
N GLN C 68 -0.39 8.28 -52.14
CA GLN C 68 0.18 7.39 -53.13
C GLN C 68 -0.87 6.48 -53.77
N LEU C 69 -2.10 6.49 -53.24
CA LEU C 69 -3.25 5.87 -53.86
C LEU C 69 -4.07 6.94 -54.57
N ARG C 70 -4.74 6.54 -55.64
CA ARG C 70 -5.55 7.50 -56.39
C ARG C 70 -6.90 7.71 -55.70
N ASP C 71 -7.57 8.79 -56.10
CA ASP C 71 -8.88 9.09 -55.52
C ASP C 71 -9.89 7.98 -55.80
N GLU C 72 -9.80 7.35 -56.97
CA GLU C 72 -10.78 6.33 -57.34
C GLU C 72 -10.59 5.06 -56.53
N GLU C 73 -9.34 4.61 -56.37
CA GLU C 73 -9.09 3.38 -55.61
C GLU C 73 -9.23 3.60 -54.12
N VAL C 74 -9.21 4.86 -53.66
CA VAL C 74 -9.50 5.15 -52.26
C VAL C 74 -11.00 5.03 -52.00
N HIS C 75 -11.81 5.64 -52.86
CA HIS C 75 -13.27 5.57 -52.70
C HIS C 75 -13.76 4.14 -52.88
N ALA C 76 -13.28 3.44 -53.91
CA ALA C 76 -13.69 2.06 -54.14
C ALA C 76 -13.21 1.14 -53.02
N GLY C 77 -12.04 1.41 -52.47
CA GLY C 77 -11.52 0.58 -51.39
C GLY C 77 -12.28 0.79 -50.09
N LEU C 78 -12.43 2.05 -49.68
CA LEU C 78 -13.15 2.35 -48.45
C LEU C 78 -14.61 1.91 -48.54
N GLY C 79 -15.23 2.09 -49.71
CA GLY C 79 -16.61 1.63 -49.87
C GLY C 79 -16.75 0.14 -49.69
N GLU C 80 -15.86 -0.63 -50.33
CA GLU C 80 -15.85 -2.08 -50.14
C GLU C 80 -15.54 -2.42 -48.70
N LEU C 81 -14.51 -1.76 -48.13
CA LEU C 81 -14.15 -2.01 -46.75
C LEU C 81 -15.29 -1.67 -45.79
N LEU C 82 -16.03 -0.60 -46.08
CA LEU C 82 -17.16 -0.24 -45.24
C LEU C 82 -18.26 -1.30 -45.29
N ARG C 83 -18.64 -1.73 -46.50
CA ARG C 83 -19.71 -2.72 -46.62
C ARG C 83 -19.26 -4.10 -46.19
N SER C 84 -17.98 -4.43 -46.39
CA SER C 84 -17.47 -5.74 -45.95
C SER C 84 -17.51 -5.86 -44.43
N LEU C 85 -16.88 -4.91 -43.74
CA LEU C 85 -16.83 -4.98 -42.28
C LEU C 85 -18.20 -4.79 -41.64
N SER C 86 -19.11 -4.07 -42.32
CA SER C 86 -20.44 -3.86 -41.76
C SER C 86 -21.26 -5.14 -41.75
N ASN C 87 -21.06 -6.02 -42.72
CA ASN C 87 -21.84 -7.24 -42.87
C ASN C 87 -21.08 -8.51 -42.53
N SER C 88 -19.75 -8.47 -42.43
CA SER C 88 -19.03 -9.62 -41.91
C SER C 88 -19.37 -9.89 -40.44
N THR C 89 -20.01 -8.95 -39.75
CA THR C 89 -20.48 -9.13 -38.39
C THR C 89 -21.97 -8.85 -38.25
N ALA C 90 -22.73 -8.91 -39.35
CA ALA C 90 -24.18 -8.76 -39.31
C ALA C 90 -24.87 -10.12 -39.19
N ARG C 91 -26.12 -10.06 -38.70
CA ARG C 91 -27.05 -11.19 -38.56
C ARG C 91 -26.75 -11.91 -37.25
N ASN C 92 -25.48 -11.93 -36.88
CA ASN C 92 -25.00 -12.49 -35.63
C ASN C 92 -24.90 -11.39 -34.58
N VAL C 93 -24.10 -10.37 -34.89
CA VAL C 93 -23.89 -9.25 -33.98
C VAL C 93 -24.74 -8.10 -34.50
N THR C 94 -25.30 -7.31 -33.59
CA THR C 94 -26.11 -6.17 -34.00
C THR C 94 -25.21 -5.00 -34.38
N TRP C 95 -25.44 -4.45 -35.58
CA TRP C 95 -24.59 -3.38 -36.10
C TRP C 95 -25.40 -2.55 -37.08
N LYS C 96 -25.71 -1.31 -36.71
CA LYS C 96 -26.48 -0.41 -37.54
C LYS C 96 -25.73 0.90 -37.70
N LEU C 97 -25.50 1.30 -38.95
CA LEU C 97 -24.69 2.46 -39.30
C LEU C 97 -25.45 3.35 -40.26
N GLY C 98 -25.41 4.65 -40.01
CA GLY C 98 -25.98 5.64 -40.90
C GLY C 98 -25.09 6.85 -41.05
N SER C 99 -25.00 7.38 -42.27
CA SER C 99 -24.21 8.57 -42.56
C SER C 99 -25.08 9.56 -43.33
N ARG C 100 -25.27 10.74 -42.76
CA ARG C 100 -26.09 11.77 -43.37
C ARG C 100 -25.33 13.09 -43.32
N LEU C 101 -25.32 13.80 -44.44
CA LEU C 101 -24.63 15.08 -44.57
C LEU C 101 -25.68 16.18 -44.54
N TYR C 102 -25.60 17.06 -43.54
CA TYR C 102 -26.56 18.14 -43.36
C TYR C 102 -25.97 19.44 -43.87
N GLY C 103 -26.64 20.05 -44.85
CA GLY C 103 -26.24 21.32 -45.37
C GLY C 103 -27.25 22.41 -45.08
N PRO C 104 -26.81 23.67 -45.09
CA PRO C 104 -27.74 24.79 -44.92
C PRO C 104 -28.78 24.81 -46.03
N SER C 105 -29.88 25.52 -45.76
CA SER C 105 -30.98 25.55 -46.71
C SER C 105 -30.59 26.26 -48.01
N SER C 106 -29.68 27.22 -47.94
CA SER C 106 -29.20 27.91 -49.13
C SER C 106 -28.31 27.04 -50.01
N VAL C 107 -27.89 25.88 -49.52
CA VAL C 107 -26.96 25.01 -50.23
C VAL C 107 -27.73 23.99 -51.07
N SER C 108 -27.23 23.75 -52.29
CA SER C 108 -27.77 22.74 -53.20
C SER C 108 -26.69 21.72 -53.48
N PHE C 109 -26.94 20.47 -53.09
CA PHE C 109 -25.94 19.40 -53.25
C PHE C 109 -25.72 19.09 -54.73
N ALA C 110 -24.46 19.01 -55.14
CA ALA C 110 -24.12 18.70 -56.52
C ALA C 110 -24.58 17.29 -56.89
N GLU C 111 -24.96 17.13 -58.16
CA GLU C 111 -25.59 15.88 -58.60
C GLU C 111 -24.60 14.72 -58.60
N ASP C 112 -23.36 14.95 -59.02
CA ASP C 112 -22.38 13.88 -59.06
C ASP C 112 -21.95 13.46 -57.66
N PHE C 113 -21.84 14.41 -56.73
CA PHE C 113 -21.43 14.06 -55.38
C PHE C 113 -22.48 13.22 -54.66
N VAL C 114 -23.76 13.51 -54.91
CA VAL C 114 -24.81 12.72 -54.28
C VAL C 114 -24.73 11.28 -54.74
N ARG C 115 -24.41 11.06 -56.02
CA ARG C 115 -24.33 9.71 -56.55
C ARG C 115 -23.10 8.97 -56.03
N SER C 116 -21.94 9.62 -56.08
CA SER C 116 -20.71 8.93 -55.72
C SER C 116 -20.63 8.69 -54.22
N SER C 117 -21.13 9.63 -53.41
CA SER C 117 -21.10 9.44 -51.96
C SER C 117 -22.11 8.39 -51.52
N LYS C 118 -23.21 8.23 -52.25
CA LYS C 118 -24.16 7.17 -51.93
C LYS C 118 -23.71 5.81 -52.43
N GLN C 119 -23.05 5.76 -53.58
CA GLN C 119 -22.58 4.47 -54.10
C GLN C 119 -21.39 3.96 -53.29
N HIS C 120 -20.46 4.85 -52.94
CA HIS C 120 -19.26 4.43 -52.23
C HIS C 120 -19.48 4.36 -50.73
N TYR C 121 -20.06 5.40 -50.13
CA TYR C 121 -20.17 5.50 -48.69
C TYR C 121 -21.60 5.40 -48.18
N ASN C 122 -22.57 5.17 -49.05
CA ASN C 122 -23.98 5.09 -48.67
C ASN C 122 -24.41 6.36 -47.93
N CYS C 123 -23.84 7.49 -48.36
CA CYS C 123 -24.04 8.76 -47.67
C CYS C 123 -25.41 9.34 -48.02
N GLU C 124 -26.15 9.75 -46.99
CA GLU C 124 -27.38 10.48 -47.16
C GLU C 124 -27.09 11.97 -47.13
N HIS C 125 -27.96 12.75 -47.78
CA HIS C 125 -27.79 14.18 -47.88
C HIS C 125 -29.12 14.84 -47.52
N SER C 126 -29.07 15.82 -46.63
CA SER C 126 -30.27 16.51 -46.20
C SER C 126 -29.94 17.98 -45.99
N LYS C 127 -30.99 18.80 -46.00
CA LYS C 127 -30.86 20.22 -45.78
C LYS C 127 -31.49 20.58 -44.44
N ILE C 128 -30.86 21.52 -43.74
CA ILE C 128 -31.25 21.89 -42.40
C ILE C 128 -31.07 23.39 -42.25
N ASN C 129 -31.80 23.98 -41.30
CA ASN C 129 -31.67 25.40 -40.98
C ASN C 129 -31.56 25.55 -39.46
N PHE C 130 -30.46 26.18 -39.02
CA PHE C 130 -30.21 26.41 -37.61
C PHE C 130 -30.72 27.75 -37.12
N ARG C 131 -31.63 28.38 -37.87
CA ARG C 131 -32.30 29.58 -37.37
C ARG C 131 -32.93 29.29 -36.02
N ASP C 132 -33.76 28.25 -35.94
CA ASP C 132 -34.24 27.74 -34.67
C ASP C 132 -33.32 26.59 -34.26
N LYS C 133 -32.39 26.89 -33.34
CA LYS C 133 -31.35 25.93 -32.99
C LYS C 133 -31.90 24.66 -32.34
N ARG C 134 -32.99 24.76 -31.57
CA ARG C 134 -33.54 23.56 -30.95
C ARG C 134 -34.21 22.64 -31.95
N SER C 135 -34.94 23.19 -32.92
CA SER C 135 -35.58 22.33 -33.92
C SER C 135 -34.56 21.66 -34.82
N ALA C 136 -33.47 22.36 -35.14
CA ALA C 136 -32.42 21.75 -35.97
C ALA C 136 -31.72 20.61 -35.23
N LEU C 137 -31.38 20.83 -33.96
CA LEU C 137 -30.77 19.77 -33.16
C LEU C 137 -31.70 18.58 -33.04
N GLN C 138 -33.01 18.82 -32.95
CA GLN C 138 -33.95 17.73 -32.86
C GLN C 138 -34.01 16.94 -34.16
N SER C 139 -33.92 17.63 -35.30
CA SER C 139 -33.98 16.93 -36.59
C SER C 139 -32.82 15.94 -36.74
N ILE C 140 -31.64 16.32 -36.28
CA ILE C 140 -30.50 15.41 -36.33
C ILE C 140 -30.71 14.24 -35.38
N ASN C 141 -31.23 14.52 -34.17
CA ASN C 141 -31.39 13.48 -33.17
C ASN C 141 -32.50 12.51 -33.57
N GLU C 142 -33.52 13.00 -34.26
CA GLU C 142 -34.59 12.12 -34.72
C GLU C 142 -34.09 11.17 -35.81
N TRP C 143 -33.23 11.66 -36.70
CA TRP C 143 -32.66 10.79 -37.73
C TRP C 143 -31.72 9.75 -37.11
N ALA C 144 -30.89 10.16 -36.16
CA ALA C 144 -29.96 9.21 -35.54
C ALA C 144 -30.71 8.16 -34.73
N ALA C 145 -31.76 8.57 -34.01
CA ALA C 145 -32.54 7.62 -33.24
C ALA C 145 -33.25 6.63 -34.17
N GLN C 146 -33.76 7.12 -35.30
CA GLN C 146 -34.39 6.23 -36.27
C GLN C 146 -33.37 5.29 -36.90
N THR C 147 -32.17 5.80 -37.17
CA THR C 147 -31.11 4.97 -37.75
C THR C 147 -30.67 3.87 -36.80
N THR C 148 -30.69 4.14 -35.50
CA THR C 148 -30.20 3.22 -34.48
C THR C 148 -31.32 2.58 -33.68
N ASP C 149 -32.57 2.72 -34.12
CA ASP C 149 -33.74 2.14 -33.46
C ASP C 149 -33.85 2.58 -32.00
N GLY C 150 -33.68 3.89 -31.78
CA GLY C 150 -33.81 4.46 -30.46
C GLY C 150 -32.66 4.22 -29.53
N LYS C 151 -31.73 3.33 -29.89
CA LYS C 151 -30.59 3.04 -29.02
C LYS C 151 -29.68 4.25 -28.85
N LEU C 152 -29.67 5.14 -29.83
CA LEU C 152 -28.91 6.39 -29.77
C LEU C 152 -29.91 7.52 -30.04
N PRO C 153 -30.66 7.94 -29.01
CA PRO C 153 -31.73 8.91 -29.22
C PRO C 153 -31.25 10.34 -29.41
N GLU C 154 -29.94 10.59 -29.29
CA GLU C 154 -29.43 11.95 -29.33
C GLU C 154 -27.97 11.92 -29.77
N VAL C 155 -27.60 12.83 -30.67
CA VAL C 155 -26.22 12.97 -31.08
C VAL C 155 -25.54 13.97 -30.16
N THR C 156 -25.92 15.24 -30.25
CA THR C 156 -25.28 16.30 -29.50
C THR C 156 -26.32 17.17 -28.82
N LYS C 157 -25.89 17.89 -27.79
CA LYS C 157 -26.75 18.84 -27.09
C LYS C 157 -26.68 20.25 -27.68
N ASP C 158 -25.72 20.52 -28.55
CA ASP C 158 -25.58 21.83 -29.17
C ASP C 158 -24.65 21.72 -30.36
N VAL C 159 -24.84 22.60 -31.33
CA VAL C 159 -23.98 22.71 -32.50
C VAL C 159 -23.48 24.14 -32.54
N GLU C 160 -22.19 24.34 -32.27
CA GLU C 160 -21.67 25.69 -32.17
C GLU C 160 -21.51 26.33 -33.54
N ARG C 161 -21.09 25.56 -34.53
CA ARG C 161 -20.85 26.06 -35.88
C ARG C 161 -22.06 25.71 -36.74
N THR C 162 -22.77 26.74 -37.20
CA THR C 162 -24.07 26.57 -37.84
C THR C 162 -24.08 26.86 -39.33
N ASP C 163 -23.17 27.71 -39.81
CA ASP C 163 -23.17 28.15 -41.20
C ASP C 163 -22.39 27.23 -42.13
N GLY C 164 -22.16 25.98 -41.71
CA GLY C 164 -21.39 25.05 -42.51
C GLY C 164 -22.07 23.71 -42.73
N ALA C 165 -21.30 22.71 -43.15
CA ALA C 165 -21.81 21.38 -43.39
C ALA C 165 -21.56 20.50 -42.17
N LEU C 166 -22.53 19.64 -41.86
CA LEU C 166 -22.44 18.72 -40.74
C LEU C 166 -22.49 17.29 -41.26
N LEU C 167 -21.43 16.53 -41.01
CA LEU C 167 -21.39 15.11 -41.30
C LEU C 167 -21.72 14.35 -40.02
N VAL C 168 -22.80 13.59 -40.04
CA VAL C 168 -23.29 12.89 -38.86
C VAL C 168 -23.24 11.40 -39.14
N ASN C 169 -22.49 10.67 -38.32
CA ASN C 169 -22.46 9.21 -38.35
C ASN C 169 -23.13 8.70 -37.09
N ALA C 170 -24.19 7.92 -37.27
CA ALA C 170 -24.93 7.33 -36.17
C ALA C 170 -24.73 5.82 -36.20
N MET C 171 -24.37 5.25 -35.05
CA MET C 171 -24.00 3.85 -34.98
C MET C 171 -24.63 3.20 -33.77
N PHE C 172 -24.99 1.92 -33.92
CA PHE C 172 -25.37 1.08 -32.79
C PHE C 172 -24.68 -0.25 -32.95
N PHE C 173 -23.90 -0.65 -31.94
CA PHE C 173 -23.18 -1.92 -31.97
C PHE C 173 -23.47 -2.68 -30.69
N LYS C 174 -23.90 -3.93 -30.83
CA LYS C 174 -24.21 -4.78 -29.69
C LYS C 174 -23.52 -6.13 -29.87
N PRO C 175 -22.43 -6.38 -29.16
CA PRO C 175 -21.70 -7.64 -29.32
C PRO C 175 -22.56 -8.84 -28.90
N HIS C 176 -22.56 -9.86 -29.75
CA HIS C 176 -23.24 -11.12 -29.48
C HIS C 176 -22.16 -12.17 -29.19
N TRP C 177 -22.03 -12.54 -27.91
CA TRP C 177 -20.93 -13.38 -27.49
C TRP C 177 -21.04 -14.78 -28.09
N ASP C 178 -19.88 -15.37 -28.41
CA ASP C 178 -19.86 -16.76 -28.84
C ASP C 178 -20.32 -17.70 -27.73
N GLU C 179 -20.23 -17.28 -26.48
CA GLU C 179 -20.74 -18.01 -25.34
C GLU C 179 -21.50 -17.03 -24.47
N LYS C 180 -22.82 -17.17 -24.43
CA LYS C 180 -23.67 -16.18 -23.79
C LYS C 180 -23.44 -16.13 -22.29
N PHE C 181 -23.71 -14.96 -21.71
CA PHE C 181 -23.85 -14.85 -20.27
C PHE C 181 -25.24 -15.35 -19.88
N HIS C 182 -25.31 -15.95 -18.69
CA HIS C 182 -26.61 -16.37 -18.17
C HIS C 182 -27.39 -15.15 -17.70
N HIS C 183 -28.63 -15.02 -18.17
CA HIS C 183 -29.44 -13.84 -17.87
C HIS C 183 -29.76 -13.72 -16.39
N LYS C 184 -29.50 -14.75 -15.58
CA LYS C 184 -29.66 -14.67 -14.14
C LYS C 184 -28.40 -14.22 -13.42
N MET C 185 -27.24 -14.26 -14.08
CA MET C 185 -25.96 -13.81 -13.51
C MET C 185 -25.80 -12.30 -13.67
N VAL C 186 -26.77 -11.56 -13.14
CA VAL C 186 -26.85 -10.12 -13.30
C VAL C 186 -27.23 -9.50 -11.96
N ASP C 187 -26.47 -8.53 -11.49
CA ASP C 187 -26.77 -7.84 -10.24
C ASP C 187 -26.25 -6.41 -10.31
N ASN C 188 -26.48 -5.65 -9.24
CA ASN C 188 -26.11 -4.25 -9.18
C ASN C 188 -24.84 -4.08 -8.36
N ARG C 189 -23.84 -3.41 -8.94
CA ARG C 189 -22.56 -3.18 -8.28
C ARG C 189 -22.14 -1.74 -8.50
N GLY C 190 -20.96 -1.40 -7.97
CA GLY C 190 -20.41 -0.06 -8.11
C GLY C 190 -19.25 -0.06 -9.09
N PHE C 191 -19.28 0.90 -10.01
CA PHE C 191 -18.19 1.13 -10.95
C PHE C 191 -17.37 2.30 -10.42
N MET C 192 -16.09 2.05 -10.15
CA MET C 192 -15.21 3.07 -9.62
C MET C 192 -14.58 3.85 -10.78
N VAL C 193 -15.13 5.03 -11.07
CA VAL C 193 -14.51 5.90 -12.05
C VAL C 193 -13.12 6.30 -11.60
N THR C 194 -12.99 6.70 -10.33
CA THR C 194 -11.71 6.86 -9.66
C THR C 194 -11.81 6.17 -8.30
N ARG C 195 -10.72 6.29 -7.52
CA ARG C 195 -10.72 5.78 -6.16
C ARG C 195 -11.63 6.59 -5.23
N SER C 196 -12.06 7.77 -5.64
CA SER C 196 -12.89 8.63 -4.81
C SER C 196 -14.29 8.83 -5.39
N TYR C 197 -14.62 8.15 -6.50
CA TYR C 197 -15.88 8.38 -7.18
C TYR C 197 -16.37 7.06 -7.74
N THR C 198 -17.51 6.59 -7.24
CA THR C 198 -18.10 5.32 -7.66
C THR C 198 -19.49 5.58 -8.21
N VAL C 199 -19.79 5.00 -9.37
CA VAL C 199 -21.08 5.12 -10.03
C VAL C 199 -21.78 3.77 -9.94
N GLY C 200 -23.06 3.80 -9.58
CA GLY C 200 -23.84 2.57 -9.51
C GLY C 200 -24.21 2.07 -10.89
N VAL C 201 -23.84 0.83 -11.22
CA VAL C 201 -24.11 0.22 -12.52
C VAL C 201 -24.61 -1.20 -12.31
N THR C 202 -25.07 -1.79 -13.41
CA THR C 202 -25.45 -3.20 -13.47
C THR C 202 -24.31 -3.98 -14.10
N MET C 203 -24.02 -5.15 -13.54
CA MET C 203 -22.94 -5.98 -14.04
C MET C 203 -23.44 -7.38 -14.37
N MET C 204 -22.83 -7.98 -15.39
CA MET C 204 -23.07 -9.36 -15.77
C MET C 204 -21.80 -10.17 -15.55
N HIS C 205 -21.98 -11.43 -15.17
CA HIS C 205 -20.87 -12.26 -14.72
C HIS C 205 -20.91 -13.61 -15.41
N ARG C 206 -19.74 -14.07 -15.86
CA ARG C 206 -19.63 -15.37 -16.49
C ARG C 206 -18.21 -15.89 -16.29
N THR C 207 -18.11 -17.20 -16.13
CA THR C 207 -16.83 -17.89 -16.02
C THR C 207 -16.71 -18.89 -17.15
N GLY C 208 -15.58 -18.88 -17.84
CA GLY C 208 -15.37 -19.77 -18.96
C GLY C 208 -13.93 -19.77 -19.39
N LEU C 209 -13.66 -20.47 -20.49
CA LEU C 209 -12.32 -20.56 -21.04
C LEU C 209 -12.13 -19.41 -22.02
N TYR C 210 -11.15 -18.55 -21.73
CA TYR C 210 -10.86 -17.39 -22.57
C TYR C 210 -9.36 -17.24 -22.75
N ASN C 211 -8.96 -16.70 -23.91
CA ASN C 211 -7.58 -16.28 -24.09
C ASN C 211 -7.28 -15.14 -23.12
N TYR C 212 -6.21 -15.32 -22.35
CA TYR C 212 -5.94 -14.43 -21.23
C TYR C 212 -4.43 -14.25 -21.12
N TYR C 213 -4.02 -13.05 -20.73
CA TYR C 213 -2.62 -12.80 -20.40
C TYR C 213 -2.56 -11.87 -19.20
N ASP C 214 -1.73 -12.22 -18.23
CA ASP C 214 -1.55 -11.45 -17.02
C ASP C 214 -0.14 -10.86 -17.06
N ASP C 215 -0.06 -9.54 -17.23
CA ASP C 215 1.22 -8.85 -17.34
C ASP C 215 1.63 -8.40 -15.95
N GLU C 216 2.40 -9.25 -15.27
CA GLU C 216 2.86 -8.92 -13.92
C GLU C 216 3.79 -7.72 -13.94
N LYS C 217 4.49 -7.51 -15.05
CA LYS C 217 5.41 -6.39 -15.16
C LYS C 217 4.67 -5.06 -15.20
N GLU C 218 3.68 -4.94 -16.08
CA GLU C 218 2.93 -3.71 -16.26
C GLU C 218 1.67 -3.65 -15.43
N LYS C 219 1.35 -4.70 -14.67
CA LYS C 219 0.19 -4.72 -13.78
C LYS C 219 -1.10 -4.44 -14.55
N LEU C 220 -1.34 -5.26 -15.57
CA LEU C 220 -2.53 -5.14 -16.40
C LEU C 220 -3.02 -6.52 -16.80
N GLN C 221 -4.31 -6.60 -17.10
CA GLN C 221 -4.94 -7.81 -17.59
C GLN C 221 -5.46 -7.57 -19.00
N ILE C 222 -5.40 -8.60 -19.83
CA ILE C 222 -5.94 -8.55 -21.18
C ILE C 222 -6.63 -9.87 -21.47
N VAL C 223 -7.85 -9.80 -22.00
CA VAL C 223 -8.66 -10.98 -22.28
C VAL C 223 -9.31 -10.81 -23.64
N GLU C 224 -9.50 -11.93 -24.33
CA GLU C 224 -10.16 -11.95 -25.63
C GLU C 224 -11.49 -12.68 -25.50
N MET C 225 -12.59 -11.97 -25.74
CA MET C 225 -13.91 -12.56 -25.69
C MET C 225 -14.40 -12.78 -27.11
N PRO C 226 -14.47 -14.01 -27.61
CA PRO C 226 -14.95 -14.23 -28.98
C PRO C 226 -16.43 -13.87 -29.11
N LEU C 227 -16.76 -13.23 -30.23
CA LEU C 227 -18.15 -12.95 -30.56
C LEU C 227 -18.72 -14.13 -31.33
N ALA C 228 -20.01 -14.04 -31.68
CA ALA C 228 -20.73 -15.17 -32.23
C ALA C 228 -20.01 -15.80 -33.40
N HIS C 229 -19.77 -17.11 -33.30
CA HIS C 229 -19.17 -17.94 -34.34
C HIS C 229 -17.74 -17.54 -34.67
N LYS C 230 -17.09 -16.81 -33.76
CA LYS C 230 -15.66 -16.49 -33.86
C LYS C 230 -15.33 -15.70 -35.13
N LEU C 231 -16.31 -14.96 -35.66
CA LEU C 231 -16.04 -14.10 -36.81
C LEU C 231 -15.35 -12.80 -36.40
N SER C 232 -15.43 -12.43 -35.14
CA SER C 232 -14.73 -11.26 -34.61
C SER C 232 -14.47 -11.49 -33.13
N SER C 233 -13.61 -10.68 -32.55
CA SER C 233 -13.28 -10.80 -31.14
C SER C 233 -13.23 -9.42 -30.50
N LEU C 234 -13.60 -9.38 -29.23
CA LEU C 234 -13.54 -8.17 -28.41
C LEU C 234 -12.43 -8.34 -27.38
N ILE C 235 -11.46 -7.44 -27.41
CA ILE C 235 -10.29 -7.51 -26.55
C ILE C 235 -10.40 -6.40 -25.52
N ILE C 236 -10.16 -6.73 -24.25
CA ILE C 236 -10.28 -5.77 -23.15
C ILE C 236 -8.95 -5.69 -22.43
N LEU C 237 -8.45 -4.46 -22.28
CA LEU C 237 -7.22 -4.17 -21.55
C LEU C 237 -7.57 -3.35 -20.31
N MET C 238 -7.09 -3.78 -19.15
CA MET C 238 -7.48 -3.12 -17.92
C MET C 238 -6.34 -3.18 -16.92
N PRO C 239 -6.04 -2.09 -16.23
CA PRO C 239 -5.04 -2.14 -15.17
C PRO C 239 -5.51 -2.99 -14.01
N ASN C 240 -4.54 -3.55 -13.27
CA ASN C 240 -4.86 -4.38 -12.12
C ASN C 240 -5.62 -3.60 -11.06
N ASN C 241 -5.19 -2.37 -10.78
CA ASN C 241 -5.82 -1.58 -9.76
C ASN C 241 -6.51 -0.37 -10.38
N VAL C 242 -7.34 0.29 -9.56
CA VAL C 242 -8.07 1.45 -10.04
C VAL C 242 -7.07 2.57 -10.29
N GLU C 243 -7.01 3.05 -11.52
CA GLU C 243 -6.10 4.12 -11.88
C GLU C 243 -6.52 4.69 -13.23
N PRO C 244 -6.15 5.93 -13.53
CA PRO C 244 -6.41 6.48 -14.86
C PRO C 244 -5.69 5.68 -15.93
N LEU C 245 -6.31 5.60 -17.10
CA LEU C 245 -5.80 4.80 -18.20
C LEU C 245 -4.57 5.39 -18.88
N GLU C 246 -4.07 6.54 -18.41
CA GLU C 246 -2.97 7.21 -19.09
C GLU C 246 -1.74 6.33 -19.17
N ARG C 247 -1.40 5.65 -18.08
CA ARG C 247 -0.22 4.78 -18.11
C ARG C 247 -0.41 3.63 -19.07
N LEU C 248 -1.58 3.01 -19.06
CA LEU C 248 -1.85 1.89 -19.96
C LEU C 248 -1.85 2.35 -21.41
N GLU C 249 -2.38 3.55 -21.68
CA GLU C 249 -2.41 4.07 -23.04
C GLU C 249 -1.00 4.33 -23.56
N LYS C 250 -0.08 4.69 -22.67
CA LYS C 250 1.31 4.86 -23.08
C LYS C 250 1.92 3.56 -23.59
N LEU C 251 1.45 2.43 -23.06
CA LEU C 251 1.88 1.13 -23.57
C LEU C 251 1.10 0.68 -24.78
N LEU C 252 -0.04 1.31 -25.07
CA LEU C 252 -0.96 0.86 -26.10
C LEU C 252 -0.44 1.30 -27.47
N THR C 253 0.31 0.40 -28.12
CA THR C 253 0.76 0.61 -29.49
C THR C 253 0.32 -0.57 -30.34
N LYS C 254 0.52 -0.44 -31.66
CA LYS C 254 0.18 -1.52 -32.57
C LYS C 254 1.12 -2.71 -32.37
N GLU C 255 2.38 -2.44 -32.07
CA GLU C 255 3.34 -3.53 -31.88
C GLU C 255 3.21 -4.17 -30.50
N GLN C 256 2.95 -3.35 -29.47
CA GLN C 256 2.79 -3.90 -28.12
C GLN C 256 1.54 -4.77 -28.04
N LEU C 257 0.47 -4.37 -28.72
CA LEU C 257 -0.72 -5.22 -28.76
C LEU C 257 -0.43 -6.55 -29.41
N LYS C 258 0.44 -6.55 -30.42
CA LYS C 258 0.84 -7.81 -31.06
C LYS C 258 1.57 -8.71 -30.08
N ILE C 259 2.38 -8.12 -29.19
CA ILE C 259 3.08 -8.91 -28.18
C ILE C 259 2.11 -9.48 -27.16
N TRP C 260 1.15 -8.67 -26.70
CA TRP C 260 0.19 -9.15 -25.72
C TRP C 260 -0.69 -10.25 -26.29
N MET C 261 -1.16 -10.08 -27.53
CA MET C 261 -1.96 -11.12 -28.17
C MET C 261 -1.14 -12.39 -28.37
N GLY C 262 0.16 -12.25 -28.60
CA GLY C 262 1.03 -13.41 -28.76
C GLY C 262 1.35 -14.14 -27.46
N LYS C 263 1.18 -13.48 -26.32
CA LYS C 263 1.43 -14.10 -25.03
C LYS C 263 0.18 -14.66 -24.37
N MET C 264 -0.98 -14.53 -25.01
CA MET C 264 -2.22 -14.98 -24.40
C MET C 264 -2.36 -16.49 -24.50
N GLN C 265 -2.94 -17.09 -23.47
CA GLN C 265 -3.22 -18.51 -23.42
C GLN C 265 -4.64 -18.73 -22.93
N LYS C 266 -5.29 -19.77 -23.44
CA LYS C 266 -6.65 -20.08 -23.02
C LYS C 266 -6.62 -20.53 -21.56
N LYS C 267 -7.18 -19.70 -20.68
CA LYS C 267 -7.28 -20.01 -19.27
C LYS C 267 -8.73 -19.83 -18.80
N ALA C 268 -9.04 -20.42 -17.66
CA ALA C 268 -10.32 -20.19 -17.02
C ALA C 268 -10.34 -18.78 -16.45
N VAL C 269 -11.32 -17.98 -16.87
CA VAL C 269 -11.44 -16.58 -16.45
C VAL C 269 -12.87 -16.32 -16.02
N ALA C 270 -13.04 -15.65 -14.89
CA ALA C 270 -14.34 -15.18 -14.43
C ALA C 270 -14.44 -13.71 -14.81
N ILE C 271 -15.19 -13.42 -15.89
CA ILE C 271 -15.31 -12.08 -16.44
C ILE C 271 -16.54 -11.41 -15.89
N SER C 272 -16.38 -10.21 -15.34
CA SER C 272 -17.48 -9.38 -14.87
C SER C 272 -17.45 -8.06 -15.63
N LEU C 273 -18.52 -7.76 -16.37
CA LEU C 273 -18.59 -6.58 -17.21
C LEU C 273 -19.78 -5.71 -16.83
N PRO C 274 -19.66 -4.39 -17.01
CA PRO C 274 -20.85 -3.54 -16.90
C PRO C 274 -21.88 -3.95 -17.95
N LYS C 275 -23.15 -3.87 -17.59
CA LYS C 275 -24.23 -4.21 -18.50
C LYS C 275 -25.06 -2.96 -18.78
N GLY C 276 -25.30 -2.69 -20.06
CA GLY C 276 -26.08 -1.55 -20.45
C GLY C 276 -25.59 -0.90 -21.74
N VAL C 277 -26.25 0.18 -22.15
CA VAL C 277 -25.92 0.88 -23.39
C VAL C 277 -25.04 2.07 -23.03
N VAL C 278 -23.86 2.13 -23.63
CA VAL C 278 -22.97 3.28 -23.50
C VAL C 278 -23.13 4.14 -24.74
N GLU C 279 -23.44 5.41 -24.54
CA GLU C 279 -23.63 6.36 -25.63
C GLU C 279 -22.46 7.33 -25.64
N VAL C 280 -21.72 7.35 -26.75
CA VAL C 280 -20.55 8.21 -26.91
C VAL C 280 -20.70 8.99 -28.20
N THR C 281 -20.57 10.32 -28.12
CA THR C 281 -20.62 11.17 -29.29
C THR C 281 -19.37 12.03 -29.35
N HIS C 282 -18.59 11.86 -30.40
CA HIS C 282 -17.39 12.66 -30.65
C HIS C 282 -17.65 13.62 -31.80
N ASP C 283 -17.13 14.84 -31.66
CA ASP C 283 -17.03 15.77 -32.77
C ASP C 283 -15.57 15.75 -33.21
N LEU C 284 -15.29 15.00 -34.27
CA LEU C 284 -13.91 14.79 -34.72
C LEU C 284 -13.30 16.02 -35.38
N GLN C 285 -14.03 17.13 -35.46
CA GLN C 285 -13.53 18.32 -36.17
C GLN C 285 -12.23 18.80 -35.56
N LYS C 286 -12.21 19.01 -34.24
CA LYS C 286 -11.02 19.52 -33.57
C LYS C 286 -9.85 18.56 -33.69
N HIS C 287 -10.10 17.25 -33.54
CA HIS C 287 -9.02 16.27 -33.53
C HIS C 287 -8.52 15.91 -34.93
N LEU C 288 -9.40 15.90 -35.93
CA LEU C 288 -8.93 15.66 -37.29
C LEU C 288 -8.07 16.81 -37.81
N ALA C 289 -8.32 18.02 -37.34
CA ALA C 289 -7.48 19.15 -37.73
C ALA C 289 -6.05 18.97 -37.22
N GLY C 290 -5.89 18.51 -35.99
CA GLY C 290 -4.57 18.28 -35.44
C GLY C 290 -3.77 17.23 -36.18
N LEU C 291 -4.44 16.34 -36.92
CA LEU C 291 -3.78 15.31 -37.70
C LEU C 291 -3.48 15.75 -39.12
N GLY C 292 -4.02 16.87 -39.58
CA GLY C 292 -3.70 17.38 -40.90
C GLY C 292 -4.86 17.94 -41.70
N LEU C 293 -6.09 17.76 -41.23
CA LEU C 293 -7.28 18.25 -41.95
C LEU C 293 -7.60 19.68 -41.50
N THR C 294 -6.74 20.61 -41.91
CA THR C 294 -6.85 21.98 -41.43
C THR C 294 -7.77 22.86 -42.27
N GLU C 295 -7.66 22.79 -43.61
CA GLU C 295 -8.41 23.72 -44.44
C GLU C 295 -9.88 23.32 -44.60
N ALA C 296 -10.19 22.02 -44.55
CA ALA C 296 -11.57 21.59 -44.76
C ALA C 296 -12.50 22.15 -43.69
N ILE C 297 -11.97 22.42 -42.49
CA ILE C 297 -12.77 22.90 -41.38
C ILE C 297 -12.76 24.42 -41.28
N ASP C 298 -12.14 25.11 -42.23
CA ASP C 298 -11.99 26.55 -42.20
C ASP C 298 -13.05 27.21 -43.08
N LYS C 299 -13.82 28.13 -42.50
CA LYS C 299 -14.85 28.83 -43.25
C LYS C 299 -14.27 29.65 -44.40
N ASN C 300 -13.04 30.16 -44.24
CA ASN C 300 -12.49 31.10 -45.20
C ASN C 300 -11.65 30.44 -46.29
N LYS C 301 -11.29 29.17 -46.15
CA LYS C 301 -10.43 28.55 -47.17
C LYS C 301 -10.79 27.11 -47.47
N ALA C 302 -11.99 26.66 -47.11
CA ALA C 302 -12.42 25.32 -47.47
C ALA C 302 -12.93 25.33 -48.91
N ASP C 303 -12.52 24.33 -49.68
CA ASP C 303 -12.95 24.18 -51.06
C ASP C 303 -13.73 22.87 -51.14
N LEU C 304 -15.00 22.95 -50.79
CA LEU C 304 -15.93 21.83 -50.93
C LEU C 304 -16.89 22.07 -52.08
N SER C 305 -16.38 22.66 -53.16
CA SER C 305 -17.24 23.03 -54.29
C SER C 305 -17.77 21.83 -55.04
N ARG C 306 -17.07 20.68 -54.97
CA ARG C 306 -17.60 19.47 -55.59
C ARG C 306 -18.80 18.91 -54.82
N MET C 307 -19.08 19.41 -53.62
CA MET C 307 -20.26 18.98 -52.88
C MET C 307 -21.50 19.75 -53.31
N SER C 308 -21.33 21.05 -53.63
CA SER C 308 -22.46 21.92 -53.85
C SER C 308 -22.34 22.80 -55.09
N GLY C 309 -21.20 22.81 -55.78
CA GLY C 309 -21.00 23.64 -56.95
C GLY C 309 -20.43 25.01 -56.65
N LYS C 310 -20.56 25.49 -55.43
CA LYS C 310 -20.04 26.77 -54.99
C LYS C 310 -19.21 26.58 -53.72
N LYS C 311 -18.36 27.56 -53.44
CA LYS C 311 -17.57 27.55 -52.21
C LYS C 311 -18.37 28.13 -51.05
N ASP C 312 -19.59 27.64 -50.87
CA ASP C 312 -20.47 28.06 -49.79
C ASP C 312 -20.49 27.08 -48.62
N LEU C 313 -19.65 26.04 -48.65
CA LEU C 313 -19.67 25.00 -47.64
C LEU C 313 -18.30 24.82 -47.02
N TYR C 314 -18.29 24.57 -45.71
CA TYR C 314 -17.09 24.13 -45.02
C TYR C 314 -17.49 23.05 -44.03
N LEU C 315 -16.52 22.21 -43.67
CA LEU C 315 -16.78 21.12 -42.73
C LEU C 315 -16.86 21.70 -41.33
N ALA C 316 -18.09 21.86 -40.82
CA ALA C 316 -18.27 22.45 -39.50
C ALA C 316 -18.03 21.43 -38.40
N SER C 317 -18.62 20.23 -38.53
CA SER C 317 -18.47 19.20 -37.51
C SER C 317 -18.48 17.82 -38.19
N VAL C 318 -17.79 16.88 -37.57
CA VAL C 318 -17.80 15.48 -37.98
C VAL C 318 -18.26 14.68 -36.76
N PHE C 319 -19.56 14.46 -36.65
CA PHE C 319 -20.11 13.75 -35.51
C PHE C 319 -19.93 12.26 -35.69
N HIS C 320 -19.28 11.64 -34.71
CA HIS C 320 -19.09 10.19 -34.63
C HIS C 320 -19.83 9.77 -33.37
N ALA C 321 -21.07 9.34 -33.54
CA ALA C 321 -21.97 9.03 -32.43
C ALA C 321 -22.23 7.53 -32.39
N THR C 322 -22.02 6.92 -31.24
CA THR C 322 -22.12 5.48 -31.11
C THR C 322 -22.87 5.10 -29.85
N ALA C 323 -23.81 4.17 -29.98
CA ALA C 323 -24.45 3.50 -28.85
C ALA C 323 -23.91 2.08 -28.78
N PHE C 324 -23.20 1.77 -27.69
CA PHE C 324 -22.55 0.49 -27.49
C PHE C 324 -23.22 -0.22 -26.32
N GLU C 325 -23.94 -1.31 -26.61
CA GLU C 325 -24.71 -2.01 -25.59
C GLU C 325 -23.96 -3.24 -25.13
N TRP C 326 -23.71 -3.31 -23.83
CA TRP C 326 -23.18 -4.51 -23.19
C TRP C 326 -24.34 -5.34 -22.66
N ASP C 327 -24.52 -6.53 -23.22
CA ASP C 327 -25.65 -7.38 -22.88
C ASP C 327 -25.19 -8.82 -22.72
N THR C 328 -26.08 -9.64 -22.18
CA THR C 328 -25.80 -11.04 -21.90
C THR C 328 -26.03 -11.94 -23.11
N GLU C 329 -26.70 -11.45 -24.14
CA GLU C 329 -27.15 -12.34 -25.22
C GLU C 329 -25.98 -12.84 -26.05
N GLY C 330 -26.11 -14.09 -26.51
CA GLY C 330 -25.08 -14.72 -27.29
C GLY C 330 -25.49 -16.12 -27.68
N ASN C 331 -24.56 -16.84 -28.27
CA ASN C 331 -24.80 -18.23 -28.64
C ASN C 331 -24.83 -19.12 -27.41
N PRO C 332 -25.60 -20.21 -27.45
CA PRO C 332 -25.53 -21.20 -26.36
C PRO C 332 -24.19 -21.92 -26.43
N PHE C 333 -23.71 -22.34 -25.26
CA PHE C 333 -22.39 -22.96 -25.16
C PHE C 333 -22.50 -24.34 -24.52
N ASP C 334 -21.40 -25.08 -24.62
CA ASP C 334 -21.30 -26.39 -23.99
C ASP C 334 -21.37 -26.23 -22.48
N GLN C 335 -22.40 -26.83 -21.87
CA GLN C 335 -22.63 -26.62 -20.45
C GLN C 335 -21.57 -27.30 -19.59
N ASP C 336 -20.94 -28.37 -20.09
CA ASP C 336 -19.97 -29.10 -19.30
C ASP C 336 -18.62 -28.37 -19.16
N ILE C 337 -18.57 -27.06 -19.41
CA ILE C 337 -17.35 -26.33 -19.10
C ILE C 337 -17.10 -26.33 -17.59
N TYR C 338 -18.17 -26.31 -16.79
CA TYR C 338 -18.04 -26.55 -15.36
C TYR C 338 -17.80 -28.02 -15.06
N GLY C 339 -18.03 -28.91 -16.03
CA GLY C 339 -17.80 -30.33 -15.86
C GLY C 339 -16.34 -30.69 -15.78
N ARG C 340 -15.58 -30.42 -16.87
CA ARG C 340 -14.14 -30.61 -16.83
C ARG C 340 -13.48 -29.77 -15.75
N GLU C 341 -14.19 -28.75 -15.26
CA GLU C 341 -13.82 -27.94 -14.10
C GLU C 341 -12.34 -27.56 -14.09
N GLU C 342 -11.84 -27.14 -15.25
CA GLU C 342 -10.67 -26.27 -15.24
C GLU C 342 -11.02 -24.88 -14.75
N LEU C 343 -12.31 -24.61 -14.54
CA LEU C 343 -12.82 -23.34 -14.06
C LEU C 343 -12.90 -23.27 -12.54
N ARG C 344 -12.24 -24.18 -11.83
CA ARG C 344 -12.31 -24.18 -10.38
C ARG C 344 -11.72 -22.90 -9.80
N SER C 345 -10.47 -22.61 -10.15
CA SER C 345 -9.78 -21.42 -9.64
C SER C 345 -9.61 -20.33 -10.70
N PRO C 346 -10.69 -19.76 -11.24
CA PRO C 346 -10.55 -18.90 -12.43
C PRO C 346 -9.87 -17.59 -12.08
N LYS C 347 -9.05 -17.09 -13.00
CA LYS C 347 -8.57 -15.72 -12.86
C LYS C 347 -9.76 -14.75 -12.90
N LEU C 348 -9.66 -13.69 -12.11
CA LEU C 348 -10.71 -12.68 -11.99
C LEU C 348 -10.44 -11.51 -12.93
N PHE C 349 -11.35 -11.29 -13.88
CA PHE C 349 -11.32 -10.11 -14.75
C PHE C 349 -12.53 -9.25 -14.37
N TYR C 350 -12.35 -8.40 -13.37
CA TYR C 350 -13.44 -7.64 -12.75
C TYR C 350 -13.38 -6.19 -13.27
N ALA C 351 -14.22 -5.89 -14.26
CA ALA C 351 -14.15 -4.61 -14.97
C ALA C 351 -15.10 -3.59 -14.33
N ASP C 352 -14.73 -3.17 -13.11
CA ASP C 352 -15.45 -2.12 -12.39
C ASP C 352 -14.67 -0.81 -12.34
N HIS C 353 -13.69 -0.65 -13.22
CA HIS C 353 -12.87 0.55 -13.29
C HIS C 353 -12.46 0.76 -14.74
N PRO C 354 -12.03 1.96 -15.11
CA PRO C 354 -11.82 2.27 -16.54
C PRO C 354 -10.95 1.26 -17.25
N PHE C 355 -11.30 0.95 -18.51
CA PHE C 355 -10.57 -0.01 -19.30
C PHE C 355 -10.61 0.39 -20.76
N ILE C 356 -9.78 -0.27 -21.56
CA ILE C 356 -9.69 -0.07 -23.00
C ILE C 356 -10.20 -1.32 -23.69
N PHE C 357 -10.94 -1.15 -24.78
CA PHE C 357 -11.47 -2.29 -25.51
C PHE C 357 -11.33 -2.07 -27.01
N LEU C 358 -11.17 -3.18 -27.71
CA LEU C 358 -11.06 -3.21 -29.17
C LEU C 358 -11.94 -4.34 -29.69
N VAL C 359 -12.62 -4.07 -30.81
CA VAL C 359 -13.36 -5.10 -31.54
C VAL C 359 -12.60 -5.36 -32.83
N ARG C 360 -12.20 -6.61 -33.04
CA ARG C 360 -11.30 -6.95 -34.14
C ARG C 360 -11.90 -8.10 -34.95
N ASP C 361 -11.98 -7.91 -36.27
CA ASP C 361 -12.45 -8.95 -37.16
C ASP C 361 -11.36 -10.02 -37.31
N THR C 362 -11.64 -11.21 -36.77
CA THR C 362 -10.64 -12.28 -36.73
C THR C 362 -10.22 -12.74 -38.13
N GLN C 363 -11.06 -12.51 -39.14
CA GLN C 363 -10.74 -12.95 -40.50
C GLN C 363 -9.69 -12.04 -41.14
N SER C 364 -10.07 -10.81 -41.46
CA SER C 364 -9.17 -9.87 -42.12
C SER C 364 -8.20 -9.19 -41.16
N GLY C 365 -8.36 -9.37 -39.86
CA GLY C 365 -7.56 -8.63 -38.90
C GLY C 365 -7.94 -7.17 -38.78
N SER C 366 -8.99 -6.72 -39.46
CA SER C 366 -9.37 -5.32 -39.45
C SER C 366 -9.87 -4.91 -38.07
N LEU C 367 -9.55 -3.66 -37.70
CA LEU C 367 -10.03 -3.09 -36.45
C LEU C 367 -11.42 -2.52 -36.66
N LEU C 368 -12.42 -3.13 -36.04
CA LEU C 368 -13.79 -2.64 -36.17
C LEU C 368 -14.07 -1.50 -35.19
N PHE C 369 -13.47 -1.55 -34.00
CA PHE C 369 -13.69 -0.55 -32.97
C PHE C 369 -12.46 -0.43 -32.11
N ILE C 370 -12.25 0.78 -31.57
CA ILE C 370 -11.30 1.02 -30.51
C ILE C 370 -11.89 2.07 -29.60
N GLY C 371 -11.74 1.88 -28.29
CA GLY C 371 -12.33 2.82 -27.36
C GLY C 371 -11.95 2.52 -25.94
N ARG C 372 -12.57 3.25 -25.03
CA ARG C 372 -12.35 3.08 -23.60
C ARG C 372 -13.61 3.47 -22.84
N LEU C 373 -13.89 2.78 -21.75
CA LEU C 373 -15.01 3.11 -20.88
C LEU C 373 -14.42 3.71 -19.61
N VAL C 374 -14.64 5.00 -19.40
CA VAL C 374 -14.12 5.69 -18.23
C VAL C 374 -15.24 6.02 -17.23
N ARG C 375 -16.39 6.47 -17.72
CA ARG C 375 -17.48 6.87 -16.83
C ARG C 375 -18.81 6.39 -17.39
N PRO C 376 -19.42 5.36 -16.81
CA PRO C 376 -20.76 4.98 -17.25
C PRO C 376 -21.82 5.93 -16.69
N LYS C 377 -23.02 5.80 -17.24
CA LYS C 377 -24.18 6.54 -16.74
C LYS C 377 -24.83 5.78 -15.60
N GLY C 378 -25.19 6.50 -14.54
CA GLY C 378 -25.81 5.88 -13.39
C GLY C 378 -25.68 6.65 -12.09
N LEU D 3 -44.33 -8.86 28.82
CA LEU D 3 -43.90 -8.93 30.22
C LEU D 3 -44.87 -8.24 31.16
N SER D 4 -44.75 -8.56 32.45
CA SER D 4 -45.58 -7.94 33.47
C SER D 4 -45.11 -6.51 33.72
N PRO D 5 -45.97 -5.66 34.28
CA PRO D 5 -45.53 -4.29 34.59
C PRO D 5 -44.27 -4.22 35.44
N LYS D 6 -44.11 -5.13 36.40
CA LYS D 6 -42.93 -5.08 37.27
C LYS D 6 -41.67 -5.55 36.54
N ALA D 7 -41.80 -6.48 35.60
CA ALA D 7 -40.64 -6.94 34.83
C ALA D 7 -40.26 -5.96 33.73
N ALA D 8 -41.22 -5.20 33.20
CA ALA D 8 -40.91 -4.27 32.12
C ALA D 8 -40.14 -3.06 32.62
N THR D 9 -40.52 -2.53 33.79
CA THR D 9 -39.79 -1.39 34.34
C THR D 9 -38.39 -1.77 34.78
N LEU D 10 -38.21 -2.99 35.29
CA LEU D 10 -36.87 -3.44 35.65
C LEU D 10 -36.04 -3.76 34.42
N ALA D 11 -36.68 -4.09 33.30
CA ALA D 11 -35.94 -4.32 32.06
C ALA D 11 -35.31 -3.04 31.55
N GLU D 12 -36.02 -1.91 31.66
CA GLU D 12 -35.46 -0.64 31.20
C GLU D 12 -34.34 -0.14 32.10
N ARG D 13 -34.41 -0.44 33.40
CA ARG D 13 -33.38 0.02 34.31
C ARG D 13 -32.13 -0.86 34.24
N SER D 14 -32.29 -2.17 34.00
CA SER D 14 -31.15 -3.01 33.74
C SER D 14 -30.44 -2.63 32.45
N ALA D 15 -31.20 -2.15 31.47
CA ALA D 15 -30.60 -1.67 30.22
C ALA D 15 -29.82 -0.39 30.46
N GLY D 16 -30.37 0.52 31.27
CA GLY D 16 -29.62 1.71 31.63
C GLY D 16 -28.39 1.37 32.45
N LEU D 17 -28.50 0.35 33.30
CA LEU D 17 -27.33 -0.12 34.04
C LEU D 17 -26.26 -0.66 33.11
N ALA D 18 -26.65 -1.28 32.00
CA ALA D 18 -25.68 -1.81 31.05
C ALA D 18 -24.87 -0.69 30.41
N PHE D 19 -25.57 0.34 29.90
CA PHE D 19 -24.87 1.49 29.34
C PHE D 19 -23.94 2.13 30.36
N SER D 20 -24.42 2.30 31.61
CA SER D 20 -23.57 2.92 32.63
C SER D 20 -22.36 2.05 32.94
N LEU D 21 -22.55 0.74 33.03
CA LEU D 21 -21.42 -0.14 33.31
C LEU D 21 -20.48 -0.24 32.12
N TYR D 22 -21.02 -0.30 30.90
CA TYR D 22 -20.17 -0.35 29.72
C TYR D 22 -19.29 0.89 29.64
N GLN D 23 -19.87 2.07 29.86
CA GLN D 23 -19.10 3.30 29.79
C GLN D 23 -18.00 3.33 30.85
N ALA D 24 -18.30 2.81 32.05
CA ALA D 24 -17.28 2.77 33.09
C ALA D 24 -16.14 1.83 32.71
N MET D 25 -16.46 0.66 32.16
CA MET D 25 -15.43 -0.27 31.77
C MET D 25 -14.69 0.20 30.53
N ALA D 26 -15.40 0.85 29.60
CA ALA D 26 -14.76 1.32 28.37
C ALA D 26 -13.74 2.41 28.64
N LYS D 27 -13.95 3.24 29.67
CA LYS D 27 -12.96 4.25 30.02
C LYS D 27 -11.75 3.65 30.72
N ASP D 28 -11.89 2.45 31.27
CA ASP D 28 -10.76 1.75 31.89
C ASP D 28 -9.78 1.29 30.82
N GLN D 29 -8.57 1.85 30.84
CA GLN D 29 -7.56 1.51 29.85
C GLN D 29 -7.11 0.06 29.96
N ALA D 30 -7.44 -0.63 31.05
CA ALA D 30 -7.07 -2.02 31.22
C ALA D 30 -8.05 -2.99 30.57
N VAL D 31 -9.25 -2.53 30.22
CA VAL D 31 -10.27 -3.37 29.61
C VAL D 31 -10.17 -3.26 28.09
N GLU D 32 -10.07 -4.41 27.41
CA GLU D 32 -10.21 -4.40 25.96
C GLU D 32 -11.60 -4.85 25.52
N ASN D 33 -11.75 -6.16 25.29
CA ASN D 33 -13.06 -6.67 24.93
C ASN D 33 -14.01 -6.52 26.11
N ILE D 34 -15.23 -6.12 25.80
CA ILE D 34 -16.29 -5.98 26.81
C ILE D 34 -17.42 -6.91 26.41
N LEU D 35 -18.00 -7.57 27.41
CA LEU D 35 -19.10 -8.49 27.16
C LEU D 35 -19.91 -8.58 28.45
N LEU D 36 -21.09 -7.97 28.45
CA LEU D 36 -21.91 -7.85 29.64
C LEU D 36 -23.34 -8.26 29.33
N SER D 37 -23.94 -9.02 30.23
CA SER D 37 -25.37 -9.31 30.15
C SER D 37 -26.09 -8.46 31.17
N PRO D 38 -26.91 -7.50 30.76
CA PRO D 38 -27.53 -6.59 31.73
C PRO D 38 -28.37 -7.30 32.77
N VAL D 39 -29.07 -8.36 32.39
CA VAL D 39 -29.93 -9.06 33.34
C VAL D 39 -29.09 -9.87 34.32
N VAL D 40 -27.97 -10.42 33.88
CA VAL D 40 -27.10 -11.13 34.79
C VAL D 40 -26.44 -10.16 35.77
N VAL D 41 -26.01 -9.00 35.28
CA VAL D 41 -25.45 -7.98 36.16
C VAL D 41 -26.49 -7.49 37.16
N ALA D 42 -27.72 -7.25 36.68
CA ALA D 42 -28.79 -6.82 37.57
C ALA D 42 -29.08 -7.88 38.62
N SER D 43 -29.02 -9.16 38.24
CA SER D 43 -29.26 -10.24 39.19
C SER D 43 -28.18 -10.28 40.26
N SER D 44 -26.93 -9.98 39.88
CA SER D 44 -25.86 -9.94 40.88
C SER D 44 -26.14 -8.89 41.94
N LEU D 45 -26.61 -7.71 41.52
CA LEU D 45 -27.00 -6.69 42.49
C LEU D 45 -28.22 -7.15 43.28
N GLY D 46 -29.13 -7.88 42.65
CA GLY D 46 -30.29 -8.40 43.37
C GLY D 46 -29.93 -9.37 44.47
N LEU D 47 -28.89 -10.18 44.23
CA LEU D 47 -28.46 -11.14 45.24
C LEU D 47 -27.93 -10.43 46.48
N VAL D 48 -27.19 -9.34 46.29
CA VAL D 48 -26.67 -8.59 47.44
C VAL D 48 -27.82 -7.99 48.25
N SER D 49 -28.84 -7.47 47.55
CA SER D 49 -30.01 -6.96 48.25
C SER D 49 -30.76 -8.07 48.98
N LEU D 50 -30.77 -9.28 48.41
CA LEU D 50 -31.49 -10.37 49.04
C LEU D 50 -30.78 -10.86 50.30
N GLY D 51 -29.45 -10.86 50.30
CA GLY D 51 -28.68 -11.29 51.45
C GLY D 51 -28.05 -10.18 52.28
N GLY D 52 -28.35 -8.92 51.97
CA GLY D 52 -27.77 -7.81 52.71
C GLY D 52 -28.78 -7.04 53.53
N LYS D 53 -28.30 -6.22 54.47
CA LYS D 53 -29.16 -5.41 55.31
C LYS D 53 -28.71 -3.96 55.26
N ALA D 54 -29.63 -3.08 55.64
CA ALA D 54 -29.38 -1.64 55.86
C ALA D 54 -28.84 -1.04 54.56
N THR D 55 -27.75 -0.28 54.59
CA THR D 55 -27.28 0.42 53.39
C THR D 55 -26.62 -0.54 52.41
N THR D 56 -26.07 -1.65 52.89
CA THR D 56 -25.45 -2.61 51.99
C THR D 56 -26.45 -3.11 50.95
N ALA D 57 -27.69 -3.36 51.36
CA ALA D 57 -28.71 -3.79 50.42
C ALA D 57 -29.26 -2.62 49.61
N SER D 58 -29.40 -1.45 50.25
CA SER D 58 -29.94 -0.29 49.54
C SER D 58 -28.96 0.23 48.49
N GLN D 59 -27.66 0.14 48.75
CA GLN D 59 -26.69 0.52 47.72
C GLN D 59 -26.78 -0.40 46.51
N ALA D 60 -27.15 -1.67 46.72
CA ALA D 60 -27.36 -2.58 45.59
C ALA D 60 -28.52 -2.09 44.73
N LYS D 61 -29.62 -1.67 45.36
CA LYS D 61 -30.72 -1.08 44.64
C LYS D 61 -30.39 0.32 44.11
N ALA D 62 -29.31 0.92 44.58
CA ALA D 62 -28.89 2.23 44.05
C ALA D 62 -28.36 2.10 42.64
N VAL D 63 -27.46 1.14 42.42
CA VAL D 63 -26.94 0.92 41.08
C VAL D 63 -28.05 0.51 40.13
N LEU D 64 -29.05 -0.24 40.65
CA LEU D 64 -30.23 -0.60 39.87
C LEU D 64 -31.24 0.53 39.74
N SER D 65 -31.08 1.61 40.50
CA SER D 65 -32.04 2.72 40.50
C SER D 65 -33.44 2.25 40.87
N ALA D 66 -33.54 1.34 41.84
CA ALA D 66 -34.82 0.75 42.23
C ALA D 66 -35.12 0.91 43.72
N GLU D 67 -34.84 2.08 44.29
CA GLU D 67 -35.25 2.33 45.68
C GLU D 67 -36.76 2.53 45.81
N GLN D 68 -37.36 3.25 44.87
CA GLN D 68 -38.81 3.41 44.92
C GLN D 68 -39.52 2.10 44.65
N LEU D 69 -38.80 1.08 44.24
CA LEU D 69 -39.30 -0.28 44.13
C LEU D 69 -38.83 -1.07 45.35
N ARG D 70 -39.63 -2.05 45.75
CA ARG D 70 -39.31 -2.87 46.90
C ARG D 70 -38.31 -3.97 46.56
N ASP D 71 -37.73 -4.53 47.63
CA ASP D 71 -36.87 -5.68 47.47
C ASP D 71 -37.65 -6.85 46.89
N GLU D 72 -38.93 -6.97 47.25
CA GLU D 72 -39.74 -8.11 46.80
C GLU D 72 -40.08 -8.00 45.33
N GLU D 73 -40.52 -6.82 44.88
CA GLU D 73 -40.86 -6.67 43.46
C GLU D 73 -39.64 -6.58 42.57
N VAL D 74 -38.46 -6.29 43.14
CA VAL D 74 -37.23 -6.37 42.36
C VAL D 74 -36.84 -7.82 42.15
N HIS D 75 -36.85 -8.62 43.22
CA HIS D 75 -36.52 -10.03 43.09
C HIS D 75 -37.55 -10.76 42.23
N ALA D 76 -38.83 -10.50 42.49
CA ALA D 76 -39.88 -11.11 41.66
C ALA D 76 -39.85 -10.57 40.24
N GLY D 77 -39.51 -9.29 40.07
CA GLY D 77 -39.45 -8.73 38.73
C GLY D 77 -38.25 -9.24 37.94
N LEU D 78 -37.06 -9.15 38.53
CA LEU D 78 -35.87 -9.68 37.87
C LEU D 78 -35.98 -11.18 37.65
N GLY D 79 -36.58 -11.89 38.62
CA GLY D 79 -36.78 -13.32 38.46
C GLY D 79 -37.61 -13.66 37.23
N GLU D 80 -38.73 -12.95 37.06
CA GLU D 80 -39.52 -13.12 35.84
C GLU D 80 -38.72 -12.71 34.61
N LEU D 81 -38.06 -11.55 34.69
CA LEU D 81 -37.26 -11.08 33.56
C LEU D 81 -36.14 -12.05 33.22
N LEU D 82 -35.49 -12.61 34.24
CA LEU D 82 -34.42 -13.58 34.00
C LEU D 82 -34.97 -14.86 33.39
N ARG D 83 -36.06 -15.38 33.95
CA ARG D 83 -36.64 -16.63 33.43
C ARG D 83 -37.31 -16.41 32.09
N SER D 84 -37.88 -15.23 31.85
CA SER D 84 -38.49 -14.96 30.54
C SER D 84 -37.45 -15.01 29.43
N LEU D 85 -36.39 -14.22 29.57
CA LEU D 85 -35.35 -14.19 28.56
C LEU D 85 -34.60 -15.51 28.47
N SER D 86 -34.61 -16.31 29.54
CA SER D 86 -33.90 -17.60 29.50
C SER D 86 -34.57 -18.57 28.53
N ASN D 87 -35.90 -18.55 28.45
CA ASN D 87 -36.62 -19.46 27.56
C ASN D 87 -37.30 -18.77 26.38
N SER D 88 -37.56 -17.46 26.45
CA SER D 88 -37.98 -16.75 25.25
C SER D 88 -36.85 -16.64 24.24
N THR D 89 -35.61 -16.91 24.66
CA THR D 89 -34.47 -16.95 23.75
C THR D 89 -33.75 -18.30 23.83
N ALA D 90 -34.42 -19.34 24.33
CA ALA D 90 -33.90 -20.70 24.25
C ALA D 90 -34.42 -21.46 23.05
N ARG D 91 -35.57 -21.04 22.52
CA ARG D 91 -36.12 -21.64 21.30
C ARG D 91 -35.37 -21.19 20.05
N ASN D 92 -34.83 -19.98 20.05
CA ASN D 92 -34.10 -19.46 18.89
C ASN D 92 -32.58 -19.65 19.02
N VAL D 93 -31.96 -19.03 20.02
CA VAL D 93 -30.51 -19.00 20.14
C VAL D 93 -30.06 -19.89 21.30
N THR D 94 -28.81 -20.35 21.20
CA THR D 94 -28.17 -21.11 22.26
C THR D 94 -27.73 -20.20 23.39
N TRP D 95 -28.10 -20.54 24.62
CA TRP D 95 -27.88 -19.67 25.78
C TRP D 95 -27.75 -20.54 27.02
N LYS D 96 -26.56 -20.56 27.62
CA LYS D 96 -26.27 -21.38 28.80
C LYS D 96 -25.74 -20.44 29.89
N LEU D 97 -26.44 -20.42 31.02
CA LEU D 97 -26.13 -19.50 32.10
C LEU D 97 -26.08 -20.24 33.44
N GLY D 98 -25.06 -19.94 34.22
CA GLY D 98 -24.95 -20.47 35.57
C GLY D 98 -24.47 -19.42 36.54
N SER D 99 -25.06 -19.37 37.73
CA SER D 99 -24.68 -18.43 38.78
C SER D 99 -24.43 -19.21 40.06
N ARG D 100 -23.22 -19.08 40.60
CA ARG D 100 -22.80 -19.80 41.79
C ARG D 100 -22.14 -18.84 42.76
N LEU D 101 -22.51 -18.93 44.02
CA LEU D 101 -21.96 -18.09 45.08
C LEU D 101 -21.00 -18.94 45.93
N TYR D 102 -19.73 -18.53 45.97
CA TYR D 102 -18.71 -19.25 46.71
C TYR D 102 -18.48 -18.58 48.05
N GLY D 103 -18.70 -19.31 49.13
CA GLY D 103 -18.44 -18.81 50.46
C GLY D 103 -17.30 -19.57 51.11
N PRO D 104 -16.65 -18.95 52.09
CA PRO D 104 -15.60 -19.66 52.82
C PRO D 104 -16.16 -20.89 53.53
N SER D 105 -15.26 -21.84 53.81
CA SER D 105 -15.70 -23.10 54.41
C SER D 105 -16.22 -22.92 55.83
N SER D 106 -15.69 -21.93 56.56
CA SER D 106 -16.19 -21.64 57.90
C SER D 106 -17.56 -20.99 57.87
N VAL D 107 -18.04 -20.58 56.71
CA VAL D 107 -19.32 -19.90 56.58
C VAL D 107 -20.39 -20.93 56.27
N SER D 108 -21.56 -20.75 56.88
CA SER D 108 -22.72 -21.59 56.62
C SER D 108 -23.81 -20.70 56.04
N PHE D 109 -24.20 -20.98 54.80
CA PHE D 109 -25.21 -20.16 54.14
C PHE D 109 -26.55 -20.31 54.85
N ALA D 110 -27.19 -19.18 55.11
CA ALA D 110 -28.50 -19.22 55.77
C ALA D 110 -29.51 -19.95 54.90
N GLU D 111 -30.41 -20.68 55.55
CA GLU D 111 -31.34 -21.53 54.82
C GLU D 111 -32.33 -20.69 54.04
N ASP D 112 -32.76 -19.55 54.60
CA ASP D 112 -33.73 -18.70 53.93
C ASP D 112 -33.13 -18.02 52.69
N PHE D 113 -31.85 -17.63 52.76
CA PHE D 113 -31.22 -16.98 51.62
C PHE D 113 -31.02 -17.97 50.48
N VAL D 114 -30.68 -19.21 50.80
CA VAL D 114 -30.47 -20.24 49.77
C VAL D 114 -31.75 -20.49 49.00
N ARG D 115 -32.89 -20.49 49.70
CA ARG D 115 -34.16 -20.78 49.05
C ARG D 115 -34.61 -19.63 48.15
N SER D 116 -34.52 -18.40 48.66
CA SER D 116 -35.01 -17.25 47.90
C SER D 116 -34.11 -16.93 46.72
N SER D 117 -32.79 -17.11 46.88
CA SER D 117 -31.87 -16.82 45.78
C SER D 117 -31.98 -17.84 44.65
N LYS D 118 -32.34 -19.07 44.97
CA LYS D 118 -32.53 -20.08 43.94
C LYS D 118 -33.87 -19.93 43.22
N GLN D 119 -34.92 -19.51 43.94
CA GLN D 119 -36.22 -19.33 43.32
C GLN D 119 -36.23 -18.11 42.40
N HIS D 120 -35.61 -17.02 42.84
CA HIS D 120 -35.62 -15.78 42.07
C HIS D 120 -34.51 -15.73 41.03
N TYR D 121 -33.28 -16.05 41.42
CA TYR D 121 -32.13 -15.87 40.56
C TYR D 121 -31.47 -17.16 40.12
N ASN D 122 -32.04 -18.32 40.47
CA ASN D 122 -31.46 -19.63 40.12
C ASN D 122 -30.02 -19.73 40.59
N CYS D 123 -29.73 -19.14 41.75
CA CYS D 123 -28.37 -19.08 42.25
C CYS D 123 -27.95 -20.42 42.86
N GLU D 124 -26.79 -20.90 42.48
CA GLU D 124 -26.19 -22.07 43.12
C GLU D 124 -25.29 -21.60 44.25
N HIS D 125 -25.12 -22.47 45.24
CA HIS D 125 -24.32 -22.13 46.42
C HIS D 125 -23.31 -23.23 46.69
N SER D 126 -22.06 -22.82 46.88
CA SER D 126 -20.97 -23.74 47.13
C SER D 126 -20.03 -23.11 48.14
N LYS D 127 -19.24 -23.97 48.78
CA LYS D 127 -18.24 -23.55 49.76
C LYS D 127 -16.86 -23.77 49.18
N ILE D 128 -15.93 -22.87 49.51
CA ILE D 128 -14.59 -22.92 48.95
C ILE D 128 -13.60 -22.51 50.04
N ASN D 129 -12.37 -23.00 49.92
CA ASN D 129 -11.28 -22.60 50.80
C ASN D 129 -10.06 -22.34 49.95
N PHE D 130 -9.47 -21.16 50.10
CA PHE D 130 -8.35 -20.73 49.29
C PHE D 130 -6.99 -21.10 49.86
N ARG D 131 -6.93 -22.04 50.81
CA ARG D 131 -5.64 -22.53 51.25
C ARG D 131 -4.84 -23.10 50.08
N ASP D 132 -5.46 -24.02 49.34
CA ASP D 132 -4.91 -24.53 48.08
C ASP D 132 -5.48 -23.72 46.94
N LYS D 133 -4.71 -22.72 46.49
CA LYS D 133 -5.19 -21.82 45.45
C LYS D 133 -5.41 -22.56 44.14
N ARG D 134 -4.61 -23.60 43.87
CA ARG D 134 -4.78 -24.37 42.65
C ARG D 134 -6.06 -25.18 42.67
N SER D 135 -6.39 -25.77 43.82
CA SER D 135 -7.62 -26.54 43.93
C SER D 135 -8.83 -25.62 43.87
N ALA D 136 -8.71 -24.40 44.43
CA ALA D 136 -9.83 -23.46 44.40
C ALA D 136 -10.11 -22.99 42.99
N LEU D 137 -9.06 -22.60 42.24
CA LEU D 137 -9.26 -22.18 40.86
C LEU D 137 -9.80 -23.32 40.00
N GLN D 138 -9.36 -24.55 40.28
CA GLN D 138 -9.83 -25.68 39.49
C GLN D 138 -11.31 -25.95 39.72
N SER D 139 -11.78 -25.78 40.96
CA SER D 139 -13.19 -25.99 41.26
C SER D 139 -14.07 -24.99 40.52
N ILE D 140 -13.65 -23.72 40.46
CA ILE D 140 -14.43 -22.72 39.74
C ILE D 140 -14.41 -23.00 38.24
N ASN D 141 -13.25 -23.34 37.70
CA ASN D 141 -13.15 -23.57 36.26
C ASN D 141 -13.85 -24.85 35.84
N GLU D 142 -13.87 -25.88 36.70
CA GLU D 142 -14.61 -27.09 36.36
C GLU D 142 -16.11 -26.81 36.29
N TRP D 143 -16.62 -26.01 37.23
CA TRP D 143 -18.05 -25.68 37.23
C TRP D 143 -18.43 -24.84 36.03
N ALA D 144 -17.61 -23.86 35.68
CA ALA D 144 -17.92 -23.00 34.53
C ALA D 144 -17.86 -23.80 33.24
N ALA D 145 -16.89 -24.69 33.10
CA ALA D 145 -16.81 -25.53 31.92
C ALA D 145 -18.01 -26.47 31.84
N GLN D 146 -18.45 -26.99 32.99
CA GLN D 146 -19.63 -27.85 33.00
C GLN D 146 -20.90 -27.06 32.65
N THR D 147 -21.01 -25.83 33.15
CA THR D 147 -22.18 -25.01 32.86
C THR D 147 -22.29 -24.71 31.38
N THR D 148 -21.15 -24.56 30.70
CA THR D 148 -21.11 -24.18 29.30
C THR D 148 -20.67 -25.32 28.39
N ASP D 149 -20.58 -26.55 28.92
CA ASP D 149 -20.20 -27.73 28.14
C ASP D 149 -18.86 -27.53 27.44
N GLY D 150 -17.89 -27.02 28.19
CA GLY D 150 -16.55 -26.80 27.67
C GLY D 150 -16.37 -25.54 26.84
N LYS D 151 -17.43 -24.83 26.48
CA LYS D 151 -17.28 -23.61 25.70
C LYS D 151 -16.56 -22.52 26.49
N LEU D 152 -16.68 -22.52 27.80
CA LEU D 152 -15.99 -21.59 28.69
C LEU D 152 -15.25 -22.42 29.73
N PRO D 153 -14.07 -22.96 29.37
CA PRO D 153 -13.37 -23.86 30.29
C PRO D 153 -12.62 -23.16 31.42
N GLU D 154 -12.62 -21.83 31.47
CA GLU D 154 -11.81 -21.11 32.44
C GLU D 154 -12.44 -19.75 32.73
N VAL D 155 -12.52 -19.42 34.02
CA VAL D 155 -12.99 -18.09 34.43
C VAL D 155 -11.79 -17.17 34.58
N THR D 156 -10.98 -17.41 35.60
CA THR D 156 -9.84 -16.56 35.91
C THR D 156 -8.61 -17.41 36.18
N LYS D 157 -7.44 -16.77 36.06
CA LYS D 157 -6.16 -17.42 36.34
C LYS D 157 -5.68 -17.21 37.77
N ASP D 158 -6.33 -16.33 38.54
CA ASP D 158 -5.89 -16.06 39.90
C ASP D 158 -7.03 -15.38 40.66
N VAL D 159 -7.06 -15.58 41.97
CA VAL D 159 -8.03 -14.96 42.85
C VAL D 159 -7.28 -14.24 43.97
N GLU D 160 -7.28 -12.90 43.92
CA GLU D 160 -6.50 -12.10 44.87
C GLU D 160 -7.17 -12.01 46.24
N ARG D 161 -8.50 -11.90 46.28
CA ARG D 161 -9.23 -11.73 47.54
C ARG D 161 -9.73 -13.09 48.02
N THR D 162 -9.26 -13.52 49.18
CA THR D 162 -9.42 -14.88 49.65
C THR D 162 -10.41 -15.06 50.81
N ASP D 163 -10.56 -14.06 51.67
CA ASP D 163 -11.38 -14.21 52.87
C ASP D 163 -12.84 -13.83 52.65
N GLY D 164 -13.31 -13.76 51.41
CA GLY D 164 -14.68 -13.33 51.16
C GLY D 164 -15.51 -14.23 50.28
N ALA D 165 -16.63 -13.70 49.79
CA ALA D 165 -17.55 -14.43 48.94
C ALA D 165 -17.28 -14.11 47.46
N LEU D 166 -17.40 -15.12 46.61
CA LEU D 166 -17.20 -14.98 45.18
C LEU D 166 -18.51 -15.32 44.47
N LEU D 167 -19.03 -14.37 43.71
CA LEU D 167 -20.19 -14.60 42.84
C LEU D 167 -19.66 -14.81 41.43
N VAL D 168 -19.92 -15.99 40.86
CA VAL D 168 -19.38 -16.38 39.56
C VAL D 168 -20.54 -16.61 38.60
N ASN D 169 -20.55 -15.87 37.49
CA ASN D 169 -21.49 -16.06 36.40
C ASN D 169 -20.75 -16.61 35.18
N ALA D 170 -21.17 -17.79 34.72
CA ALA D 170 -20.60 -18.43 33.54
C ALA D 170 -21.66 -18.48 32.45
N MET D 171 -21.28 -18.07 31.24
CA MET D 171 -22.24 -17.92 30.16
C MET D 171 -21.68 -18.43 28.85
N PHE D 172 -22.56 -18.98 28.03
CA PHE D 172 -22.27 -19.26 26.63
C PHE D 172 -23.46 -18.79 25.81
N PHE D 173 -23.19 -17.91 24.84
CA PHE D 173 -24.23 -17.37 23.98
C PHE D 173 -23.79 -17.50 22.53
N LYS D 174 -24.67 -18.04 21.70
CA LYS D 174 -24.39 -18.24 20.27
C LYS D 174 -25.57 -17.72 19.46
N PRO D 175 -25.45 -16.55 18.82
CA PRO D 175 -26.57 -16.02 18.03
C PRO D 175 -26.91 -16.93 16.87
N HIS D 176 -28.21 -17.22 16.72
CA HIS D 176 -28.74 -18.02 15.63
C HIS D 176 -29.48 -17.09 14.68
N TRP D 177 -28.88 -16.84 13.52
CA TRP D 177 -29.41 -15.84 12.61
C TRP D 177 -30.75 -16.28 12.03
N ASP D 178 -31.65 -15.31 11.84
CA ASP D 178 -32.89 -15.59 11.14
C ASP D 178 -32.64 -16.01 9.70
N GLU D 179 -31.49 -15.62 9.14
CA GLU D 179 -31.05 -16.05 7.82
C GLU D 179 -29.60 -16.47 7.92
N LYS D 180 -29.36 -17.77 7.75
CA LYS D 180 -28.04 -18.35 7.97
C LYS D 180 -27.02 -17.85 6.97
N PHE D 181 -25.76 -17.84 7.39
CA PHE D 181 -24.64 -17.72 6.47
C PHE D 181 -24.39 -19.07 5.81
N HIS D 182 -23.88 -19.03 4.59
CA HIS D 182 -23.46 -20.28 3.94
C HIS D 182 -22.19 -20.77 4.62
N HIS D 183 -22.19 -22.04 5.04
CA HIS D 183 -21.07 -22.56 5.82
C HIS D 183 -19.77 -22.59 5.04
N LYS D 184 -19.81 -22.42 3.72
CA LYS D 184 -18.61 -22.31 2.89
C LYS D 184 -18.14 -20.88 2.72
N MET D 185 -18.96 -19.89 3.07
CA MET D 185 -18.60 -18.48 2.95
C MET D 185 -17.74 -18.03 4.13
N VAL D 186 -16.61 -18.72 4.29
CA VAL D 186 -15.73 -18.51 5.44
C VAL D 186 -14.28 -18.54 4.95
N ASP D 187 -13.51 -17.52 5.31
CA ASP D 187 -12.10 -17.47 4.95
C ASP D 187 -11.34 -16.67 6.02
N ASN D 188 -10.04 -16.54 5.81
CA ASN D 188 -9.16 -15.86 6.75
C ASN D 188 -8.82 -14.47 6.24
N ARG D 189 -9.01 -13.47 7.11
CA ARG D 189 -8.73 -12.08 6.80
C ARG D 189 -7.94 -11.47 7.94
N GLY D 190 -7.63 -10.19 7.82
CA GLY D 190 -6.91 -9.47 8.85
C GLY D 190 -7.87 -8.58 9.61
N PHE D 191 -7.79 -8.66 10.94
CA PHE D 191 -8.55 -7.80 11.81
C PHE D 191 -7.65 -6.67 12.29
N MET D 192 -8.01 -5.44 11.94
CA MET D 192 -7.21 -4.26 12.30
C MET D 192 -7.64 -3.82 13.68
N VAL D 193 -6.88 -4.22 14.71
CA VAL D 193 -7.15 -3.75 16.07
C VAL D 193 -6.99 -2.24 16.14
N THR D 194 -5.88 -1.73 15.60
CA THR D 194 -5.68 -0.33 15.32
C THR D 194 -5.14 -0.22 13.89
N ARG D 195 -4.84 1.00 13.45
CA ARG D 195 -4.20 1.14 12.15
C ARG D 195 -2.77 0.62 12.14
N SER D 196 -2.21 0.35 13.31
CA SER D 196 -0.84 -0.12 13.43
C SER D 196 -0.75 -1.56 13.90
N TYR D 197 -1.89 -2.23 14.05
CA TYR D 197 -1.93 -3.56 14.66
C TYR D 197 -2.99 -4.38 13.96
N THR D 198 -2.59 -5.42 13.25
CA THR D 198 -3.51 -6.30 12.54
C THR D 198 -3.34 -7.74 13.00
N VAL D 199 -4.44 -8.38 13.35
CA VAL D 199 -4.46 -9.77 13.82
C VAL D 199 -5.16 -10.64 12.78
N GLY D 200 -4.58 -11.80 12.49
CA GLY D 200 -5.20 -12.73 11.57
C GLY D 200 -6.39 -13.42 12.22
N VAL D 201 -7.57 -13.33 11.60
CA VAL D 201 -8.79 -13.92 12.14
C VAL D 201 -9.54 -14.62 11.00
N THR D 202 -10.57 -15.36 11.38
CA THR D 202 -11.49 -15.98 10.45
C THR D 202 -12.76 -15.15 10.33
N MET D 203 -13.24 -14.97 9.10
CA MET D 203 -14.43 -14.16 8.86
C MET D 203 -15.46 -14.94 8.06
N MET D 204 -16.73 -14.65 8.34
CA MET D 204 -17.86 -15.20 7.61
C MET D 204 -18.60 -14.07 6.89
N HIS D 205 -19.14 -14.38 5.71
CA HIS D 205 -19.65 -13.38 4.79
C HIS D 205 -21.04 -13.74 4.29
N ARG D 206 -21.92 -12.75 4.24
CA ARG D 206 -23.28 -12.92 3.71
C ARG D 206 -23.79 -11.58 3.18
N THR D 207 -24.61 -11.66 2.13
CA THR D 207 -25.30 -10.50 1.58
C THR D 207 -26.80 -10.72 1.69
N GLY D 208 -27.50 -9.73 2.20
CA GLY D 208 -28.94 -9.85 2.38
C GLY D 208 -29.56 -8.51 2.69
N LEU D 209 -30.86 -8.55 2.98
CA LEU D 209 -31.61 -7.35 3.32
C LEU D 209 -31.60 -7.13 4.83
N TYR D 210 -31.04 -5.99 5.25
CA TYR D 210 -30.94 -5.66 6.66
C TYR D 210 -31.32 -4.21 6.88
N ASN D 211 -31.90 -3.92 8.04
CA ASN D 211 -32.07 -2.55 8.46
C ASN D 211 -30.71 -1.91 8.69
N TYR D 212 -30.49 -0.76 8.06
CA TYR D 212 -29.16 -0.17 7.96
C TYR D 212 -29.27 1.33 8.05
N TYR D 213 -28.26 1.95 8.66
CA TYR D 213 -28.15 3.41 8.69
C TYR D 213 -26.71 3.82 8.49
N ASP D 214 -26.50 4.79 7.60
CA ASP D 214 -25.18 5.30 7.25
C ASP D 214 -25.09 6.75 7.70
N ASP D 215 -24.31 7.00 8.76
CA ASP D 215 -24.12 8.35 9.29
C ASP D 215 -22.82 8.90 8.70
N GLU D 216 -22.92 9.58 7.56
CA GLU D 216 -21.74 10.13 6.93
C GLU D 216 -21.11 11.24 7.76
N LYS D 217 -21.91 11.96 8.54
CA LYS D 217 -21.38 13.05 9.34
C LYS D 217 -20.52 12.53 10.48
N GLU D 218 -21.01 11.52 11.20
CA GLU D 218 -20.26 10.91 12.29
C GLU D 218 -19.38 9.76 11.82
N LYS D 219 -19.47 9.40 10.53
CA LYS D 219 -18.63 8.38 9.92
C LYS D 219 -18.72 7.05 10.66
N LEU D 220 -19.95 6.53 10.74
CA LEU D 220 -20.22 5.26 11.40
C LEU D 220 -21.30 4.51 10.63
N GLN D 221 -21.28 3.19 10.77
CA GLN D 221 -22.30 2.31 10.22
C GLN D 221 -22.98 1.58 11.36
N ILE D 222 -24.28 1.35 11.22
CA ILE D 222 -25.04 0.58 12.21
C ILE D 222 -26.02 -0.31 11.45
N VAL D 223 -26.06 -1.60 11.81
CA VAL D 223 -26.87 -2.57 11.11
C VAL D 223 -27.56 -3.45 12.14
N GLU D 224 -28.77 -3.90 11.80
CA GLU D 224 -29.56 -4.77 12.66
C GLU D 224 -29.67 -6.14 12.00
N MET D 225 -29.12 -7.16 12.66
CA MET D 225 -29.21 -8.52 12.16
C MET D 225 -30.25 -9.28 12.95
N PRO D 226 -31.41 -9.60 12.39
CA PRO D 226 -32.42 -10.34 13.15
C PRO D 226 -31.93 -11.73 13.51
N LEU D 227 -32.23 -12.15 14.72
CA LEU D 227 -31.93 -13.50 15.18
C LEU D 227 -33.11 -14.41 14.83
N ALA D 228 -32.98 -15.70 15.14
CA ALA D 228 -33.92 -16.71 14.68
C ALA D 228 -35.36 -16.33 15.04
N HIS D 229 -36.22 -16.34 14.02
CA HIS D 229 -37.65 -16.06 14.14
C HIS D 229 -37.94 -14.64 14.61
N LYS D 230 -36.95 -13.75 14.50
CA LYS D 230 -37.12 -12.32 14.78
C LYS D 230 -37.61 -12.04 16.20
N LEU D 231 -37.35 -12.96 17.14
CA LEU D 231 -37.67 -12.71 18.53
C LEU D 231 -36.64 -11.82 19.20
N SER D 232 -35.45 -11.72 18.61
CA SER D 232 -34.41 -10.82 19.08
C SER D 232 -33.56 -10.43 17.88
N SER D 233 -32.76 -9.38 18.05
CA SER D 233 -31.90 -8.91 16.97
C SER D 233 -30.54 -8.54 17.55
N LEU D 234 -29.51 -8.65 16.70
CA LEU D 234 -28.15 -8.27 17.06
C LEU D 234 -27.79 -7.01 16.28
N ILE D 235 -27.45 -5.94 17.00
CA ILE D 235 -27.16 -4.64 16.41
C ILE D 235 -25.67 -4.38 16.54
N ILE D 236 -25.05 -3.91 15.46
CA ILE D 236 -23.61 -3.65 15.43
C ILE D 236 -23.38 -2.18 15.08
N LEU D 237 -22.56 -1.52 15.89
CA LEU D 237 -22.16 -0.13 15.67
C LEU D 237 -20.67 -0.12 15.34
N MET D 238 -20.31 0.52 14.23
CA MET D 238 -18.93 0.43 13.79
C MET D 238 -18.51 1.70 13.07
N PRO D 239 -17.31 2.21 13.34
CA PRO D 239 -16.77 3.31 12.52
C PRO D 239 -16.50 2.83 11.10
N ASN D 240 -16.48 3.80 10.18
CA ASN D 240 -16.28 3.48 8.76
C ASN D 240 -14.94 2.81 8.53
N ASN D 241 -13.87 3.39 9.07
CA ASN D 241 -12.53 2.83 8.98
C ASN D 241 -12.01 2.56 10.39
N VAL D 242 -10.82 1.96 10.45
CA VAL D 242 -10.23 1.59 11.73
C VAL D 242 -9.91 2.84 12.53
N GLU D 243 -10.44 2.91 13.75
CA GLU D 243 -10.18 4.03 14.66
C GLU D 243 -10.54 3.58 16.06
N PRO D 244 -9.99 4.23 17.09
CA PRO D 244 -10.35 3.87 18.47
C PRO D 244 -11.84 4.11 18.72
N LEU D 245 -12.43 3.24 19.54
CA LEU D 245 -13.86 3.32 19.81
C LEU D 245 -14.24 4.43 20.77
N GLU D 246 -13.27 5.19 21.27
CA GLU D 246 -13.57 6.19 22.29
C GLU D 246 -14.56 7.23 21.78
N ARG D 247 -14.37 7.71 20.55
CA ARG D 247 -15.29 8.69 19.99
C ARG D 247 -16.69 8.12 19.80
N LEU D 248 -16.78 6.91 19.25
CA LEU D 248 -18.09 6.30 19.03
C LEU D 248 -18.79 6.02 20.36
N GLU D 249 -18.04 5.59 21.37
CA GLU D 249 -18.63 5.33 22.68
C GLU D 249 -19.20 6.60 23.30
N LYS D 250 -18.63 7.75 22.97
CA LYS D 250 -19.14 9.02 23.46
C LYS D 250 -20.57 9.27 22.96
N LEU D 251 -20.90 8.77 21.76
CA LEU D 251 -22.25 8.86 21.24
C LEU D 251 -23.18 7.77 21.74
N LEU D 252 -22.64 6.71 22.35
CA LEU D 252 -23.44 5.53 22.70
C LEU D 252 -24.27 5.83 23.94
N THR D 253 -25.50 6.28 23.73
CA THR D 253 -26.48 6.46 24.79
C THR D 253 -27.74 5.69 24.45
N LYS D 254 -28.63 5.60 25.44
CA LYS D 254 -29.92 4.93 25.22
C LYS D 254 -30.80 5.71 24.25
N GLU D 255 -30.72 7.04 24.29
CA GLU D 255 -31.54 7.87 23.41
C GLU D 255 -30.94 7.96 22.01
N GLN D 256 -29.61 8.04 21.91
CA GLN D 256 -28.98 8.09 20.59
C GLN D 256 -29.18 6.77 19.85
N LEU D 257 -29.15 5.65 20.57
CA LEU D 257 -29.42 4.36 19.96
C LEU D 257 -30.84 4.31 19.40
N LYS D 258 -31.79 4.94 20.10
CA LYS D 258 -33.16 5.01 19.58
C LYS D 258 -33.21 5.82 18.30
N ILE D 259 -32.40 6.87 18.20
CA ILE D 259 -32.39 7.69 16.99
C ILE D 259 -31.81 6.89 15.82
N TRP D 260 -30.73 6.15 16.06
CA TRP D 260 -30.12 5.37 14.99
C TRP D 260 -31.04 4.26 14.52
N MET D 261 -31.69 3.56 15.45
CA MET D 261 -32.63 2.51 15.05
C MET D 261 -33.83 3.09 14.32
N GLY D 262 -34.24 4.32 14.66
CA GLY D 262 -35.36 4.95 13.99
C GLY D 262 -35.03 5.46 12.60
N LYS D 263 -33.75 5.63 12.28
CA LYS D 263 -33.32 6.07 10.96
C LYS D 263 -32.96 4.91 10.05
N MET D 264 -33.08 3.67 10.53
CA MET D 264 -32.68 2.50 9.75
C MET D 264 -33.71 2.20 8.67
N GLN D 265 -33.22 1.75 7.52
CA GLN D 265 -34.06 1.32 6.43
C GLN D 265 -33.51 -0.01 5.90
N LYS D 266 -34.41 -0.90 5.50
CA LYS D 266 -34.00 -2.20 4.97
C LYS D 266 -33.31 -2.01 3.62
N LYS D 267 -32.01 -2.26 3.60
CA LYS D 267 -31.22 -2.18 2.37
C LYS D 267 -30.42 -3.47 2.19
N ALA D 268 -29.98 -3.68 0.97
CA ALA D 268 -29.06 -4.79 0.68
C ALA D 268 -27.71 -4.48 1.31
N VAL D 269 -27.24 -5.36 2.18
CA VAL D 269 -25.98 -5.16 2.89
C VAL D 269 -25.16 -6.44 2.78
N ALA D 270 -23.88 -6.28 2.44
CA ALA D 270 -22.93 -7.39 2.43
C ALA D 270 -22.18 -7.31 3.75
N ILE D 271 -22.55 -8.20 4.68
CA ILE D 271 -22.00 -8.21 6.03
C ILE D 271 -20.87 -9.21 6.10
N SER D 272 -19.72 -8.77 6.61
CA SER D 272 -18.58 -9.63 6.88
C SER D 272 -18.25 -9.55 8.36
N LEU D 273 -18.35 -10.68 9.06
CA LEU D 273 -18.12 -10.70 10.49
C LEU D 273 -17.02 -11.69 10.84
N PRO D 274 -16.25 -11.42 11.89
CA PRO D 274 -15.35 -12.44 12.42
C PRO D 274 -16.12 -13.66 12.89
N LYS D 275 -15.52 -14.83 12.68
CA LYS D 275 -16.11 -16.11 13.08
C LYS D 275 -15.25 -16.75 14.16
N GLY D 276 -15.89 -17.20 15.22
CA GLY D 276 -15.16 -17.87 16.29
C GLY D 276 -15.79 -17.57 17.65
N VAL D 277 -15.16 -18.13 18.68
CA VAL D 277 -15.60 -17.96 20.06
C VAL D 277 -14.76 -16.87 20.70
N VAL D 278 -15.44 -15.85 21.23
CA VAL D 278 -14.80 -14.78 21.98
C VAL D 278 -15.01 -15.07 23.46
N GLU D 279 -13.92 -15.15 24.22
CA GLU D 279 -13.98 -15.42 25.64
C GLU D 279 -13.57 -14.17 26.41
N VAL D 280 -14.49 -13.65 27.22
CA VAL D 280 -14.25 -12.44 28.01
C VAL D 280 -14.64 -12.75 29.46
N THR D 281 -13.74 -12.42 30.39
CA THR D 281 -14.02 -12.56 31.81
C THR D 281 -13.80 -11.21 32.48
N HIS D 282 -14.86 -10.66 33.07
CA HIS D 282 -14.78 -9.42 33.83
C HIS D 282 -14.96 -9.70 35.31
N ASP D 283 -14.20 -8.99 36.14
CA ASP D 283 -14.45 -8.91 37.57
C ASP D 283 -15.09 -7.55 37.83
N LEU D 284 -16.41 -7.53 37.93
CA LEU D 284 -17.18 -6.30 38.07
C LEU D 284 -17.08 -5.67 39.46
N GLN D 285 -16.27 -6.22 40.37
CA GLN D 285 -16.27 -5.73 41.75
C GLN D 285 -15.89 -4.25 41.81
N LYS D 286 -14.75 -3.87 41.23
CA LYS D 286 -14.33 -2.48 41.28
C LYS D 286 -15.30 -1.58 40.53
N HIS D 287 -15.83 -2.03 39.40
CA HIS D 287 -16.70 -1.18 38.60
C HIS D 287 -18.08 -1.05 39.21
N LEU D 288 -18.58 -2.09 39.88
CA LEU D 288 -19.85 -1.96 40.59
C LEU D 288 -19.70 -1.01 41.78
N ALA D 289 -18.52 -0.98 42.40
CA ALA D 289 -18.27 -0.01 43.47
C ALA D 289 -18.30 1.41 42.94
N GLY D 290 -17.70 1.63 41.76
CA GLY D 290 -17.72 2.95 41.16
C GLY D 290 -19.10 3.45 40.82
N LEU D 291 -20.06 2.54 40.66
CA LEU D 291 -21.44 2.92 40.40
C LEU D 291 -22.27 3.09 41.67
N GLY D 292 -21.75 2.66 42.82
CA GLY D 292 -22.45 2.85 44.07
C GLY D 292 -22.42 1.68 45.04
N LEU D 293 -21.93 0.53 44.60
CA LEU D 293 -21.87 -0.66 45.46
C LEU D 293 -20.56 -0.65 46.25
N THR D 294 -20.49 0.31 47.18
CA THR D 294 -19.27 0.57 47.94
C THR D 294 -19.19 -0.29 49.19
N GLU D 295 -20.29 -0.43 49.91
CA GLU D 295 -20.26 -1.08 51.22
C GLU D 295 -20.16 -2.59 51.11
N ALA D 296 -20.75 -3.19 50.08
CA ALA D 296 -20.78 -4.64 49.97
C ALA D 296 -19.39 -5.24 49.77
N ILE D 297 -18.47 -4.50 49.15
CA ILE D 297 -17.16 -5.04 48.79
C ILE D 297 -16.08 -4.76 49.83
N ASP D 298 -16.42 -4.09 50.94
CA ASP D 298 -15.44 -3.75 51.96
C ASP D 298 -15.55 -4.71 53.12
N LYS D 299 -14.41 -5.31 53.49
CA LYS D 299 -14.38 -6.25 54.60
C LYS D 299 -14.84 -5.62 55.91
N ASN D 300 -14.61 -4.32 56.07
CA ASN D 300 -14.85 -3.65 57.35
C ASN D 300 -16.24 -3.03 57.47
N LYS D 301 -17.03 -2.95 56.39
CA LYS D 301 -18.33 -2.29 56.50
C LYS D 301 -19.42 -3.00 55.70
N ALA D 302 -19.21 -4.25 55.29
CA ALA D 302 -20.22 -5.00 54.57
C ALA D 302 -21.22 -5.64 55.53
N ASP D 303 -22.50 -5.54 55.20
CA ASP D 303 -23.58 -6.15 55.97
C ASP D 303 -24.29 -7.17 55.07
N LEU D 304 -23.71 -8.36 54.97
CA LEU D 304 -24.32 -9.49 54.26
C LEU D 304 -24.80 -10.53 55.26
N SER D 305 -25.38 -10.06 56.36
CA SER D 305 -25.76 -10.95 57.46
C SER D 305 -26.91 -11.88 57.10
N ARG D 306 -27.75 -11.51 56.13
CA ARG D 306 -28.82 -12.43 55.72
C ARG D 306 -28.30 -13.63 54.94
N MET D 307 -27.02 -13.62 54.53
CA MET D 307 -26.47 -14.78 53.85
C MET D 307 -25.97 -15.83 54.84
N SER D 308 -25.40 -15.40 55.97
CA SER D 308 -24.75 -16.32 56.89
C SER D 308 -25.09 -16.10 58.35
N GLY D 309 -25.83 -15.04 58.71
CA GLY D 309 -26.17 -14.74 60.09
C GLY D 309 -25.21 -13.83 60.82
N LYS D 310 -23.96 -13.74 60.37
CA LYS D 310 -22.98 -12.86 60.99
C LYS D 310 -22.33 -11.99 59.92
N LYS D 311 -21.70 -10.90 60.39
CA LYS D 311 -20.98 -9.99 59.51
C LYS D 311 -19.56 -10.50 59.25
N ASP D 312 -19.44 -11.77 58.89
CA ASP D 312 -18.17 -12.39 58.55
C ASP D 312 -17.97 -12.49 57.05
N LEU D 313 -18.86 -11.92 56.25
CA LEU D 313 -18.84 -12.06 54.81
C LEU D 313 -18.79 -10.69 54.14
N TYR D 314 -18.02 -10.61 53.06
CA TYR D 314 -18.03 -9.45 52.17
C TYR D 314 -17.91 -9.94 50.74
N LEU D 315 -18.39 -9.12 49.81
CA LEU D 315 -18.37 -9.45 48.39
C LEU D 315 -16.96 -9.24 47.86
N ALA D 316 -16.23 -10.34 47.64
CA ALA D 316 -14.85 -10.23 47.19
C ALA D 316 -14.76 -9.98 45.69
N SER D 317 -15.49 -10.75 44.89
CA SER D 317 -15.43 -10.60 43.45
C SER D 317 -16.77 -10.94 42.83
N VAL D 318 -17.05 -10.30 41.69
CA VAL D 318 -18.23 -10.61 40.88
C VAL D 318 -17.72 -10.96 39.48
N PHE D 319 -17.46 -12.25 39.26
CA PHE D 319 -16.93 -12.70 37.98
C PHE D 319 -18.04 -12.80 36.94
N HIS D 320 -17.86 -12.10 35.82
CA HIS D 320 -18.79 -12.16 34.69
C HIS D 320 -18.01 -12.70 33.49
N ALA D 321 -18.11 -14.01 33.27
CA ALA D 321 -17.35 -14.69 32.24
C ALA D 321 -18.28 -15.17 31.14
N THR D 322 -17.93 -14.86 29.88
CA THR D 322 -18.81 -15.15 28.76
C THR D 322 -18.01 -15.73 27.60
N ALA D 323 -18.52 -16.81 27.02
CA ALA D 323 -18.04 -17.33 25.75
C ALA D 323 -19.10 -16.99 24.71
N PHE D 324 -18.74 -16.12 23.77
CA PHE D 324 -19.65 -15.60 22.75
C PHE D 324 -19.17 -16.13 21.40
N GLU D 325 -19.96 -17.00 20.79
CA GLU D 325 -19.57 -17.64 19.54
C GLU D 325 -20.24 -16.94 18.36
N TRP D 326 -19.43 -16.45 17.44
CA TRP D 326 -19.92 -15.96 16.15
C TRP D 326 -19.82 -17.10 15.14
N ASP D 327 -20.96 -17.55 14.62
CA ASP D 327 -21.00 -18.70 13.74
C ASP D 327 -21.93 -18.42 12.57
N THR D 328 -21.88 -19.29 11.57
CA THR D 328 -22.65 -19.10 10.35
C THR D 328 -24.07 -19.64 10.45
N GLU D 329 -24.35 -20.47 11.45
CA GLU D 329 -25.60 -21.23 11.46
C GLU D 329 -26.80 -20.35 11.78
N GLY D 330 -27.94 -20.72 11.19
CA GLY D 330 -29.16 -19.98 11.36
C GLY D 330 -30.28 -20.66 10.62
N ASN D 331 -31.43 -19.99 10.55
CA ASN D 331 -32.55 -20.58 9.83
C ASN D 331 -32.27 -20.55 8.32
N PRO D 332 -32.73 -21.57 7.60
CA PRO D 332 -32.63 -21.53 6.14
C PRO D 332 -33.62 -20.53 5.54
N PHE D 333 -33.23 -19.94 4.43
CA PHE D 333 -34.05 -18.94 3.76
C PHE D 333 -34.30 -19.33 2.31
N ARG D 344 -30.12 -1.42 -5.03
CA ARG D 344 -29.96 -2.87 -4.83
C ARG D 344 -28.49 -3.26 -4.80
N SER D 345 -27.61 -2.26 -4.74
CA SER D 345 -26.17 -2.47 -4.78
C SER D 345 -25.66 -2.47 -3.35
N PRO D 346 -25.32 -3.61 -2.79
CA PRO D 346 -25.22 -3.71 -1.33
C PRO D 346 -24.09 -2.88 -0.74
N LYS D 347 -24.41 -2.23 0.38
CA LYS D 347 -23.41 -1.60 1.23
C LYS D 347 -22.51 -2.66 1.84
N LEU D 348 -21.25 -2.31 2.04
CA LEU D 348 -20.30 -3.21 2.69
C LEU D 348 -20.27 -2.90 4.18
N PHE D 349 -20.62 -3.89 5.00
CA PHE D 349 -20.46 -3.83 6.44
C PHE D 349 -19.35 -4.81 6.79
N TYR D 350 -18.11 -4.34 6.67
CA TYR D 350 -16.90 -5.15 6.76
C TYR D 350 -16.31 -4.94 8.16
N ALA D 351 -16.60 -5.86 9.08
CA ALA D 351 -16.24 -5.69 10.48
C ALA D 351 -14.88 -6.34 10.75
N ASP D 352 -13.84 -5.71 10.21
CA ASP D 352 -12.46 -6.12 10.42
C ASP D 352 -11.72 -5.17 11.34
N HIS D 353 -12.44 -4.39 12.13
CA HIS D 353 -11.88 -3.44 13.08
C HIS D 353 -12.84 -3.32 14.24
N PRO D 354 -12.40 -2.78 15.38
CA PRO D 354 -13.24 -2.80 16.59
C PRO D 354 -14.62 -2.23 16.35
N PHE D 355 -15.62 -2.85 16.98
CA PHE D 355 -17.00 -2.45 16.83
C PHE D 355 -17.74 -2.71 18.14
N ILE D 356 -18.94 -2.16 18.24
CA ILE D 356 -19.81 -2.35 19.39
C ILE D 356 -21.01 -3.16 18.94
N PHE D 357 -21.46 -4.08 19.79
CA PHE D 357 -22.61 -4.90 19.44
C PHE D 357 -23.56 -5.04 20.62
N LEU D 358 -24.85 -5.14 20.31
CA LEU D 358 -25.90 -5.33 21.30
C LEU D 358 -26.86 -6.40 20.82
N VAL D 359 -27.34 -7.22 21.76
CA VAL D 359 -28.40 -8.18 21.50
C VAL D 359 -29.65 -7.68 22.20
N ARG D 360 -30.72 -7.52 21.44
CA ARG D 360 -31.95 -6.87 21.89
C ARG D 360 -33.14 -7.79 21.64
N ASP D 361 -33.93 -8.02 22.68
CA ASP D 361 -35.18 -8.78 22.54
C ASP D 361 -36.19 -7.87 21.86
N THR D 362 -36.54 -8.20 20.61
CA THR D 362 -37.39 -7.30 19.83
C THR D 362 -38.77 -7.11 20.45
N GLN D 363 -39.23 -8.06 21.26
CA GLN D 363 -40.57 -7.93 21.85
C GLN D 363 -40.54 -7.00 23.06
N SER D 364 -39.91 -7.43 24.15
CA SER D 364 -39.90 -6.64 25.37
C SER D 364 -38.92 -5.48 25.33
N GLY D 365 -38.08 -5.39 24.31
CA GLY D 365 -37.05 -4.39 24.27
C GLY D 365 -35.91 -4.59 25.23
N SER D 366 -35.89 -5.70 25.97
CA SER D 366 -34.85 -5.92 26.97
C SER D 366 -33.52 -6.15 26.28
N LEU D 367 -32.45 -5.60 26.87
CA LEU D 367 -31.10 -5.77 26.35
C LEU D 367 -30.51 -7.06 26.92
N LEU D 368 -30.27 -8.03 26.06
CA LEU D 368 -29.65 -9.28 26.51
C LEU D 368 -28.14 -9.16 26.60
N PHE D 369 -27.52 -8.36 25.74
CA PHE D 369 -26.08 -8.23 25.73
C PHE D 369 -25.69 -6.84 25.25
N ILE D 370 -24.58 -6.36 25.78
CA ILE D 370 -23.90 -5.18 25.27
C ILE D 370 -22.41 -5.42 25.41
N GLY D 371 -21.65 -5.04 24.40
CA GLY D 371 -20.22 -5.30 24.45
C GLY D 371 -19.52 -4.71 23.25
N ARG D 372 -18.23 -5.03 23.16
CA ARG D 372 -17.41 -4.57 22.05
C ARG D 372 -16.33 -5.60 21.79
N LEU D 373 -16.00 -5.80 20.54
CA LEU D 373 -14.92 -6.68 20.13
C LEU D 373 -13.79 -5.78 19.64
N VAL D 374 -12.70 -5.76 20.38
CA VAL D 374 -11.55 -4.95 20.02
C VAL D 374 -10.42 -5.80 19.45
N ARG D 375 -10.17 -6.95 20.06
CA ARG D 375 -9.09 -7.80 19.57
C ARG D 375 -9.49 -9.27 19.70
N PRO D 376 -9.76 -9.95 18.58
CA PRO D 376 -10.05 -11.39 18.65
C PRO D 376 -8.79 -12.19 18.91
N LYS D 377 -8.99 -13.49 19.16
CA LYS D 377 -7.88 -14.41 19.35
C LYS D 377 -7.34 -14.85 17.99
N GLY D 378 -6.02 -14.83 17.86
CA GLY D 378 -5.39 -15.22 16.61
C GLY D 378 -4.01 -14.60 16.49
N ASP D 379 -3.44 -14.75 15.29
CA ASP D 379 -2.11 -14.22 15.00
C ASP D 379 -2.21 -12.92 14.20
N LEU E 3 -6.35 -8.84 33.24
CA LEU E 3 -5.67 -8.60 34.51
C LEU E 3 -6.62 -8.00 35.53
N SER E 4 -6.26 -8.10 36.81
CA SER E 4 -7.07 -7.53 37.86
C SER E 4 -6.89 -6.00 37.91
N PRO E 5 -7.85 -5.28 38.48
CA PRO E 5 -7.66 -3.83 38.64
C PRO E 5 -6.38 -3.44 39.37
N LYS E 6 -6.01 -4.17 40.43
CA LYS E 6 -4.82 -3.81 41.18
C LYS E 6 -3.54 -4.17 40.42
N ALA E 7 -3.59 -5.23 39.60
CA ALA E 7 -2.43 -5.56 38.78
C ALA E 7 -2.29 -4.60 37.61
N ALA E 8 -3.41 -4.04 37.14
CA ALA E 8 -3.37 -3.10 36.04
C ALA E 8 -2.78 -1.77 36.47
N THR E 9 -3.13 -1.30 37.67
CA THR E 9 -2.56 -0.05 38.17
C THR E 9 -1.08 -0.21 38.48
N LEU E 10 -0.67 -1.39 38.94
CA LEU E 10 0.75 -1.64 39.18
C LEU E 10 1.54 -1.74 37.88
N ALA E 11 0.89 -2.13 36.79
CA ALA E 11 1.57 -2.14 35.49
C ALA E 11 1.90 -0.73 35.02
N GLU E 12 0.98 0.22 35.22
CA GLU E 12 1.23 1.60 34.80
C GLU E 12 2.25 2.28 35.69
N ARG E 13 2.29 1.96 36.97
CA ARG E 13 3.22 2.60 37.89
C ARG E 13 4.61 1.99 37.84
N SER E 14 4.72 0.69 37.58
CA SER E 14 6.03 0.10 37.35
C SER E 14 6.67 0.66 36.07
N ALA E 15 5.85 1.02 35.09
CA ALA E 15 6.37 1.67 33.89
C ALA E 15 6.88 3.07 34.20
N GLY E 16 6.14 3.81 35.03
CA GLY E 16 6.63 5.12 35.46
C GLY E 16 7.89 5.02 36.30
N LEU E 17 7.97 3.97 37.13
CA LEU E 17 9.19 3.73 37.91
C LEU E 17 10.38 3.45 36.99
N ALA E 18 10.13 2.81 35.85
CA ALA E 18 11.22 2.48 34.92
C ALA E 18 11.87 3.73 34.37
N PHE E 19 11.07 4.67 33.87
CA PHE E 19 11.60 5.93 33.38
C PHE E 19 12.36 6.66 34.47
N SER E 20 11.80 6.71 35.68
CA SER E 20 12.45 7.42 36.78
C SER E 20 13.76 6.74 37.17
N LEU E 21 13.79 5.42 37.16
CA LEU E 21 15.01 4.70 37.49
C LEU E 21 16.04 4.83 36.37
N TYR E 22 15.59 4.77 35.12
CA TYR E 22 16.50 4.89 33.98
C TYR E 22 17.21 6.24 33.97
N GLN E 23 16.46 7.33 34.20
CA GLN E 23 17.05 8.67 34.15
C GLN E 23 18.12 8.84 35.21
N ALA E 24 17.91 8.27 36.40
CA ALA E 24 18.91 8.41 37.47
C ALA E 24 20.22 7.73 37.09
N MET E 25 20.15 6.53 36.52
CA MET E 25 21.37 5.83 36.13
C MET E 25 22.05 6.47 34.94
N ALA E 26 21.28 7.04 34.01
CA ALA E 26 21.89 7.66 32.83
C ALA E 26 22.75 8.84 33.21
N LYS E 27 22.40 9.56 34.27
CA LYS E 27 23.23 10.66 34.76
C LYS E 27 24.47 10.18 35.50
N ASP E 28 24.46 8.94 36.00
CA ASP E 28 25.62 8.36 36.67
C ASP E 28 26.69 8.06 35.64
N GLN E 29 27.82 8.77 35.74
CA GLN E 29 28.92 8.61 34.79
C GLN E 29 29.57 7.23 34.86
N ALA E 30 29.29 6.44 35.90
CA ALA E 30 29.88 5.12 36.01
C ALA E 30 29.08 4.06 35.25
N VAL E 31 27.84 4.36 34.88
CA VAL E 31 26.98 3.42 34.18
C VAL E 31 27.15 3.59 32.68
N GLU E 32 27.45 2.49 31.99
CA GLU E 32 27.46 2.50 30.52
C GLU E 32 26.16 1.89 30.00
N ASN E 33 26.17 0.59 29.76
CA ASN E 33 24.95 -0.09 29.35
C ASN E 33 23.95 -0.11 30.49
N ILE E 34 22.69 0.10 30.16
CA ILE E 34 21.59 0.02 31.12
C ILE E 34 20.67 -1.09 30.67
N LEU E 35 20.19 -1.88 31.63
CA LEU E 35 19.30 -3.00 31.33
C LEU E 35 18.48 -3.25 32.58
N LEU E 36 17.21 -2.87 32.54
CA LEU E 36 16.32 -2.91 33.69
C LEU E 36 15.01 -3.56 33.31
N SER E 37 14.51 -4.45 34.17
CA SER E 37 13.17 -4.95 34.01
C SER E 37 12.28 -4.27 35.03
N PRO E 38 11.35 -3.40 34.60
CA PRO E 38 10.57 -2.62 35.57
C PRO E 38 9.75 -3.47 36.53
N VAL E 39 9.22 -4.60 36.06
CA VAL E 39 8.39 -5.44 36.92
C VAL E 39 9.26 -6.15 37.95
N VAL E 40 10.48 -6.51 37.58
CA VAL E 40 11.39 -7.12 38.55
C VAL E 40 11.81 -6.08 39.59
N VAL E 41 12.04 -4.84 39.17
CA VAL E 41 12.37 -3.78 40.11
C VAL E 41 11.20 -3.54 41.06
N ALA E 42 9.99 -3.52 40.52
CA ALA E 42 8.81 -3.34 41.36
C ALA E 42 8.66 -4.49 42.36
N SER E 43 9.02 -5.71 41.94
CA SER E 43 8.94 -6.84 42.86
C SER E 43 9.93 -6.68 44.01
N SER E 44 11.13 -6.15 43.72
CA SER E 44 12.10 -5.89 44.77
C SER E 44 11.57 -4.91 45.81
N LEU E 45 10.92 -3.84 45.34
CA LEU E 45 10.29 -2.91 46.28
C LEU E 45 9.17 -3.59 47.05
N GLY E 46 8.45 -4.49 46.39
CA GLY E 46 7.40 -5.22 47.09
C GLY E 46 7.95 -6.11 48.18
N LEU E 47 9.12 -6.70 47.96
CA LEU E 47 9.76 -7.53 48.98
C LEU E 47 10.13 -6.70 50.20
N VAL E 48 10.63 -5.48 49.99
CA VAL E 48 10.96 -4.60 51.12
C VAL E 48 9.69 -4.23 51.88
N SER E 49 8.60 -3.96 51.15
CA SER E 49 7.32 -3.69 51.80
C SER E 49 6.79 -4.92 52.51
N LEU E 50 7.04 -6.12 51.96
CA LEU E 50 6.53 -7.34 52.58
C LEU E 50 7.29 -7.68 53.86
N GLY E 51 8.60 -7.45 53.87
CA GLY E 51 9.42 -7.75 55.02
C GLY E 51 9.84 -6.57 55.86
N GLY E 52 9.32 -5.39 55.59
CA GLY E 52 9.68 -4.21 56.35
C GLY E 52 8.57 -3.66 57.21
N LYS E 53 8.91 -2.79 58.15
CA LYS E 53 7.94 -2.14 59.02
C LYS E 53 8.16 -0.64 59.00
N ALA E 54 7.12 0.09 59.41
CA ALA E 54 7.19 1.53 59.69
C ALA E 54 7.64 2.24 58.42
N THR E 55 8.64 3.12 58.48
CA THR E 55 9.02 3.92 57.33
C THR E 55 9.73 3.08 56.27
N THR E 56 10.39 2.00 56.67
CA THR E 56 11.06 1.14 55.70
C THR E 56 10.06 0.55 54.71
N ALA E 57 8.89 0.13 55.19
CA ALA E 57 7.89 -0.45 54.31
C ALA E 57 7.12 0.62 53.53
N SER E 58 6.83 1.75 54.16
CA SER E 58 6.08 2.79 53.48
C SER E 58 6.91 3.45 52.38
N GLN E 59 8.22 3.56 52.58
CA GLN E 59 9.08 4.10 51.53
C GLN E 59 9.10 3.21 50.30
N ALA E 60 8.95 1.91 50.48
CA ALA E 60 8.90 1.00 49.33
C ALA E 60 7.68 1.27 48.47
N LYS E 61 6.51 1.47 49.09
CA LYS E 61 5.34 1.85 48.30
C LYS E 61 5.42 3.28 47.80
N ALA E 62 6.29 4.11 48.38
CA ALA E 62 6.48 5.46 47.87
C ALA E 62 7.23 5.45 46.55
N VAL E 63 8.35 4.72 46.50
CA VAL E 63 9.10 4.59 45.25
C VAL E 63 8.25 3.89 44.20
N LEU E 64 7.38 2.97 44.64
CA LEU E 64 6.45 2.29 43.74
C LEU E 64 5.26 3.17 43.36
N SER E 65 5.08 4.32 44.01
CA SER E 65 3.94 5.21 43.77
C SER E 65 2.62 4.47 43.97
N ALA E 66 2.57 3.61 44.99
CA ALA E 66 1.40 2.78 45.24
C ALA E 66 0.86 3.09 46.63
N GLU E 67 0.77 4.37 46.97
CA GLU E 67 0.24 4.77 48.26
C GLU E 67 -1.25 4.48 48.35
N GLN E 68 -1.99 4.70 47.26
CA GLN E 68 -3.42 4.44 47.29
C GLN E 68 -3.75 2.96 47.39
N LEU E 69 -2.78 2.08 47.23
CA LEU E 69 -2.98 0.66 47.47
C LEU E 69 -2.42 0.29 48.84
N ARG E 70 -3.11 -0.62 49.52
CA ARG E 70 -2.60 -1.14 50.78
C ARG E 70 -1.63 -2.28 50.54
N ASP E 71 -0.94 -2.68 51.62
CA ASP E 71 0.03 -3.76 51.52
C ASP E 71 -0.57 -5.03 50.97
N GLU E 72 -1.86 -5.28 51.23
CA GLU E 72 -2.48 -6.54 50.82
C GLU E 72 -2.61 -6.61 49.30
N GLU E 73 -3.15 -5.56 48.70
CA GLU E 73 -3.36 -5.53 47.25
C GLU E 73 -2.09 -5.25 46.45
N VAL E 74 -1.03 -4.74 47.09
CA VAL E 74 0.22 -4.54 46.37
C VAL E 74 0.92 -5.88 46.12
N HIS E 75 1.02 -6.72 47.15
CA HIS E 75 1.67 -8.02 46.98
C HIS E 75 0.87 -8.91 46.02
N ALA E 76 -0.45 -8.98 46.20
CA ALA E 76 -1.28 -9.79 45.32
C ALA E 76 -1.31 -9.24 43.91
N GLY E 77 -1.24 -7.91 43.76
CA GLY E 77 -1.25 -7.34 42.42
C GLY E 77 0.05 -7.58 41.68
N LEU E 78 1.18 -7.29 42.33
CA LEU E 78 2.46 -7.56 41.70
C LEU E 78 2.65 -9.03 41.43
N GLY E 79 2.16 -9.88 42.33
CA GLY E 79 2.26 -11.32 42.11
C GLY E 79 1.56 -11.74 40.83
N GLU E 80 0.32 -11.29 40.65
CA GLU E 80 -0.39 -11.57 39.41
C GLU E 80 0.31 -10.93 38.22
N LEU E 81 0.69 -9.65 38.35
CA LEU E 81 1.35 -8.97 37.25
C LEU E 81 2.66 -9.65 36.87
N LEU E 82 3.44 -10.06 37.87
CA LEU E 82 4.67 -10.79 37.59
C LEU E 82 4.36 -12.15 36.98
N ARG E 83 3.40 -12.85 37.56
CA ARG E 83 3.04 -14.18 37.07
C ARG E 83 2.32 -14.10 35.72
N SER E 84 1.56 -13.03 35.48
CA SER E 84 0.92 -12.84 34.18
C SER E 84 1.97 -12.68 33.08
N LEU E 85 2.86 -11.70 33.25
CA LEU E 85 3.88 -11.45 32.25
C LEU E 85 4.86 -12.61 32.14
N SER E 86 5.02 -13.38 33.22
CA SER E 86 5.90 -14.54 33.17
C SER E 86 5.32 -15.65 32.30
N ASN E 87 4.00 -15.79 32.27
CA ASN E 87 3.36 -16.86 31.51
C ASN E 87 2.61 -16.38 30.28
N SER E 88 2.19 -15.11 30.23
CA SER E 88 1.69 -14.55 28.99
C SER E 88 2.80 -14.30 27.97
N THR E 89 4.06 -14.34 28.40
CA THR E 89 5.20 -14.21 27.50
C THR E 89 6.13 -15.42 27.59
N ALA E 90 5.63 -16.54 28.08
CA ALA E 90 6.36 -17.81 28.05
C ALA E 90 6.02 -18.61 26.80
N ARG E 91 5.12 -18.11 25.96
CA ARG E 91 4.75 -18.72 24.70
C ARG E 91 5.39 -18.04 23.49
N ASN E 92 5.67 -16.74 23.58
CA ASN E 92 6.28 -16.03 22.46
C ASN E 92 7.80 -15.95 22.59
N VAL E 93 8.31 -15.28 23.62
CA VAL E 93 9.73 -15.02 23.78
C VAL E 93 10.29 -15.84 24.94
N THR E 94 11.59 -16.11 24.87
CA THR E 94 12.29 -16.80 25.96
C THR E 94 12.55 -15.83 27.10
N TRP E 95 12.20 -16.23 28.32
CA TRP E 95 12.25 -15.32 29.47
C TRP E 95 12.46 -16.16 30.72
N LYS E 96 13.63 -16.02 31.34
CA LYS E 96 14.02 -16.79 32.51
C LYS E 96 14.36 -15.82 33.62
N LEU E 97 13.68 -15.94 34.75
CA LEU E 97 13.80 -14.99 35.85
C LEU E 97 14.01 -15.75 37.15
N GLY E 98 14.95 -15.25 37.96
CA GLY E 98 15.15 -15.79 39.28
C GLY E 98 15.39 -14.68 40.28
N SER E 99 14.79 -14.80 41.47
CA SER E 99 14.97 -13.85 42.55
C SER E 99 15.30 -14.61 43.82
N ARG E 100 16.46 -14.33 44.40
CA ARG E 100 16.90 -15.01 45.61
C ARG E 100 17.37 -13.99 46.62
N LEU E 101 16.95 -14.16 47.86
CA LEU E 101 17.29 -13.26 48.96
C LEU E 101 18.33 -13.97 49.83
N TYR E 102 19.52 -13.38 49.94
CA TYR E 102 20.62 -13.97 50.68
C TYR E 102 20.74 -13.27 52.03
N GLY E 103 20.59 -14.04 53.11
CA GLY E 103 20.76 -13.51 54.44
C GLY E 103 21.99 -14.08 55.12
N PRO E 104 22.51 -13.36 56.10
CA PRO E 104 23.65 -13.90 56.87
C PRO E 104 23.29 -15.20 57.57
N SER E 105 24.32 -15.99 57.88
CA SER E 105 24.10 -17.31 58.45
C SER E 105 23.50 -17.23 59.86
N SER E 106 23.84 -16.21 60.63
CA SER E 106 23.23 -16.05 61.95
C SER E 106 21.78 -15.62 61.85
N VAL E 107 21.33 -15.23 60.67
CA VAL E 107 19.98 -14.76 60.43
C VAL E 107 19.11 -15.94 60.01
N SER E 108 17.90 -16.01 60.56
CA SER E 108 16.94 -17.04 60.19
C SER E 108 15.69 -16.37 59.62
N PHE E 109 15.39 -16.65 58.35
CA PHE E 109 14.24 -16.05 57.71
C PHE E 109 12.96 -16.55 58.37
N ALA E 110 12.05 -15.63 58.70
CA ALA E 110 10.79 -16.01 59.30
C ALA E 110 9.98 -16.86 58.33
N GLU E 111 9.22 -17.81 58.88
CA GLU E 111 8.53 -18.78 58.05
C GLU E 111 7.43 -18.14 57.23
N ASP E 112 6.71 -17.19 57.81
CA ASP E 112 5.61 -16.55 57.07
C ASP E 112 6.14 -15.71 55.92
N PHE E 113 7.29 -15.05 56.13
CA PHE E 113 7.88 -14.25 55.06
C PHE E 113 8.35 -15.13 53.91
N VAL E 114 8.91 -16.31 54.23
CA VAL E 114 9.37 -17.22 53.19
C VAL E 114 8.20 -17.70 52.34
N ARG E 115 7.05 -17.94 52.98
CA ARG E 115 5.89 -18.43 52.24
C ARG E 115 5.27 -17.33 51.39
N SER E 116 5.06 -16.15 51.97
CA SER E 116 4.39 -15.08 51.26
C SER E 116 5.27 -14.50 50.15
N SER E 117 6.58 -14.40 50.41
CA SER E 117 7.47 -13.87 49.38
C SER E 117 7.64 -14.86 48.23
N LYS E 118 7.54 -16.17 48.53
CA LYS E 118 7.57 -17.16 47.47
C LYS E 118 6.22 -17.27 46.77
N GLN E 119 5.12 -17.04 47.51
CA GLN E 119 3.80 -17.12 46.89
C GLN E 119 3.55 -15.96 45.94
N HIS E 120 3.93 -14.75 46.35
CA HIS E 120 3.69 -13.55 45.57
C HIS E 120 4.81 -13.27 44.57
N TYR E 121 6.06 -13.35 45.00
CA TYR E 121 7.19 -12.93 44.20
C TYR E 121 8.08 -14.08 43.74
N ASN E 122 7.72 -15.33 44.03
CA ASN E 122 8.53 -16.49 43.67
C ASN E 122 9.96 -16.34 44.19
N CYS E 123 10.09 -15.69 45.34
CA CYS E 123 11.40 -15.36 45.87
C CYS E 123 12.02 -16.57 46.54
N GLU E 124 13.29 -16.84 46.21
CA GLU E 124 14.09 -17.86 46.88
C GLU E 124 14.88 -17.23 48.02
N HIS E 125 15.23 -18.05 49.01
CA HIS E 125 15.93 -17.60 50.21
C HIS E 125 17.13 -18.49 50.49
N SER E 126 18.28 -17.88 50.74
CA SER E 126 19.51 -18.61 51.01
C SER E 126 20.33 -17.87 52.07
N LYS E 127 21.26 -18.59 52.68
CA LYS E 127 22.15 -18.03 53.69
C LYS E 127 23.57 -18.02 53.18
N ILE E 128 24.32 -16.95 53.50
CA ILE E 128 25.70 -16.80 53.06
C ILE E 128 26.49 -16.03 54.12
N ASN E 129 27.81 -16.24 54.12
CA ASN E 129 28.73 -15.42 54.89
C ASN E 129 29.94 -15.15 54.01
N PHE E 130 30.33 -13.88 53.89
CA PHE E 130 31.43 -13.47 53.04
C PHE E 130 32.78 -13.50 53.76
N ARG E 131 32.89 -14.23 54.87
CA ARG E 131 34.20 -14.45 55.47
C ARG E 131 35.16 -15.02 54.43
N ASP E 132 34.74 -16.08 53.74
CA ASP E 132 35.41 -16.50 52.52
C ASP E 132 34.65 -15.86 51.38
N LYS E 133 35.14 -14.72 50.91
CA LYS E 133 34.43 -13.93 49.91
C LYS E 133 34.33 -14.65 48.56
N ARG E 134 35.31 -15.48 48.23
CA ARG E 134 35.26 -16.18 46.94
C ARG E 134 34.21 -17.28 46.94
N SER E 135 34.09 -18.00 48.06
CA SER E 135 33.08 -19.07 48.14
C SER E 135 31.67 -18.51 48.15
N ALA E 136 31.46 -17.36 48.79
CA ALA E 136 30.14 -16.74 48.81
C ALA E 136 29.76 -16.24 47.43
N LEU E 137 30.69 -15.60 46.73
CA LEU E 137 30.42 -15.13 45.37
C LEU E 137 30.08 -16.27 44.43
N GLN E 138 30.71 -17.44 44.63
CA GLN E 138 30.43 -18.57 43.75
C GLN E 138 29.00 -19.07 43.91
N SER E 139 28.48 -19.10 45.14
CA SER E 139 27.12 -19.57 45.35
C SER E 139 26.10 -18.67 44.65
N ILE E 140 26.31 -17.34 44.71
CA ILE E 140 25.40 -16.42 44.04
C ILE E 140 25.52 -16.59 42.53
N ASN E 141 26.75 -16.70 42.02
CA ASN E 141 26.97 -16.82 40.58
C ASN E 141 26.58 -18.20 40.05
N GLU E 142 26.77 -19.26 40.85
CA GLU E 142 26.31 -20.59 40.43
C GLU E 142 24.79 -20.63 40.34
N TRP E 143 24.12 -19.98 41.29
CA TRP E 143 22.66 -19.95 41.27
C TRP E 143 22.15 -19.17 40.07
N ALA E 144 22.80 -18.05 39.75
CA ALA E 144 22.38 -17.26 38.60
C ALA E 144 22.60 -18.03 37.30
N ALA E 145 23.73 -18.73 37.19
CA ALA E 145 23.99 -19.53 36.00
C ALA E 145 22.96 -20.65 35.87
N GLN E 146 22.59 -21.25 37.00
CA GLN E 146 21.56 -22.28 36.97
C GLN E 146 20.21 -21.69 36.59
N THR E 147 19.91 -20.48 37.08
CA THR E 147 18.63 -19.86 36.75
C THR E 147 18.51 -19.55 35.27
N THR E 148 19.62 -19.22 34.61
CA THR E 148 19.62 -18.81 33.21
C THR E 148 20.24 -19.85 32.29
N ASP E 149 20.52 -21.06 32.79
CA ASP E 149 21.09 -22.14 31.99
C ASP E 149 22.41 -21.72 31.32
N GLY E 150 23.29 -21.10 32.13
CA GLY E 150 24.57 -20.66 31.65
C GLY E 150 24.58 -19.38 30.86
N LYS E 151 23.41 -18.84 30.47
CA LYS E 151 23.39 -17.60 29.71
C LYS E 151 23.88 -16.42 30.54
N LEU E 152 23.72 -16.48 31.87
CA LEU E 152 24.21 -15.45 32.78
C LEU E 152 25.07 -16.14 33.83
N PRO E 153 26.33 -16.43 33.51
CA PRO E 153 27.18 -17.19 34.43
C PRO E 153 27.73 -16.39 35.59
N GLU E 154 27.43 -15.09 35.67
CA GLU E 154 28.07 -14.24 36.66
C GLU E 154 27.16 -13.07 37.02
N VAL E 155 27.00 -12.84 38.33
CA VAL E 155 26.29 -11.65 38.81
C VAL E 155 27.32 -10.55 39.02
N THR E 156 28.13 -10.70 40.06
CA THR E 156 29.12 -9.69 40.41
C THR E 156 30.46 -10.36 40.70
N LYS E 157 31.51 -9.56 40.59
CA LYS E 157 32.86 -10.01 40.91
C LYS E 157 33.26 -9.71 42.35
N ASP E 158 32.46 -8.93 43.08
CA ASP E 158 32.79 -8.56 44.45
C ASP E 158 31.52 -8.06 45.12
N VAL E 159 31.46 -8.23 46.45
CA VAL E 159 30.34 -7.73 47.25
C VAL E 159 30.91 -6.85 48.35
N GLU E 160 30.66 -5.55 48.25
CA GLU E 160 31.27 -4.59 49.18
C GLU E 160 30.60 -4.64 50.55
N ARG E 161 29.27 -4.77 50.59
CA ARG E 161 28.52 -4.79 51.85
C ARG E 161 28.19 -6.23 52.23
N THR E 162 28.71 -6.66 53.38
CA THR E 162 28.70 -8.06 53.79
C THR E 162 27.74 -8.38 54.92
N ASP E 163 27.47 -7.42 55.83
CA ASP E 163 26.68 -7.68 57.02
C ASP E 163 25.19 -7.46 56.81
N GLY E 164 24.73 -7.44 55.56
CA GLY E 164 23.33 -7.17 55.31
C GLY E 164 22.68 -8.20 54.41
N ALA E 165 21.51 -7.87 53.87
CA ALA E 165 20.79 -8.76 52.98
C ALA E 165 21.10 -8.41 51.54
N LEU E 166 21.23 -9.44 50.70
CA LEU E 166 21.49 -9.27 49.28
C LEU E 166 20.31 -9.85 48.51
N LEU E 167 19.62 -9.00 47.76
CA LEU E 167 18.56 -9.44 46.85
C LEU E 167 19.15 -9.51 45.44
N VAL E 168 19.12 -10.70 44.86
CA VAL E 168 19.75 -10.96 43.56
C VAL E 168 18.67 -11.37 42.57
N ASN E 169 18.56 -10.62 41.48
CA ASN E 169 17.67 -10.96 40.38
C ASN E 169 18.53 -11.36 39.19
N ALA E 170 18.33 -12.59 38.71
CA ALA E 170 19.05 -13.10 37.55
C ALA E 170 18.07 -13.34 36.41
N MET E 171 18.40 -12.82 35.22
CA MET E 171 17.49 -12.83 34.09
C MET E 171 18.20 -13.17 32.79
N PHE E 172 17.45 -13.85 31.92
CA PHE E 172 17.83 -14.02 30.52
C PHE E 172 16.60 -13.72 29.68
N PHE E 173 16.72 -12.75 28.76
CA PHE E 173 15.62 -12.36 27.90
C PHE E 173 16.10 -12.36 26.45
N LYS E 174 15.34 -13.04 25.59
CA LYS E 174 15.66 -13.15 24.17
C LYS E 174 14.41 -12.84 23.36
N PRO E 175 14.31 -11.66 22.73
CA PRO E 175 13.12 -11.33 21.95
C PRO E 175 12.96 -12.27 20.76
N HIS E 176 11.74 -12.77 20.59
CA HIS E 176 11.37 -13.62 19.46
C HIS E 176 10.50 -12.80 18.51
N TRP E 177 11.07 -12.41 17.37
CA TRP E 177 10.39 -11.47 16.48
C TRP E 177 9.14 -12.10 15.86
N ASP E 178 8.12 -11.26 15.66
CA ASP E 178 6.97 -11.72 14.90
C ASP E 178 7.34 -12.03 13.46
N GLU E 179 8.43 -11.44 12.95
CA GLU E 179 8.96 -11.73 11.63
C GLU E 179 10.47 -11.91 11.75
N LYS E 180 10.93 -13.15 11.57
CA LYS E 180 12.31 -13.51 11.81
C LYS E 180 13.25 -12.83 10.82
N PHE E 181 14.49 -12.63 11.26
CA PHE E 181 15.59 -12.32 10.36
C PHE E 181 16.08 -13.61 9.72
N HIS E 182 16.56 -13.50 8.49
CA HIS E 182 17.18 -14.64 7.83
C HIS E 182 18.52 -14.93 8.49
N HIS E 183 18.73 -16.18 8.90
CA HIS E 183 19.91 -16.51 9.68
C HIS E 183 21.20 -16.31 8.90
N LYS E 184 21.12 -16.15 7.59
CA LYS E 184 22.28 -15.80 6.77
C LYS E 184 22.46 -14.30 6.60
N MET E 185 21.44 -13.50 6.94
CA MET E 185 21.52 -12.04 6.84
C MET E 185 22.26 -11.48 8.06
N VAL E 186 23.48 -11.99 8.24
CA VAL E 186 24.31 -11.70 9.40
C VAL E 186 25.74 -11.51 8.92
N ASP E 187 26.36 -10.39 9.30
CA ASP E 187 27.75 -10.14 8.94
C ASP E 187 28.39 -9.28 10.03
N ASN E 188 29.67 -8.99 9.85
CA ASN E 188 30.45 -8.25 10.83
C ASN E 188 30.61 -6.81 10.38
N ARG E 189 30.28 -5.87 11.26
CA ARG E 189 30.36 -4.46 10.96
C ARG E 189 31.01 -3.74 12.15
N GLY E 190 31.11 -2.43 12.04
CA GLY E 190 31.68 -1.61 13.09
C GLY E 190 30.58 -0.89 13.84
N PHE E 191 30.64 -0.99 15.17
CA PHE E 191 29.73 -0.26 16.04
C PHE E 191 30.48 0.95 16.58
N MET E 192 29.96 2.14 16.28
CA MET E 192 30.61 3.37 16.72
C MET E 192 30.10 3.71 18.12
N VAL E 193 30.90 3.35 19.14
CA VAL E 193 30.58 3.74 20.51
C VAL E 193 30.57 5.26 20.62
N THR E 194 31.59 5.91 20.08
CA THR E 194 31.62 7.35 19.85
C THR E 194 32.09 7.56 18.42
N ARG E 195 32.20 8.82 18.01
CA ARG E 195 32.76 9.11 16.70
C ARG E 195 34.26 8.85 16.65
N SER E 196 34.91 8.61 17.79
CA SER E 196 36.33 8.34 17.85
C SER E 196 36.66 6.91 18.29
N TYR E 197 35.65 6.07 18.49
CA TYR E 197 35.85 4.73 19.05
C TYR E 197 34.88 3.76 18.41
N THR E 198 35.41 2.79 17.67
CA THR E 198 34.60 1.81 16.96
C THR E 198 34.96 0.41 17.41
N VAL E 199 33.93 -0.38 17.73
CA VAL E 199 34.09 -1.77 18.17
C VAL E 199 33.55 -2.69 17.08
N GLY E 200 34.30 -3.75 16.79
CA GLY E 200 33.85 -4.73 15.82
C GLY E 200 32.76 -5.59 16.43
N VAL E 201 31.59 -5.64 15.77
CA VAL E 201 30.45 -6.41 16.24
C VAL E 201 29.86 -7.18 15.07
N THR E 202 28.93 -8.07 15.39
CA THR E 202 28.14 -8.78 14.40
C THR E 202 26.77 -8.13 14.32
N MET E 203 26.26 -7.97 13.10
CA MET E 203 24.96 -7.35 12.90
C MET E 203 24.07 -8.25 12.07
N MET E 204 22.77 -8.19 12.34
CA MET E 204 21.75 -8.91 11.59
C MET E 204 20.85 -7.90 10.88
N HIS E 205 20.38 -8.26 9.69
CA HIS E 205 19.72 -7.32 8.80
C HIS E 205 18.41 -7.89 8.27
N ARG E 206 17.39 -7.03 8.23
CA ARG E 206 16.09 -7.39 7.68
C ARG E 206 15.38 -6.14 7.21
N THR E 207 14.60 -6.27 6.14
CA THR E 207 13.76 -5.21 5.62
C THR E 207 12.31 -5.66 5.67
N GLY E 208 11.45 -4.79 6.19
CA GLY E 208 10.05 -5.14 6.30
C GLY E 208 9.22 -3.91 6.63
N LEU E 209 7.94 -4.15 6.88
CA LEU E 209 7.01 -3.09 7.24
C LEU E 209 7.00 -2.95 8.76
N TYR E 210 7.38 -1.78 9.25
CA TYR E 210 7.40 -1.52 10.69
C TYR E 210 6.81 -0.14 10.94
N ASN E 211 6.16 0.02 12.08
CA ASN E 211 5.77 1.34 12.52
C ASN E 211 7.03 2.16 12.78
N TYR E 212 7.09 3.33 12.17
CA TYR E 212 8.31 4.12 12.12
C TYR E 212 7.95 5.59 12.24
N TYR E 213 8.80 6.36 12.91
CA TYR E 213 8.64 7.80 12.97
C TYR E 213 10.02 8.43 12.88
N ASP E 214 10.13 9.44 12.02
CA ASP E 214 11.37 10.16 11.77
C ASP E 214 11.17 11.61 12.23
N ASP E 215 11.82 11.98 13.33
CA ASP E 215 11.70 13.34 13.87
C ASP E 215 12.86 14.14 13.29
N GLU E 216 12.60 14.81 12.16
CA GLU E 216 13.64 15.58 11.49
C GLU E 216 14.14 16.75 12.33
N LYS E 217 13.27 17.31 13.19
CA LYS E 217 13.70 18.43 14.01
C LYS E 217 14.68 17.98 15.08
N GLU E 218 14.37 16.88 15.75
CA GLU E 218 15.25 16.33 16.78
C GLU E 218 16.28 15.34 16.24
N LYS E 219 16.20 14.99 14.96
CA LYS E 219 17.15 14.10 14.29
C LYS E 219 17.30 12.77 15.03
N LEU E 220 16.17 12.08 15.16
CA LEU E 220 16.14 10.77 15.80
C LEU E 220 15.16 9.87 15.06
N GLN E 221 15.40 8.56 15.15
CA GLN E 221 14.52 7.55 14.58
C GLN E 221 13.97 6.68 15.69
N ILE E 222 12.71 6.26 15.54
CA ILE E 222 12.08 5.35 16.49
C ILE E 222 11.28 4.33 15.71
N VAL E 223 11.45 3.06 16.05
CA VAL E 223 10.84 1.95 15.31
C VAL E 223 10.25 0.95 16.30
N GLU E 224 9.16 0.33 15.90
CA GLU E 224 8.48 -0.69 16.70
C GLU E 224 8.62 -2.04 16.01
N MET E 225 9.30 -2.97 16.67
CA MET E 225 9.45 -4.32 16.14
C MET E 225 8.53 -5.24 16.92
N PRO E 226 7.45 -5.73 16.32
CA PRO E 226 6.55 -6.63 17.05
C PRO E 226 7.24 -7.95 17.38
N LEU E 227 6.99 -8.43 18.60
CA LEU E 227 7.50 -9.73 19.01
C LEU E 227 6.48 -10.81 18.64
N ALA E 228 6.83 -12.07 18.91
CA ALA E 228 6.08 -13.21 18.43
C ALA E 228 4.61 -13.11 18.80
N HIS E 229 3.74 -13.28 17.79
CA HIS E 229 2.29 -13.29 17.93
C HIS E 229 1.74 -11.95 18.41
N LYS E 230 2.54 -10.89 18.30
CA LYS E 230 2.13 -9.51 18.54
C LYS E 230 1.62 -9.26 19.96
N LEU E 231 2.04 -10.06 20.94
CA LEU E 231 1.68 -9.77 22.33
C LEU E 231 2.55 -8.68 22.96
N SER E 232 3.72 -8.41 22.38
CA SER E 232 4.58 -7.35 22.89
C SER E 232 5.37 -6.77 21.73
N SER E 233 6.01 -5.64 21.99
CA SER E 233 6.79 -4.96 20.97
C SER E 233 8.10 -4.49 21.57
N LEU E 234 9.14 -4.43 20.73
CA LEU E 234 10.42 -3.88 21.11
C LEU E 234 10.59 -2.56 20.35
N ILE E 235 10.72 -1.47 21.10
CA ILE E 235 10.81 -0.12 20.55
C ILE E 235 12.22 0.38 20.73
N ILE E 236 12.79 0.96 19.68
CA ILE E 236 14.17 1.44 19.68
C ILE E 236 14.18 2.93 19.36
N LEU E 237 14.87 3.71 20.20
CA LEU E 237 15.06 5.13 19.99
C LEU E 237 16.52 5.38 19.69
N MET E 238 16.79 6.08 18.60
CA MET E 238 18.16 6.24 18.18
C MET E 238 18.36 7.57 17.47
N PRO E 239 19.42 8.29 17.79
CA PRO E 239 19.76 9.48 17.01
C PRO E 239 20.13 9.08 15.58
N ASN E 240 19.96 10.03 14.66
CA ASN E 240 20.28 9.75 13.26
C ASN E 240 21.75 9.39 13.08
N ASN E 241 22.64 10.16 13.69
CA ASN E 241 24.06 9.85 13.65
C ASN E 241 24.55 9.58 15.06
N VAL E 242 25.80 9.11 15.14
CA VAL E 242 26.41 8.77 16.42
C VAL E 242 26.58 10.02 17.28
N GLU E 243 26.02 9.99 18.47
CA GLU E 243 26.13 11.09 19.43
C GLU E 243 25.79 10.54 20.80
N PRO E 244 26.24 11.21 21.87
CA PRO E 244 25.87 10.76 23.21
C PRO E 244 24.37 10.79 23.42
N LEU E 245 23.86 9.83 24.18
CA LEU E 245 22.43 9.67 24.39
C LEU E 245 21.85 10.67 25.38
N GLU E 246 22.67 11.54 25.96
CA GLU E 246 22.19 12.41 27.03
C GLU E 246 21.05 13.31 26.56
N ARG E 247 21.17 13.88 25.36
CA ARG E 247 20.11 14.74 24.84
C ARG E 247 18.82 13.96 24.62
N LEU E 248 18.93 12.79 23.99
CA LEU E 248 17.74 11.99 23.73
C LEU E 248 17.10 11.50 25.03
N GLU E 249 17.93 11.17 26.02
CA GLU E 249 17.38 10.73 27.30
C GLU E 249 16.61 11.85 27.99
N LYS E 250 16.99 13.11 27.74
CA LYS E 250 16.24 14.23 28.29
C LYS E 250 14.83 14.30 27.73
N LEU E 251 14.65 13.89 26.48
CA LEU E 251 13.31 13.86 25.88
C LEU E 251 12.53 12.60 26.24
N LEU E 252 13.19 11.57 26.77
CA LEU E 252 12.58 10.27 27.02
C LEU E 252 11.72 10.35 28.28
N THR E 253 10.43 10.60 28.10
CA THR E 253 9.45 10.56 29.17
C THR E 253 8.34 9.60 28.80
N LYS E 254 7.49 9.30 29.79
CA LYS E 254 6.35 8.41 29.54
C LYS E 254 5.34 9.04 28.59
N GLU E 255 5.16 10.36 28.68
CA GLU E 255 4.20 11.03 27.82
C GLU E 255 4.79 11.27 26.43
N GLN E 256 6.07 11.58 26.35
CA GLN E 256 6.71 11.79 25.05
C GLN E 256 6.72 10.50 24.25
N LEU E 257 6.90 9.36 24.92
CA LEU E 257 6.83 8.08 24.22
C LEU E 257 5.45 7.86 23.62
N LYS E 258 4.41 8.28 24.33
CA LYS E 258 3.05 8.18 23.79
C LYS E 258 2.88 9.07 22.57
N ILE E 259 3.54 10.24 22.57
CA ILE E 259 3.46 11.13 21.41
C ILE E 259 4.17 10.53 20.21
N TRP E 260 5.37 9.97 20.43
CA TRP E 260 6.12 9.38 19.33
C TRP E 260 5.40 8.16 18.75
N MET E 261 4.90 7.28 19.62
CA MET E 261 4.16 6.12 19.15
C MET E 261 2.88 6.52 18.43
N GLY E 262 2.29 7.65 18.82
CA GLY E 262 1.10 8.14 18.15
C GLY E 262 1.36 8.74 16.79
N LYS E 263 2.62 9.09 16.50
CA LYS E 263 3.01 9.66 15.22
C LYS E 263 3.55 8.62 14.24
N MET E 264 3.62 7.36 14.65
CA MET E 264 4.21 6.30 13.83
C MET E 264 3.28 5.86 12.71
N GLN E 265 3.88 5.50 11.57
CA GLN E 265 3.18 4.91 10.45
C GLN E 265 3.97 3.72 9.93
N LYS E 266 3.28 2.69 9.49
CA LYS E 266 3.93 1.50 8.94
C LYS E 266 4.59 1.86 7.62
N LYS E 267 5.93 1.85 7.59
CA LYS E 267 6.70 2.12 6.41
C LYS E 267 7.69 0.97 6.20
N ALA E 268 8.20 0.87 4.97
CA ALA E 268 9.28 -0.07 4.70
C ALA E 268 10.54 0.41 5.38
N VAL E 269 11.12 -0.43 6.24
CA VAL E 269 12.29 -0.09 7.03
C VAL E 269 13.29 -1.23 6.92
N ALA E 270 14.55 -0.90 6.66
CA ALA E 270 15.67 -1.84 6.67
C ALA E 270 16.35 -1.72 8.02
N ILE E 271 16.10 -2.69 8.90
CA ILE E 271 16.60 -2.66 10.27
C ILE E 271 17.88 -3.48 10.34
N SER E 272 18.95 -2.87 10.86
CA SER E 272 20.21 -3.54 11.13
C SER E 272 20.52 -3.40 12.61
N LEU E 273 20.60 -4.53 13.30
CA LEU E 273 20.82 -4.55 14.74
C LEU E 273 22.08 -5.35 15.08
N PRO E 274 22.78 -4.99 16.15
CA PRO E 274 23.84 -5.86 16.67
C PRO E 274 23.27 -7.20 17.07
N LYS E 275 24.03 -8.26 16.83
CA LYS E 275 23.63 -9.62 17.17
C LYS E 275 24.55 -10.14 18.26
N GLY E 276 23.96 -10.67 19.31
CA GLY E 276 24.75 -11.20 20.41
C GLY E 276 24.09 -11.00 21.75
N VAL E 277 24.77 -11.43 22.81
CA VAL E 277 24.26 -11.34 24.17
C VAL E 277 24.88 -10.14 24.86
N VAL E 278 24.02 -9.26 25.40
CA VAL E 278 24.45 -8.15 26.23
C VAL E 278 24.24 -8.53 27.69
N GLU E 279 25.32 -8.49 28.47
CA GLU E 279 25.28 -8.83 29.89
C GLU E 279 25.51 -7.58 30.73
N VAL E 280 24.52 -7.22 31.55
CA VAL E 280 24.59 -6.05 32.41
C VAL E 280 24.18 -6.44 33.82
N THR E 281 24.98 -6.03 34.81
CA THR E 281 24.67 -6.24 36.22
C THR E 281 24.66 -4.90 36.94
N HIS E 282 23.50 -4.54 37.48
CA HIS E 282 23.33 -3.31 38.26
C HIS E 282 23.15 -3.65 39.73
N ASP E 283 23.72 -2.80 40.59
CA ASP E 283 23.40 -2.80 42.02
C ASP E 283 22.46 -1.62 42.25
N LEU E 284 21.15 -1.91 42.30
CA LEU E 284 20.16 -0.85 42.39
C LEU E 284 20.10 -0.19 43.77
N GLN E 285 20.94 -0.64 44.73
CA GLN E 285 20.83 -0.13 46.10
C GLN E 285 21.02 1.38 46.14
N LYS E 286 22.10 1.87 45.56
CA LYS E 286 22.38 3.30 45.56
C LYS E 286 21.29 4.08 44.82
N HIS E 287 20.82 3.54 43.70
CA HIS E 287 19.86 4.27 42.87
C HIS E 287 18.45 4.22 43.44
N LEU E 288 18.07 3.12 44.09
CA LEU E 288 16.77 3.06 44.74
C LEU E 288 16.69 4.00 45.94
N ALA E 289 17.82 4.23 46.63
CA ALA E 289 17.82 5.19 47.72
C ALA E 289 17.57 6.60 47.21
N GLY E 290 18.16 6.96 46.07
CA GLY E 290 17.92 8.26 45.48
C GLY E 290 16.48 8.49 45.09
N LEU E 291 15.70 7.42 44.91
CA LEU E 291 14.29 7.54 44.56
C LEU E 291 13.38 7.58 45.79
N GLY E 292 13.90 7.28 46.98
CA GLY E 292 13.10 7.38 48.18
C GLY E 292 13.28 6.22 49.14
N LEU E 293 13.94 5.16 48.70
CA LEU E 293 14.16 3.97 49.55
C LEU E 293 15.45 4.15 50.35
N THR E 294 15.39 5.10 51.29
CA THR E 294 16.58 5.52 52.02
C THR E 294 16.82 4.68 53.28
N GLU E 295 15.78 4.40 54.06
CA GLU E 295 15.98 3.74 55.34
C GLU E 295 16.25 2.25 55.19
N ALA E 296 15.69 1.61 54.16
CA ALA E 296 15.86 0.17 54.00
C ALA E 296 17.33 -0.20 53.80
N ILE E 297 18.12 0.69 53.22
CA ILE E 297 19.53 0.41 52.94
C ILE E 297 20.46 0.92 54.04
N ASP E 298 19.92 1.48 55.11
CA ASP E 298 20.71 2.05 56.19
C ASP E 298 20.81 1.06 57.34
N LYS E 299 22.04 0.74 57.75
CA LYS E 299 22.23 -0.20 58.85
C LYS E 299 21.62 0.31 60.15
N ASN E 300 21.57 1.64 60.34
CA ASN E 300 21.17 2.19 61.61
C ASN E 300 19.67 2.49 61.72
N LYS E 301 18.93 2.45 60.61
CA LYS E 301 17.51 2.77 60.69
C LYS E 301 16.65 1.88 59.81
N ALA E 302 17.16 0.75 59.35
CA ALA E 302 16.35 -0.17 58.57
C ALA E 302 15.50 -1.02 59.51
N ASP E 303 14.22 -1.18 59.15
CA ASP E 303 13.29 -2.01 59.89
C ASP E 303 12.83 -3.13 58.97
N LEU E 304 13.66 -4.16 58.84
CA LEU E 304 13.33 -5.37 58.10
C LEU E 304 13.07 -6.53 59.06
N SER E 305 12.42 -6.23 60.18
CA SER E 305 12.21 -7.22 61.23
C SER E 305 11.23 -8.31 60.82
N ARG E 306 10.33 -8.02 59.88
CA ARG E 306 9.39 -9.01 59.38
C ARG E 306 10.06 -10.09 58.53
N MET E 307 11.32 -9.88 58.13
CA MET E 307 12.04 -10.89 57.37
C MET E 307 12.70 -11.93 58.26
N SER E 308 13.22 -11.53 59.40
CA SER E 308 14.08 -12.42 60.17
C SER E 308 13.84 -12.48 61.68
N GLY E 309 12.99 -11.63 62.25
CA GLY E 309 12.76 -11.64 63.67
C GLY E 309 13.65 -10.71 64.47
N LYS E 310 14.79 -10.29 63.92
CA LYS E 310 15.69 -9.38 64.62
C LYS E 310 15.97 -8.17 63.74
N LYS E 311 16.33 -7.07 64.38
CA LYS E 311 16.76 -5.86 63.65
C LYS E 311 18.26 -5.87 63.39
N ASP E 312 18.79 -7.00 62.95
CA ASP E 312 20.20 -7.14 62.59
C ASP E 312 20.42 -7.07 61.08
N LEU E 313 19.38 -6.78 60.32
CA LEU E 313 19.42 -6.88 58.88
C LEU E 313 19.08 -5.54 58.22
N TYR E 314 19.81 -5.24 57.15
CA TYR E 314 19.54 -4.10 56.30
C TYR E 314 19.77 -4.53 54.86
N LEU E 315 19.16 -3.79 53.94
CA LEU E 315 19.25 -4.10 52.51
C LEU E 315 20.63 -3.64 52.03
N ALA E 316 21.55 -4.58 51.85
CA ALA E 316 22.91 -4.22 51.47
C ALA E 316 23.02 -3.95 49.97
N SER E 317 22.50 -4.84 49.14
CA SER E 317 22.58 -4.67 47.69
C SER E 317 21.34 -5.25 47.04
N VAL E 318 20.98 -4.68 45.89
CA VAL E 318 19.89 -5.18 45.05
C VAL E 318 20.50 -5.44 43.67
N PHE E 319 20.98 -6.66 43.45
CA PHE E 319 21.63 -7.01 42.20
C PHE E 319 20.57 -7.28 41.14
N HIS E 320 20.65 -6.56 40.03
CA HIS E 320 19.77 -6.73 38.88
C HIS E 320 20.65 -7.11 37.69
N ALA E 321 20.77 -8.41 37.43
CA ALA E 321 21.68 -8.94 36.42
C ALA E 321 20.87 -9.53 35.27
N THR E 322 21.20 -9.13 34.04
CA THR E 322 20.44 -9.52 32.85
C THR E 322 21.38 -9.93 31.74
N ALA E 323 21.07 -11.05 31.09
CA ALA E 323 21.66 -11.42 29.82
C ALA E 323 20.58 -11.23 28.76
N PHE E 324 20.81 -10.28 27.86
CA PHE E 324 19.84 -9.89 26.83
C PHE E 324 20.43 -10.28 25.48
N GLU E 325 19.84 -11.28 24.83
CA GLU E 325 20.37 -11.78 23.57
C GLU E 325 19.60 -11.20 22.39
N TRP E 326 20.32 -10.56 21.47
CA TRP E 326 19.77 -10.14 20.19
C TRP E 326 20.06 -11.23 19.18
N ASP E 327 19.02 -11.83 18.62
CA ASP E 327 19.16 -12.96 17.71
C ASP E 327 18.19 -12.78 16.55
N THR E 328 18.37 -13.62 15.53
CA THR E 328 17.56 -13.54 14.31
C THR E 328 16.25 -14.30 14.40
N GLU E 329 16.11 -15.19 15.38
CA GLU E 329 15.01 -16.15 15.35
C GLU E 329 13.66 -15.47 15.64
N GLY E 330 12.62 -16.03 15.02
CA GLY E 330 11.29 -15.51 15.16
C GLY E 330 10.32 -16.36 14.36
N ASN E 331 9.09 -15.88 14.26
CA ASN E 331 8.09 -16.59 13.48
C ASN E 331 8.41 -16.46 11.99
N PRO E 332 8.11 -17.49 11.20
CA PRO E 332 8.26 -17.37 9.74
C PRO E 332 7.19 -16.48 9.16
N PHE E 333 7.53 -15.80 8.07
CA PHE E 333 6.61 -14.88 7.43
C PHE E 333 6.40 -15.24 5.96
N LEU E 343 5.39 -2.31 -1.58
CA LEU E 343 6.68 -2.16 -0.92
C LEU E 343 7.47 -1.01 -1.52
N ARG E 344 7.54 0.11 -0.79
CA ARG E 344 8.25 1.28 -1.27
C ARG E 344 9.74 1.17 -0.97
N SER E 345 10.43 2.30 -0.87
CA SER E 345 11.88 2.31 -0.75
C SER E 345 12.25 2.44 0.73
N PRO E 346 12.85 1.42 1.33
CA PRO E 346 12.92 1.36 2.80
C PRO E 346 13.83 2.43 3.40
N LYS E 347 13.35 3.02 4.49
CA LYS E 347 14.18 3.83 5.36
C LYS E 347 15.23 2.95 6.04
N LEU E 348 16.41 3.53 6.27
CA LEU E 348 17.49 2.81 6.94
C LEU E 348 17.45 3.08 8.44
N PHE E 349 17.27 2.03 9.23
CA PHE E 349 17.41 2.07 10.68
C PHE E 349 18.67 1.29 11.01
N TYR E 350 19.81 1.97 10.92
CA TYR E 350 21.13 1.35 10.99
C TYR E 350 21.68 1.59 12.39
N ALA E 351 21.55 0.59 13.26
CA ALA E 351 21.88 0.74 14.68
C ALA E 351 23.32 0.31 14.94
N ASP E 352 24.25 1.14 14.46
CA ASP E 352 25.68 0.95 14.69
C ASP E 352 26.23 1.98 15.67
N HIS E 353 25.37 2.60 16.47
CA HIS E 353 25.75 3.58 17.47
C HIS E 353 24.76 3.50 18.61
N PRO E 354 25.10 4.03 19.79
CA PRO E 354 24.26 3.83 20.98
C PRO E 354 22.80 4.17 20.74
N PHE E 355 21.91 3.37 21.34
CA PHE E 355 20.48 3.57 21.19
C PHE E 355 19.78 3.17 22.48
N ILE E 356 18.50 3.52 22.56
CA ILE E 356 17.64 3.18 23.68
C ILE E 356 16.57 2.22 23.18
N PHE E 357 16.24 1.21 24.00
CA PHE E 357 15.23 0.24 23.61
C PHE E 357 14.31 -0.06 24.78
N LEU E 358 13.05 -0.37 24.45
CA LEU E 358 12.03 -0.74 25.41
C LEU E 358 11.28 -1.95 24.89
N VAL E 359 10.96 -2.87 25.79
CA VAL E 359 10.06 -3.99 25.49
C VAL E 359 8.77 -3.74 26.27
N ARG E 360 7.65 -3.67 25.56
CA ARG E 360 6.40 -3.26 26.17
C ARG E 360 5.33 -4.30 25.87
N ASP E 361 4.66 -4.77 26.92
CA ASP E 361 3.54 -5.69 26.77
C ASP E 361 2.34 -4.90 26.25
N THR E 362 1.98 -5.12 24.99
CA THR E 362 0.96 -4.29 24.33
C THR E 362 -0.40 -4.39 24.98
N GLN E 363 -0.67 -5.48 25.68
CA GLN E 363 -1.99 -5.68 26.30
C GLN E 363 -2.14 -4.86 27.57
N SER E 364 -1.39 -5.24 28.61
CA SER E 364 -1.47 -4.57 29.90
C SER E 364 -0.74 -3.24 29.91
N GLY E 365 0.00 -2.91 28.86
CA GLY E 365 0.82 -1.72 28.84
C GLY E 365 2.05 -1.78 29.72
N SER E 366 2.31 -2.90 30.38
CA SER E 366 3.44 -3.00 31.27
C SER E 366 4.74 -2.95 30.48
N LEU E 367 5.73 -2.25 31.04
CA LEU E 367 7.05 -2.15 30.44
C LEU E 367 7.87 -3.34 30.93
N LEU E 368 8.24 -4.24 30.01
CA LEU E 368 9.02 -5.42 30.41
C LEU E 368 10.51 -5.10 30.53
N PHE E 369 11.01 -4.20 29.71
CA PHE E 369 12.41 -3.83 29.75
C PHE E 369 12.54 -2.39 29.28
N ILE E 370 13.55 -1.71 29.82
CA ILE E 370 14.00 -0.42 29.32
C ILE E 370 15.51 -0.39 29.50
N GLY E 371 16.22 0.12 28.50
CA GLY E 371 17.66 0.12 28.57
C GLY E 371 18.27 0.85 27.41
N ARG E 372 19.59 0.75 27.34
CA ARG E 372 20.36 1.39 26.28
C ARG E 372 21.60 0.54 26.03
N LEU E 373 22.00 0.46 24.76
CA LEU E 373 23.22 -0.24 24.38
C LEU E 373 24.24 0.81 23.98
N VAL E 374 25.28 0.96 24.79
CA VAL E 374 26.35 1.92 24.54
C VAL E 374 27.62 1.21 24.11
N ARG E 375 27.91 0.05 24.69
CA ARG E 375 29.14 -0.69 24.41
C ARG E 375 28.81 -2.15 24.21
N PRO E 376 28.84 -2.65 22.98
CA PRO E 376 28.71 -4.09 22.75
C PRO E 376 30.03 -4.78 23.09
N LYS E 377 30.00 -6.12 23.08
CA LYS E 377 31.20 -6.89 23.33
C LYS E 377 32.05 -6.96 22.07
N GLY E 378 33.35 -6.74 22.23
CA GLY E 378 34.27 -6.76 21.11
C GLY E 378 35.52 -5.96 21.41
N ASP E 379 36.36 -5.85 20.39
CA ASP E 379 37.62 -5.14 20.48
C ASP E 379 37.59 -3.92 19.56
N LYS E 380 38.52 -2.99 19.81
CA LYS E 380 38.60 -1.74 19.06
C LYS E 380 38.83 -1.98 17.57
C ACE F 1 -23.99 -24.95 -11.06
O ACE F 1 -23.14 -25.33 -10.26
CH3 ACE F 1 -25.34 -25.60 -11.13
N PRO F 2 -23.78 -23.96 -11.91
CA PRO F 2 -22.50 -23.24 -11.95
C PRO F 2 -22.28 -22.38 -10.71
N PRO F 3 -21.03 -22.07 -10.39
CA PRO F 3 -20.75 -21.18 -9.27
C PRO F 3 -21.34 -19.79 -9.51
N GLY F 4 -21.67 -19.12 -8.41
CA GLY F 4 -22.23 -17.80 -8.49
C GLY F 4 -21.21 -16.78 -8.95
N PRO F 5 -21.62 -15.52 -8.99
CA PRO F 5 -20.72 -14.46 -9.41
C PRO F 5 -19.65 -14.22 -8.36
N PRO F 6 -18.55 -13.58 -8.71
CA PRO F 6 -17.59 -13.15 -7.68
C PRO F 6 -18.22 -12.11 -6.77
N GLY F 7 -17.67 -12.01 -5.57
CA GLY F 7 -18.14 -11.02 -4.61
C GLY F 7 -17.75 -9.62 -5.04
N PRO F 8 -18.27 -8.63 -4.33
CA PRO F 8 -17.91 -7.24 -4.64
C PRO F 8 -16.47 -6.95 -4.25
N ARG F 9 -15.97 -5.83 -4.79
CA ARG F 9 -14.64 -5.38 -4.43
C ARG F 9 -14.59 -5.07 -2.93
N GLY F 10 -13.43 -5.31 -2.32
CA GLY F 10 -13.24 -5.06 -0.92
C GLY F 10 -13.34 -3.60 -0.56
N PRO F 11 -13.36 -3.30 0.74
CA PRO F 11 -13.42 -1.90 1.18
C PRO F 11 -12.08 -1.21 0.97
N PRO F 12 -12.06 0.12 1.00
CA PRO F 12 -10.79 0.84 0.84
C PRO F 12 -9.89 0.64 2.04
N GLY F 13 -8.60 0.88 1.81
CA GLY F 13 -7.62 0.80 2.87
C GLY F 13 -7.75 1.98 3.81
N PRO F 14 -7.03 1.94 4.93
CA PRO F 14 -7.05 3.07 5.86
C PRO F 14 -6.31 4.26 5.29
N PRO F 15 -6.56 5.47 5.80
CA PRO F 15 -5.86 6.67 5.31
C PRO F 15 -4.39 6.68 5.70
C ACE G 1 -23.95 -23.23 -5.67
O ACE G 1 -24.40 -22.56 -4.73
CH3 ACE G 1 -24.83 -23.75 -6.76
N PRO G 2 -22.66 -23.53 -5.78
CA PRO G 2 -21.69 -23.07 -4.78
C PRO G 2 -21.48 -21.56 -4.83
N PRO G 3 -21.02 -20.97 -3.73
CA PRO G 3 -20.73 -19.54 -3.74
C PRO G 3 -19.62 -19.22 -4.73
N GLY G 4 -19.67 -18.01 -5.28
CA GLY G 4 -18.68 -17.59 -6.23
C GLY G 4 -17.34 -17.31 -5.55
N PRO G 5 -16.37 -16.87 -6.34
CA PRO G 5 -15.05 -16.54 -5.80
C PRO G 5 -15.12 -15.26 -4.99
N PRO G 6 -14.12 -14.99 -4.15
CA PRO G 6 -14.07 -13.67 -3.51
C PRO G 6 -13.80 -12.57 -4.53
N GLY G 7 -14.25 -11.38 -4.19
CA GLY G 7 -14.04 -10.21 -5.02
C GLY G 7 -12.59 -9.76 -5.02
N PRO G 8 -12.27 -8.78 -5.87
CA PRO G 8 -10.91 -8.25 -5.88
C PRO G 8 -10.63 -7.43 -4.62
N ARG G 9 -9.35 -7.20 -4.36
CA ARG G 9 -8.95 -6.37 -3.23
C ARG G 9 -9.43 -4.94 -3.43
N GLY G 10 -9.80 -4.29 -2.33
CA GLY G 10 -10.25 -2.92 -2.38
C GLY G 10 -9.15 -1.97 -2.80
N PRO G 11 -9.51 -0.73 -3.07
CA PRO G 11 -8.50 0.27 -3.45
C PRO G 11 -7.71 0.74 -2.25
N PRO G 12 -6.56 1.37 -2.46
CA PRO G 12 -5.80 1.93 -1.34
C PRO G 12 -6.54 3.10 -0.70
N GLY G 13 -6.12 3.42 0.52
CA GLY G 13 -6.67 4.55 1.23
C GLY G 13 -6.15 5.86 0.67
N PRO G 14 -6.71 6.97 1.14
CA PRO G 14 -6.26 8.28 0.67
C PRO G 14 -4.88 8.62 1.24
N PRO G 15 -4.15 9.55 0.61
CA PRO G 15 -2.84 9.99 1.09
C PRO G 15 -2.90 10.64 2.46
C ACE H 1 -25.04 -18.53 -6.25
O ACE H 1 -25.09 -17.62 -7.09
CH3 ACE H 1 -25.16 -19.98 -6.65
N PRO H 2 -24.91 -18.30 -4.95
CA PRO H 2 -24.79 -16.94 -4.41
C PRO H 2 -23.46 -16.28 -4.77
N PRO H 3 -23.41 -14.95 -4.74
CA PRO H 3 -22.13 -14.28 -4.98
C PRO H 3 -21.14 -14.62 -3.88
N GLY H 4 -19.86 -14.61 -4.23
CA GLY H 4 -18.82 -14.90 -3.29
C GLY H 4 -18.66 -13.79 -2.27
N PRO H 5 -17.69 -13.94 -1.39
CA PRO H 5 -17.45 -12.92 -0.37
C PRO H 5 -16.83 -11.68 -1.00
N PRO H 6 -16.90 -10.53 -0.33
CA PRO H 6 -16.15 -9.37 -0.80
C PRO H 6 -14.66 -9.63 -0.69
N GLY H 7 -13.90 -8.91 -1.52
CA GLY H 7 -12.46 -9.03 -1.48
C GLY H 7 -11.92 -8.45 -0.20
N PRO H 8 -10.63 -8.64 0.06
CA PRO H 8 -10.03 -8.06 1.27
C PRO H 8 -9.91 -6.55 1.16
N ARG H 9 -9.72 -5.93 2.32
CA ARG H 9 -9.54 -4.49 2.37
C ARG H 9 -8.28 -4.08 1.61
N GLY H 10 -8.33 -2.90 1.00
CA GLY H 10 -7.20 -2.37 0.27
C GLY H 10 -6.05 -2.02 1.18
N PRO H 11 -4.89 -1.71 0.59
CA PRO H 11 -3.74 -1.31 1.38
C PRO H 11 -3.90 0.11 1.89
N PRO H 12 -3.11 0.52 2.88
CA PRO H 12 -3.17 1.91 3.33
C PRO H 12 -2.65 2.86 2.26
N GLY H 13 -3.03 4.12 2.39
CA GLY H 13 -2.59 5.14 1.47
C GLY H 13 -1.13 5.50 1.68
N PRO H 14 -0.56 6.30 0.78
CA PRO H 14 0.83 6.71 0.93
C PRO H 14 0.98 7.69 2.07
N PRO H 15 2.14 7.72 2.74
CA PRO H 15 2.38 8.62 3.88
C PRO H 15 2.42 10.10 3.47
C ACE I 1 18.51 -19.46 -7.11
O ACE I 1 19.40 -19.57 -6.27
CH3 ACE I 1 17.35 -20.41 -7.15
N PRO I 2 18.50 -18.48 -8.02
CA PRO I 2 19.57 -17.48 -8.07
C PRO I 2 19.55 -16.54 -6.88
N PRO I 3 20.69 -15.94 -6.56
CA PRO I 3 20.73 -14.98 -5.44
C PRO I 3 19.82 -13.79 -5.69
N GLY I 4 19.34 -13.21 -4.58
CA GLY I 4 18.50 -12.06 -4.65
C GLY I 4 19.27 -10.83 -5.08
N PRO I 5 18.59 -9.68 -5.07
CA PRO I 5 19.24 -8.44 -5.48
C PRO I 5 20.22 -8.00 -4.41
N PRO I 6 21.16 -7.12 -4.75
CA PRO I 6 22.01 -6.54 -3.72
C PRO I 6 21.20 -5.70 -2.75
N GLY I 7 21.72 -5.53 -1.54
CA GLY I 7 21.07 -4.70 -0.56
C GLY I 7 21.16 -3.24 -0.93
N PRO I 8 20.47 -2.38 -0.20
CA PRO I 8 20.53 -0.94 -0.48
C PRO I 8 21.89 -0.37 -0.10
N ARG I 9 22.15 0.83 -0.60
CA ARG I 9 23.38 1.52 -0.23
C ARG I 9 23.35 1.80 1.27
N GLY I 10 24.53 1.80 1.89
CA GLY I 10 24.65 2.05 3.31
C GLY I 10 24.25 3.47 3.68
N PRO I 11 24.17 3.75 4.98
CA PRO I 11 23.80 5.09 5.43
C PRO I 11 24.96 6.05 5.25
N PRO I 12 24.71 7.36 5.31
CA PRO I 12 25.81 8.32 5.17
C PRO I 12 26.77 8.25 6.34
N GLY I 13 27.98 8.74 6.10
CA GLY I 13 28.98 8.82 7.13
C GLY I 13 28.70 9.92 8.11
N PRO I 14 29.49 10.00 9.18
CA PRO I 14 29.31 11.07 10.17
C PRO I 14 29.81 12.39 9.61
N PRO I 15 29.33 13.53 10.13
CA PRO I 15 29.84 14.83 9.69
C PRO I 15 31.28 15.07 10.16
C ACE J 1 15.60 -12.97 -2.73
O ACE J 1 15.43 -12.02 -3.50
CH3 ACE J 1 15.77 -14.38 -3.22
N PRO J 2 15.65 -12.81 -1.41
CA PRO J 2 15.50 -11.49 -0.78
C PRO J 2 16.71 -10.60 -1.04
N PRO J 3 16.52 -9.28 -0.95
CA PRO J 3 17.66 -8.38 -1.10
C PRO J 3 18.67 -8.59 0.01
N GLY J 4 19.95 -8.33 -0.32
CA GLY J 4 21.00 -8.48 0.64
C GLY J 4 20.95 -7.41 1.71
N PRO J 5 21.92 -7.43 2.61
CA PRO J 5 21.96 -6.42 3.68
C PRO J 5 22.34 -5.07 3.12
N PRO J 6 22.06 -4.00 3.85
CA PRO J 6 22.56 -2.68 3.44
C PRO J 6 24.08 -2.67 3.50
N GLY J 7 24.67 -1.77 2.71
CA GLY J 7 26.10 -1.61 2.74
C GLY J 7 26.56 -0.97 4.03
N PRO J 8 27.86 -0.94 4.27
CA PRO J 8 28.37 -0.29 5.47
C PRO J 8 28.21 1.23 5.40
N ARG J 9 28.32 1.86 6.56
CA ARG J 9 28.22 3.30 6.65
C ARG J 9 29.33 3.99 5.86
N GLY J 10 28.99 5.14 5.27
CA GLY J 10 29.91 5.92 4.49
C GLY J 10 31.03 6.55 5.31
N PRO J 11 32.01 7.12 4.61
CA PRO J 11 33.11 7.81 5.29
C PRO J 11 32.66 9.15 5.83
N PRO J 12 33.46 9.77 6.71
CA PRO J 12 33.11 11.10 7.22
C PRO J 12 33.17 12.16 6.13
N GLY J 13 32.49 13.27 6.38
CA GLY J 13 32.47 14.39 5.46
C GLY J 13 33.76 15.18 5.47
N PRO J 14 33.88 16.13 4.52
CA PRO J 14 35.04 17.02 4.39
C PRO J 14 35.11 18.08 5.48
#